data_2KGB
#
_entry.id   2KGB
#
loop_
_entity.id
_entity.type
_entity.pdbx_description
1 polymer 'Troponin C, slow skeletal and cardiac muscles'
2 polymer 'Troponin I, cardiac muscle'
3 non-polymer 'CALCIUM ION'
#
loop_
_entity_poly.entity_id
_entity_poly.type
_entity_poly.pdbx_seq_one_letter_code
_entity_poly.pdbx_strand_id
1 'polypeptide(L)'
;MDDIYKAAVEQLTEEQKNEFKAAFDIFVLGAEDGCISTKELGKVMRMLGQNPTPEELQEMIDEVDEDGSGTVDFDEWLVM
MVRCMKDDS
;
C
2 'polypeptide(L)' RRVRISADAMMQALLGARAK I
#
# COMPACT_ATOMS: atom_id res chain seq x y z
N MET A 1 -4.25 -8.87 -18.01
CA MET A 1 -4.31 -10.26 -17.60
C MET A 1 -3.62 -10.47 -16.25
N ASP A 2 -3.98 -9.64 -15.28
CA ASP A 2 -3.40 -9.72 -13.95
C ASP A 2 -4.34 -10.48 -13.00
N ASP A 3 -4.55 -11.76 -13.30
CA ASP A 3 -5.41 -12.60 -12.48
C ASP A 3 -4.99 -12.55 -11.01
N ILE A 4 -3.67 -12.55 -10.79
CA ILE A 4 -3.13 -12.51 -9.43
C ILE A 4 -3.70 -11.32 -8.65
N TYR A 5 -3.96 -10.23 -9.35
CA TYR A 5 -4.52 -9.04 -8.72
C TYR A 5 -6.03 -9.13 -8.61
N LYS A 6 -6.65 -9.82 -9.56
CA LYS A 6 -8.10 -9.98 -9.57
C LYS A 6 -8.55 -10.90 -8.44
N ALA A 7 -7.81 -12.00 -8.25
CA ALA A 7 -8.13 -12.96 -7.20
C ALA A 7 -7.70 -12.44 -5.84
N ALA A 8 -6.56 -11.77 -5.79
CA ALA A 8 -6.03 -11.23 -4.54
C ALA A 8 -7.02 -10.27 -3.90
N VAL A 9 -7.73 -9.51 -4.74
CA VAL A 9 -8.72 -8.56 -4.25
C VAL A 9 -9.98 -9.26 -3.77
N GLU A 10 -10.31 -10.38 -4.42
CA GLU A 10 -11.50 -11.15 -4.05
C GLU A 10 -11.26 -11.93 -2.77
N GLN A 11 -10.07 -12.54 -2.66
CA GLN A 11 -9.73 -13.32 -1.47
C GLN A 11 -9.77 -12.46 -0.23
N LEU A 12 -9.71 -11.14 -0.41
CA LEU A 12 -9.75 -10.20 0.72
C LEU A 12 -10.98 -10.45 1.59
N THR A 13 -11.07 -9.70 2.69
CA THR A 13 -12.18 -9.83 3.60
C THR A 13 -12.82 -8.48 3.91
N GLU A 14 -14.04 -8.50 4.42
CA GLU A 14 -14.76 -7.27 4.75
C GLU A 14 -13.90 -6.37 5.64
N GLU A 15 -13.03 -6.98 6.43
CA GLU A 15 -12.15 -6.23 7.32
C GLU A 15 -11.02 -5.57 6.55
N GLN A 16 -10.50 -6.27 5.55
CA GLN A 16 -9.41 -5.75 4.72
C GLN A 16 -9.86 -4.52 3.96
N LYS A 17 -10.93 -4.66 3.19
CA LYS A 17 -11.46 -3.55 2.39
C LYS A 17 -11.83 -2.37 3.29
N ASN A 18 -12.28 -2.69 4.50
CA ASN A 18 -12.67 -1.64 5.46
C ASN A 18 -11.44 -0.96 6.04
N GLU A 19 -10.39 -1.73 6.30
CA GLU A 19 -9.17 -1.20 6.86
C GLU A 19 -8.36 -0.45 5.79
N PHE A 20 -8.57 -0.83 4.54
CA PHE A 20 -7.86 -0.21 3.43
C PHE A 20 -8.21 1.27 3.32
N LYS A 21 -9.39 1.63 3.82
CA LYS A 21 -9.84 3.02 3.79
C LYS A 21 -9.23 3.82 4.93
N ALA A 22 -8.89 3.13 6.01
CA ALA A 22 -8.29 3.77 7.17
C ALA A 22 -6.83 4.17 6.90
N ALA A 23 -6.06 3.21 6.42
CA ALA A 23 -4.65 3.46 6.11
C ALA A 23 -4.49 4.66 5.16
N PHE A 24 -5.27 4.66 4.10
CA PHE A 24 -5.22 5.75 3.12
C PHE A 24 -5.39 7.11 3.81
N ASP A 25 -6.31 7.17 4.76
CA ASP A 25 -6.57 8.40 5.50
C ASP A 25 -5.39 8.75 6.40
N ILE A 26 -4.88 7.76 7.12
CA ILE A 26 -3.75 7.96 8.02
C ILE A 26 -2.52 8.47 7.26
N PHE A 27 -2.39 8.03 6.01
CA PHE A 27 -1.27 8.44 5.19
C PHE A 27 -1.45 9.87 4.67
N VAL A 28 -2.68 10.21 4.32
CA VAL A 28 -2.99 11.54 3.82
C VAL A 28 -3.62 12.40 4.91
N LEU A 29 -3.30 12.08 6.16
CA LEU A 29 -3.83 12.83 7.31
C LEU A 29 -3.47 14.31 7.20
N GLY A 30 -2.26 14.58 6.73
CA GLY A 30 -1.81 15.96 6.58
C GLY A 30 -1.94 16.47 5.16
N ALA A 31 -2.03 15.55 4.21
CA ALA A 31 -2.16 15.92 2.80
C ALA A 31 -3.38 16.80 2.58
N GLU A 32 -3.19 17.89 1.83
CA GLU A 32 -4.28 18.82 1.55
C GLU A 32 -5.08 18.37 0.34
N ASP A 33 -4.38 17.89 -0.68
CA ASP A 33 -5.03 17.42 -1.90
C ASP A 33 -5.72 16.08 -1.67
N GLY A 34 -5.12 15.24 -0.84
CA GLY A 34 -5.70 13.94 -0.55
C GLY A 34 -5.04 12.82 -1.33
N CYS A 35 -3.71 12.90 -1.47
CA CYS A 35 -2.96 11.89 -2.19
C CYS A 35 -1.67 11.54 -1.46
N ILE A 36 -1.31 10.25 -1.48
CA ILE A 36 -0.10 9.79 -0.81
C ILE A 36 1.11 9.94 -1.71
N SER A 37 1.99 10.89 -1.38
CA SER A 37 3.19 11.15 -2.16
C SER A 37 4.33 10.25 -1.70
N THR A 38 5.29 10.02 -2.59
CA THR A 38 6.44 9.18 -2.28
C THR A 38 7.11 9.61 -0.97
N LYS A 39 7.07 10.91 -0.70
CA LYS A 39 7.67 11.45 0.51
C LYS A 39 6.82 11.12 1.74
N GLU A 40 5.50 11.20 1.57
CA GLU A 40 4.58 10.91 2.66
C GLU A 40 4.68 9.44 3.07
N LEU A 41 4.60 8.55 2.10
CA LEU A 41 4.69 7.11 2.36
C LEU A 41 6.00 6.77 3.07
N GLY A 42 7.10 7.34 2.59
CA GLY A 42 8.39 7.07 3.19
C GLY A 42 8.49 7.61 4.61
N LYS A 43 7.84 8.73 4.86
CA LYS A 43 7.86 9.34 6.19
C LYS A 43 7.35 8.37 7.24
N VAL A 44 6.42 7.49 6.85
CA VAL A 44 5.87 6.51 7.76
C VAL A 44 6.84 5.36 7.99
N MET A 45 7.63 5.04 6.98
CA MET A 45 8.61 3.96 7.06
C MET A 45 9.75 4.36 7.99
N ARG A 46 10.02 5.65 8.07
CA ARG A 46 11.10 6.15 8.92
C ARG A 46 10.74 6.01 10.40
N MET A 47 9.49 6.33 10.73
CA MET A 47 9.03 6.25 12.11
C MET A 47 8.77 4.80 12.50
N LEU A 48 8.65 3.93 11.50
CA LEU A 48 8.41 2.52 11.74
C LEU A 48 9.67 1.81 12.24
N GLY A 49 10.82 2.31 11.80
CA GLY A 49 12.08 1.72 12.21
C GLY A 49 12.98 1.42 11.03
N GLN A 50 12.53 1.74 9.83
CA GLN A 50 13.30 1.49 8.62
C GLN A 50 13.71 2.81 7.96
N ASN A 51 14.27 2.71 6.76
CA ASN A 51 14.70 3.89 6.01
C ASN A 51 14.80 3.60 4.53
N PRO A 52 13.64 3.36 3.89
CA PRO A 52 13.57 3.07 2.46
C PRO A 52 13.90 4.28 1.60
N THR A 53 14.90 4.12 0.74
CA THR A 53 15.33 5.20 -0.15
C THR A 53 14.14 5.82 -0.88
N PRO A 54 14.22 7.13 -1.14
CA PRO A 54 13.16 7.86 -1.84
C PRO A 54 13.07 7.48 -3.31
N GLU A 55 14.11 6.86 -3.83
CA GLU A 55 14.15 6.44 -5.23
C GLU A 55 13.28 5.20 -5.44
N GLU A 56 13.06 4.45 -4.36
CA GLU A 56 12.24 3.24 -4.43
C GLU A 56 10.76 3.58 -4.51
N LEU A 57 10.29 4.37 -3.55
CA LEU A 57 8.88 4.77 -3.51
C LEU A 57 8.50 5.50 -4.79
N GLN A 58 9.29 6.50 -5.16
CA GLN A 58 9.03 7.27 -6.37
C GLN A 58 8.84 6.36 -7.57
N GLU A 59 9.77 5.44 -7.76
CA GLU A 59 9.71 4.51 -8.88
C GLU A 59 8.57 3.52 -8.70
N MET A 60 8.20 3.26 -7.45
CA MET A 60 7.12 2.34 -7.14
C MET A 60 5.77 2.93 -7.54
N ILE A 61 5.48 4.13 -7.03
CA ILE A 61 4.22 4.80 -7.34
C ILE A 61 4.00 4.89 -8.85
N ASP A 62 5.07 5.17 -9.58
CA ASP A 62 5.00 5.28 -11.03
C ASP A 62 4.71 3.93 -11.67
N GLU A 63 5.31 2.88 -11.11
CA GLU A 63 5.12 1.53 -11.63
C GLU A 63 3.72 1.01 -11.29
N VAL A 64 3.12 1.57 -10.24
CA VAL A 64 1.79 1.16 -9.81
C VAL A 64 0.79 2.29 -10.00
N ASP A 65 0.74 2.85 -11.20
CA ASP A 65 -0.17 3.95 -11.50
C ASP A 65 -1.18 3.53 -12.57
N GLU A 66 -2.41 3.99 -12.41
CA GLU A 66 -3.48 3.66 -13.34
C GLU A 66 -3.41 4.57 -14.58
N ASP A 67 -3.29 5.87 -14.33
CA ASP A 67 -3.21 6.83 -15.43
C ASP A 67 -1.84 7.52 -15.46
N GLY A 68 -1.04 7.27 -14.42
CA GLY A 68 0.28 7.86 -14.35
C GLY A 68 0.25 9.27 -13.80
N SER A 69 -0.77 9.58 -13.01
CA SER A 69 -0.91 10.91 -12.42
C SER A 69 0.16 11.15 -11.36
N GLY A 70 0.80 10.08 -10.92
CA GLY A 70 1.84 10.20 -9.90
C GLY A 70 1.28 10.12 -8.50
N THR A 71 0.07 9.59 -8.36
CA THR A 71 -0.58 9.46 -7.07
C THR A 71 -1.24 8.09 -6.92
N VAL A 72 -1.16 7.54 -5.71
CA VAL A 72 -1.76 6.23 -5.43
C VAL A 72 -3.16 6.38 -4.85
N ASP A 73 -4.14 5.83 -5.55
CA ASP A 73 -5.53 5.89 -5.10
C ASP A 73 -5.94 4.61 -4.40
N PHE A 74 -7.14 4.59 -3.84
CA PHE A 74 -7.65 3.42 -3.13
C PHE A 74 -7.55 2.18 -4.01
N ASP A 75 -7.65 2.37 -5.32
CA ASP A 75 -7.57 1.27 -6.26
C ASP A 75 -6.13 0.85 -6.50
N GLU A 76 -5.27 1.83 -6.79
CA GLU A 76 -3.86 1.55 -7.03
C GLU A 76 -3.20 0.98 -5.78
N TRP A 77 -3.81 1.21 -4.63
CA TRP A 77 -3.28 0.71 -3.36
C TRP A 77 -3.54 -0.78 -3.21
N LEU A 78 -4.70 -1.23 -3.66
CA LEU A 78 -5.08 -2.63 -3.58
C LEU A 78 -4.18 -3.49 -4.48
N VAL A 79 -3.81 -2.94 -5.64
CA VAL A 79 -2.96 -3.64 -6.58
C VAL A 79 -1.50 -3.61 -6.13
N MET A 80 -1.12 -2.54 -5.45
CA MET A 80 0.25 -2.39 -4.96
C MET A 80 0.62 -3.54 -4.02
N MET A 81 -0.38 -4.08 -3.33
CA MET A 81 -0.16 -5.18 -2.40
C MET A 81 0.25 -6.46 -3.16
N VAL A 82 -0.57 -6.86 -4.11
CA VAL A 82 -0.29 -8.05 -4.91
C VAL A 82 0.92 -7.85 -5.80
N ARG A 83 1.06 -6.64 -6.33
CA ARG A 83 2.19 -6.31 -7.21
C ARG A 83 3.52 -6.69 -6.55
N CYS A 84 3.58 -6.56 -5.23
CA CYS A 84 4.79 -6.89 -4.49
C CYS A 84 4.91 -8.39 -4.28
N MET A 85 3.76 -9.05 -4.04
CA MET A 85 3.74 -10.49 -3.83
C MET A 85 4.04 -11.24 -5.12
N LYS A 86 3.80 -10.58 -6.25
CA LYS A 86 4.04 -11.18 -7.56
C LYS A 86 4.91 -10.28 -8.42
N ASP A 87 5.82 -9.54 -7.78
CA ASP A 87 6.71 -8.63 -8.49
C ASP A 87 7.66 -9.41 -9.40
N ASP A 88 7.59 -9.12 -10.70
CA ASP A 88 8.44 -9.80 -11.68
C ASP A 88 9.29 -8.79 -12.43
N SER A 89 8.74 -7.61 -12.67
CA SER A 89 9.45 -6.56 -13.40
C SER A 89 9.66 -5.34 -12.51
N ARG B 1 1.58 -20.83 -2.77
CA ARG B 1 1.58 -21.26 -1.38
C ARG B 1 2.58 -20.44 -0.57
N ARG B 2 2.26 -19.18 -0.34
CA ARG B 2 3.14 -18.29 0.41
C ARG B 2 2.34 -17.46 1.41
N VAL B 3 3.04 -16.65 2.20
CA VAL B 3 2.39 -15.80 3.19
C VAL B 3 2.38 -14.34 2.75
N ARG B 4 1.32 -13.63 3.14
CA ARG B 4 1.19 -12.22 2.78
C ARG B 4 2.43 -11.44 3.16
N ILE B 5 2.66 -10.32 2.48
CA ILE B 5 3.82 -9.48 2.75
C ILE B 5 3.67 -8.75 4.08
N SER B 6 4.70 -8.00 4.46
CA SER B 6 4.68 -7.25 5.72
C SER B 6 3.81 -6.00 5.59
N ALA B 7 2.49 -6.19 5.56
CA ALA B 7 1.56 -5.07 5.45
C ALA B 7 0.93 -4.75 6.80
N ASP B 8 0.91 -5.73 7.69
CA ASP B 8 0.33 -5.55 9.02
C ASP B 8 1.03 -4.42 9.76
N ALA B 9 2.27 -4.13 9.36
CA ALA B 9 3.05 -3.07 9.99
C ALA B 9 2.26 -1.77 10.04
N MET B 10 1.79 -1.32 8.88
CA MET B 10 1.02 -0.09 8.79
C MET B 10 -0.32 -0.23 9.51
N MET B 11 -0.81 -1.46 9.61
CA MET B 11 -2.07 -1.72 10.28
C MET B 11 -1.96 -1.51 11.78
N GLN B 12 -0.72 -1.53 12.28
CA GLN B 12 -0.48 -1.35 13.70
C GLN B 12 -0.40 0.13 14.05
N ALA B 13 -0.12 0.96 13.05
CA ALA B 13 -0.02 2.40 13.25
C ALA B 13 -1.28 2.94 13.93
N LEU B 14 -2.44 2.66 13.34
CA LEU B 14 -3.70 3.12 13.89
C LEU B 14 -3.82 2.78 15.37
N LEU B 15 -3.38 1.59 15.74
CA LEU B 15 -3.44 1.15 17.13
C LEU B 15 -2.88 -0.27 17.28
N GLY B 16 -3.32 -1.17 16.40
CA GLY B 16 -2.85 -2.54 16.45
C GLY B 16 -3.80 -3.50 15.76
N ALA B 17 -3.95 -3.33 14.44
CA ALA B 17 -4.82 -4.19 13.66
C ALA B 17 -4.07 -5.39 13.10
N ARG B 18 -4.56 -6.59 13.39
CA ARG B 18 -3.93 -7.82 12.92
C ARG B 18 -2.47 -7.88 13.37
N ALA B 19 -2.21 -7.39 14.57
CA ALA B 19 -0.85 -7.40 15.12
C ALA B 19 -0.29 -8.81 15.18
N LYS B 20 -1.09 -9.75 15.69
CA LYS B 20 -0.67 -11.14 15.81
C LYS B 20 -0.18 -11.66 14.46
N MET A 1 -3.91 -4.98 -17.27
CA MET A 1 -4.79 -6.07 -16.90
C MET A 1 -4.00 -7.24 -16.32
N ASP A 2 -3.39 -7.03 -15.16
CA ASP A 2 -2.60 -8.07 -14.51
C ASP A 2 -3.50 -9.03 -13.73
N ASP A 3 -3.53 -10.29 -14.15
CA ASP A 3 -4.34 -11.29 -13.49
C ASP A 3 -3.96 -11.43 -12.02
N ILE A 4 -2.67 -11.38 -11.75
CA ILE A 4 -2.16 -11.50 -10.39
C ILE A 4 -2.85 -10.50 -9.46
N TYR A 5 -3.17 -9.33 -10.01
CA TYR A 5 -3.82 -8.27 -9.23
C TYR A 5 -5.32 -8.55 -9.11
N LYS A 6 -5.92 -9.02 -10.19
CA LYS A 6 -7.35 -9.33 -10.21
C LYS A 6 -7.67 -10.46 -9.25
N ALA A 7 -6.81 -11.47 -9.23
CA ALA A 7 -7.01 -12.63 -8.35
C ALA A 7 -6.63 -12.29 -6.91
N ALA A 8 -5.55 -11.54 -6.75
CA ALA A 8 -5.09 -11.15 -5.42
C ALA A 8 -6.18 -10.39 -4.66
N VAL A 9 -7.00 -9.66 -5.40
CA VAL A 9 -8.09 -8.89 -4.79
C VAL A 9 -9.23 -9.80 -4.38
N GLU A 10 -9.45 -10.87 -5.14
CA GLU A 10 -10.52 -11.81 -4.83
C GLU A 10 -10.17 -12.66 -3.61
N GLN A 11 -8.92 -13.10 -3.55
CA GLN A 11 -8.46 -13.92 -2.43
C GLN A 11 -8.62 -13.16 -1.11
N LEU A 12 -8.74 -11.86 -1.19
CA LEU A 12 -8.90 -11.02 -0.01
C LEU A 12 -10.14 -11.43 0.79
N THR A 13 -10.34 -10.78 1.94
CA THR A 13 -11.49 -11.08 2.78
C THR A 13 -12.28 -9.80 3.09
N GLU A 14 -13.51 -9.97 3.56
CA GLU A 14 -14.37 -8.85 3.89
C GLU A 14 -13.65 -7.88 4.82
N GLU A 15 -12.76 -8.40 5.65
CA GLU A 15 -12.00 -7.58 6.58
C GLU A 15 -10.90 -6.81 5.87
N GLN A 16 -10.18 -7.49 4.99
CA GLN A 16 -9.10 -6.86 4.24
C GLN A 16 -9.60 -5.63 3.50
N LYS A 17 -10.74 -5.75 2.84
CA LYS A 17 -11.33 -4.65 2.09
C LYS A 17 -11.74 -3.52 3.04
N ASN A 18 -12.15 -3.89 4.25
CA ASN A 18 -12.58 -2.92 5.24
C ASN A 18 -11.39 -2.15 5.81
N GLU A 19 -10.31 -2.88 6.10
CA GLU A 19 -9.10 -2.27 6.64
C GLU A 19 -8.32 -1.55 5.55
N PHE A 20 -8.50 -1.98 4.32
CA PHE A 20 -7.82 -1.37 3.18
C PHE A 20 -8.26 0.07 2.99
N LYS A 21 -9.56 0.30 3.02
CA LYS A 21 -10.12 1.63 2.84
C LYS A 21 -9.74 2.53 4.01
N ALA A 22 -9.56 1.93 5.19
CA ALA A 22 -9.19 2.67 6.38
C ALA A 22 -7.71 3.04 6.38
N ALA A 23 -6.85 2.02 6.24
CA ALA A 23 -5.42 2.25 6.22
C ALA A 23 -5.03 3.27 5.15
N PHE A 24 -5.73 3.23 4.02
CA PHE A 24 -5.46 4.16 2.93
C PHE A 24 -5.45 5.60 3.43
N ASP A 25 -6.54 6.01 4.08
CA ASP A 25 -6.65 7.36 4.61
C ASP A 25 -5.61 7.62 5.69
N ILE A 26 -5.40 6.63 6.54
CA ILE A 26 -4.43 6.75 7.63
C ILE A 26 -3.04 7.06 7.08
N PHE A 27 -2.79 6.64 5.85
CA PHE A 27 -1.50 6.89 5.21
C PHE A 27 -1.42 8.31 4.68
N VAL A 28 -2.58 8.94 4.48
CA VAL A 28 -2.63 10.31 3.98
C VAL A 28 -2.92 11.29 5.10
N LEU A 29 -2.62 10.88 6.33
CA LEU A 29 -2.82 11.74 7.49
C LEU A 29 -2.07 13.05 7.35
N GLY A 30 -1.01 13.04 6.56
CA GLY A 30 -0.22 14.24 6.34
C GLY A 30 -0.72 15.06 5.18
N ALA A 31 -1.75 14.57 4.50
CA ALA A 31 -2.31 15.26 3.35
C ALA A 31 -3.77 15.64 3.60
N GLU A 32 -4.15 16.84 3.17
CA GLU A 32 -5.52 17.33 3.36
C GLU A 32 -6.38 17.01 2.14
N ASP A 33 -5.73 16.79 1.00
CA ASP A 33 -6.42 16.47 -0.24
C ASP A 33 -6.68 14.98 -0.35
N GLY A 34 -5.66 14.18 0.00
CA GLY A 34 -5.79 12.74 -0.08
C GLY A 34 -4.91 12.14 -1.17
N CYS A 35 -3.61 12.43 -1.11
CA CYS A 35 -2.67 11.92 -2.10
C CYS A 35 -1.47 11.29 -1.42
N ILE A 36 -0.91 10.26 -2.05
CA ILE A 36 0.25 9.57 -1.51
C ILE A 36 1.55 10.02 -2.21
N SER A 37 2.62 10.12 -1.44
CA SER A 37 3.91 10.55 -1.99
C SER A 37 5.04 9.70 -1.40
N THR A 38 6.09 9.52 -2.18
CA THR A 38 7.25 8.74 -1.74
C THR A 38 7.75 9.23 -0.39
N LYS A 39 7.59 10.52 -0.13
CA LYS A 39 8.03 11.11 1.13
C LYS A 39 7.10 10.70 2.27
N GLU A 40 5.81 10.61 1.98
CA GLU A 40 4.83 10.23 2.99
C GLU A 40 4.86 8.72 3.24
N LEU A 41 4.68 7.95 2.17
CA LEU A 41 4.69 6.49 2.27
C LEU A 41 5.94 6.01 3.00
N GLY A 42 7.07 6.65 2.73
CA GLY A 42 8.32 6.27 3.36
C GLY A 42 8.32 6.57 4.85
N LYS A 43 7.79 7.73 5.22
CA LYS A 43 7.74 8.13 6.62
C LYS A 43 7.09 7.04 7.47
N VAL A 44 6.16 6.31 6.88
CA VAL A 44 5.47 5.24 7.59
C VAL A 44 6.37 4.01 7.73
N MET A 45 7.24 3.79 6.76
CA MET A 45 8.15 2.66 6.78
C MET A 45 9.20 2.82 7.88
N ARG A 46 9.56 4.07 8.16
CA ARG A 46 10.55 4.37 9.18
C ARG A 46 10.03 3.98 10.57
N MET A 47 8.76 4.24 10.81
CA MET A 47 8.14 3.92 12.09
C MET A 47 7.77 2.44 12.17
N LEU A 48 7.58 1.83 11.00
CA LEU A 48 7.23 0.42 10.94
C LEU A 48 8.38 -0.46 11.41
N GLY A 49 9.59 0.05 11.25
CA GLY A 49 10.77 -0.71 11.67
C GLY A 49 11.69 -1.04 10.52
N GLN A 50 11.53 -0.32 9.41
CA GLN A 50 12.35 -0.55 8.22
C GLN A 50 12.85 0.77 7.66
N ASN A 51 13.57 0.70 6.53
CA ASN A 51 14.10 1.88 5.87
C ASN A 51 14.31 1.64 4.38
N PRO A 52 13.19 1.53 3.64
CA PRO A 52 13.23 1.31 2.19
C PRO A 52 13.76 2.51 1.42
N THR A 53 14.63 2.26 0.45
CA THR A 53 15.20 3.32 -0.36
C THR A 53 14.12 4.26 -0.88
N PRO A 54 14.47 5.55 -1.03
CA PRO A 54 13.54 6.56 -1.53
C PRO A 54 13.22 6.38 -3.01
N GLU A 55 14.14 5.76 -3.74
CA GLU A 55 13.95 5.52 -5.16
C GLU A 55 12.95 4.39 -5.40
N GLU A 56 12.80 3.52 -4.41
CA GLU A 56 11.88 2.39 -4.51
C GLU A 56 10.43 2.86 -4.32
N LEU A 57 10.24 3.81 -3.42
CA LEU A 57 8.90 4.33 -3.15
C LEU A 57 8.33 5.03 -4.37
N GLN A 58 9.11 5.92 -4.97
CA GLN A 58 8.68 6.64 -6.16
C GLN A 58 8.18 5.68 -7.23
N GLU A 59 9.02 4.73 -7.60
CA GLU A 59 8.66 3.75 -8.62
C GLU A 59 7.37 3.02 -8.24
N MET A 60 7.12 2.90 -6.95
CA MET A 60 5.92 2.23 -6.45
C MET A 60 4.67 3.01 -6.83
N ILE A 61 4.75 4.34 -6.72
CA ILE A 61 3.62 5.20 -7.05
C ILE A 61 3.38 5.24 -8.55
N ASP A 62 4.46 5.35 -9.32
CA ASP A 62 4.37 5.39 -10.77
C ASP A 62 4.00 4.02 -11.33
N GLU A 63 4.29 2.97 -10.57
CA GLU A 63 3.99 1.61 -11.00
C GLU A 63 2.49 1.32 -10.89
N VAL A 64 1.93 1.52 -9.70
CA VAL A 64 0.52 1.28 -9.47
C VAL A 64 -0.33 2.24 -10.29
N ASP A 65 0.26 3.36 -10.70
CA ASP A 65 -0.45 4.36 -11.50
C ASP A 65 -1.11 3.71 -12.70
N GLU A 66 -2.43 3.56 -12.64
CA GLU A 66 -3.18 2.95 -13.73
C GLU A 66 -3.46 3.97 -14.84
N ASP A 67 -3.58 5.23 -14.45
CA ASP A 67 -3.85 6.31 -15.39
C ASP A 67 -2.67 7.29 -15.44
N GLY A 68 -1.73 7.13 -14.52
CA GLY A 68 -0.57 8.01 -14.48
C GLY A 68 -0.88 9.34 -13.82
N SER A 69 -1.82 9.33 -12.89
CA SER A 69 -2.21 10.55 -12.19
C SER A 69 -1.10 11.02 -11.26
N GLY A 70 -0.14 10.13 -10.99
CA GLY A 70 0.97 10.47 -10.12
C GLY A 70 0.66 10.21 -8.66
N THR A 71 -0.61 9.91 -8.38
CA THR A 71 -1.03 9.63 -7.00
C THR A 71 -1.62 8.23 -6.88
N VAL A 72 -1.91 7.82 -5.65
CA VAL A 72 -2.48 6.51 -5.40
C VAL A 72 -3.98 6.60 -5.11
N ASP A 73 -4.78 6.03 -6.01
CA ASP A 73 -6.23 6.05 -5.86
C ASP A 73 -6.68 5.06 -4.79
N PHE A 74 -7.99 4.94 -4.61
CA PHE A 74 -8.54 4.03 -3.61
C PHE A 74 -8.31 2.58 -4.02
N ASP A 75 -8.54 2.29 -5.30
CA ASP A 75 -8.35 0.93 -5.82
C ASP A 75 -6.88 0.65 -6.09
N GLU A 76 -6.16 1.67 -6.54
CA GLU A 76 -4.74 1.53 -6.84
C GLU A 76 -3.95 1.15 -5.59
N TRP A 77 -4.47 1.52 -4.43
CA TRP A 77 -3.82 1.21 -3.16
C TRP A 77 -3.66 -0.29 -2.99
N LEU A 78 -4.62 -1.05 -3.51
CA LEU A 78 -4.58 -2.50 -3.40
C LEU A 78 -3.63 -3.10 -4.45
N VAL A 79 -3.31 -2.30 -5.46
CA VAL A 79 -2.41 -2.75 -6.51
C VAL A 79 -0.97 -2.85 -6.01
N MET A 80 -0.56 -1.88 -5.20
CA MET A 80 0.79 -1.86 -4.65
C MET A 80 1.06 -3.12 -3.84
N MET A 81 0.00 -3.69 -3.27
CA MET A 81 0.12 -4.90 -2.46
C MET A 81 0.54 -6.09 -3.32
N VAL A 82 -0.24 -6.35 -4.37
CA VAL A 82 0.06 -7.45 -5.28
C VAL A 82 1.30 -7.18 -6.10
N ARG A 83 1.48 -5.92 -6.50
CA ARG A 83 2.64 -5.53 -7.29
C ARG A 83 3.93 -5.96 -6.61
N CYS A 84 3.97 -5.87 -5.29
CA CYS A 84 5.15 -6.24 -4.53
C CYS A 84 5.32 -7.76 -4.50
N MET A 85 4.20 -8.48 -4.42
CA MET A 85 4.23 -9.94 -4.39
C MET A 85 4.65 -10.50 -5.74
N LYS A 86 4.50 -9.69 -6.78
CA LYS A 86 4.85 -10.10 -8.14
C LYS A 86 5.70 -9.03 -8.82
N ASP A 87 6.58 -8.39 -8.05
CA ASP A 87 7.44 -7.36 -8.59
C ASP A 87 8.41 -7.93 -9.63
N ASP A 88 9.19 -7.06 -10.25
CA ASP A 88 10.16 -7.48 -11.25
C ASP A 88 11.49 -7.86 -10.61
N SER A 89 11.94 -7.04 -9.67
CA SER A 89 13.19 -7.28 -8.98
C SER A 89 13.00 -8.28 -7.83
N ARG B 1 3.24 -19.07 -4.51
CA ARG B 1 3.86 -17.77 -4.31
C ARG B 1 2.85 -16.75 -3.80
N ARG B 2 1.85 -17.24 -3.07
CA ARG B 2 0.80 -16.36 -2.53
C ARG B 2 1.04 -16.11 -1.04
N VAL B 3 0.46 -15.03 -0.54
CA VAL B 3 0.60 -14.66 0.87
C VAL B 3 2.08 -14.50 1.24
N ARG B 4 2.71 -13.46 0.70
CA ARG B 4 4.12 -13.20 0.98
C ARG B 4 4.29 -11.86 1.69
N ILE B 5 3.42 -10.91 1.37
CA ILE B 5 3.47 -9.59 1.97
C ILE B 5 3.18 -9.65 3.47
N SER B 6 3.91 -8.87 4.25
CA SER B 6 3.73 -8.84 5.69
C SER B 6 2.51 -8.01 6.08
N ALA B 7 1.34 -8.47 5.67
CA ALA B 7 0.10 -7.77 5.96
C ALA B 7 -0.03 -7.49 7.46
N ASP B 8 0.41 -8.44 8.28
CA ASP B 8 0.35 -8.28 9.72
C ASP B 8 1.02 -6.99 10.16
N ALA B 9 2.15 -6.67 9.53
CA ALA B 9 2.89 -5.47 9.85
C ALA B 9 2.15 -4.22 9.36
N MET B 10 1.35 -4.38 8.32
CA MET B 10 0.59 -3.27 7.75
C MET B 10 -0.57 -2.90 8.67
N MET B 11 -1.31 -3.90 9.14
CA MET B 11 -2.44 -3.67 10.03
C MET B 11 -2.00 -2.91 11.28
N GLN B 12 -0.73 -3.05 11.65
CA GLN B 12 -0.21 -2.37 12.82
C GLN B 12 -0.25 -0.86 12.65
N ALA B 13 -0.07 -0.41 11.41
CA ALA B 13 -0.10 1.02 11.11
C ALA B 13 -1.45 1.63 11.45
N LEU B 14 -2.48 0.80 11.44
CA LEU B 14 -3.84 1.26 11.75
C LEU B 14 -3.87 2.04 13.06
N LEU B 15 -3.04 1.62 14.00
CA LEU B 15 -2.97 2.27 15.30
C LEU B 15 -2.45 3.70 15.17
N GLY B 16 -1.16 3.83 14.93
CA GLY B 16 -0.56 5.15 14.78
C GLY B 16 -0.88 6.07 15.93
N ALA B 17 -1.80 7.00 15.70
CA ALA B 17 -2.20 7.95 16.74
C ALA B 17 -2.61 7.23 18.02
N ARG B 18 -3.24 6.07 17.86
CA ARG B 18 -3.69 5.28 19.00
C ARG B 18 -2.87 4.00 19.13
N ALA B 19 -1.59 4.15 19.42
CA ALA B 19 -0.70 3.00 19.58
C ALA B 19 -0.65 2.54 21.03
N LYS B 20 -0.99 1.27 21.24
CA LYS B 20 -0.99 0.69 22.59
C LYS B 20 -0.68 -0.80 22.53
N MET A 1 -5.77 -7.35 -17.66
CA MET A 1 -4.68 -8.25 -18.00
C MET A 1 -4.01 -8.80 -16.75
N ASP A 2 -3.87 -7.95 -15.73
CA ASP A 2 -3.25 -8.36 -14.48
C ASP A 2 -4.22 -9.19 -13.64
N ASP A 3 -4.40 -10.45 -14.03
CA ASP A 3 -5.30 -11.35 -13.32
C ASP A 3 -4.84 -11.52 -11.86
N ILE A 4 -3.54 -11.51 -11.65
CA ILE A 4 -2.98 -11.67 -10.32
C ILE A 4 -3.61 -10.69 -9.34
N TYR A 5 -3.94 -9.50 -9.84
CA TYR A 5 -4.55 -8.47 -9.00
C TYR A 5 -6.04 -8.74 -8.80
N LYS A 6 -6.73 -9.05 -9.89
CA LYS A 6 -8.15 -9.35 -9.84
C LYS A 6 -8.45 -10.42 -8.80
N ALA A 7 -7.64 -11.47 -8.79
CA ALA A 7 -7.81 -12.56 -7.83
C ALA A 7 -7.31 -12.17 -6.45
N ALA A 8 -6.16 -11.52 -6.40
CA ALA A 8 -5.57 -11.09 -5.14
C ALA A 8 -6.55 -10.21 -4.36
N VAL A 9 -7.32 -9.41 -5.09
CA VAL A 9 -8.29 -8.51 -4.47
C VAL A 9 -9.51 -9.28 -3.96
N GLU A 10 -9.87 -10.35 -4.66
CA GLU A 10 -11.00 -11.16 -4.27
C GLU A 10 -10.66 -12.06 -3.08
N GLN A 11 -9.47 -12.63 -3.12
CA GLN A 11 -9.01 -13.51 -2.05
C GLN A 11 -9.02 -12.78 -0.71
N LEU A 12 -9.00 -11.45 -0.77
CA LEU A 12 -9.00 -10.64 0.44
C LEU A 12 -10.21 -10.96 1.31
N THR A 13 -10.28 -10.33 2.48
CA THR A 13 -11.38 -10.54 3.40
C THR A 13 -11.98 -9.21 3.87
N GLU A 14 -13.15 -9.28 4.50
CA GLU A 14 -13.82 -8.09 4.99
C GLU A 14 -12.89 -7.24 5.84
N GLU A 15 -11.97 -7.92 6.54
CA GLU A 15 -11.02 -7.23 7.41
C GLU A 15 -9.93 -6.55 6.58
N GLN A 16 -9.38 -7.29 5.61
CA GLN A 16 -8.33 -6.76 4.75
C GLN A 16 -8.76 -5.44 4.10
N LYS A 17 -9.92 -5.46 3.45
CA LYS A 17 -10.44 -4.27 2.80
C LYS A 17 -10.70 -3.15 3.81
N ASN A 18 -11.05 -3.54 5.03
CA ASN A 18 -11.33 -2.58 6.09
C ASN A 18 -10.04 -1.91 6.56
N GLU A 19 -9.00 -2.71 6.78
CA GLU A 19 -7.72 -2.20 7.23
C GLU A 19 -6.96 -1.53 6.08
N PHE A 20 -7.33 -1.88 4.85
CA PHE A 20 -6.70 -1.33 3.67
C PHE A 20 -7.08 0.14 3.49
N LYS A 21 -8.34 0.46 3.74
CA LYS A 21 -8.82 1.83 3.60
C LYS A 21 -8.43 2.66 4.82
N ALA A 22 -8.27 1.99 5.96
CA ALA A 22 -7.89 2.68 7.19
C ALA A 22 -6.48 3.26 7.10
N ALA A 23 -5.58 2.51 6.47
CA ALA A 23 -4.21 2.95 6.32
C ALA A 23 -4.12 4.22 5.47
N PHE A 24 -5.12 4.41 4.61
CA PHE A 24 -5.17 5.59 3.75
C PHE A 24 -5.02 6.87 4.57
N ASP A 25 -5.90 7.03 5.56
CA ASP A 25 -5.87 8.20 6.42
C ASP A 25 -4.49 8.41 7.02
N ILE A 26 -3.88 7.31 7.47
CA ILE A 26 -2.55 7.38 8.08
C ILE A 26 -1.52 7.91 7.09
N PHE A 27 -1.62 7.46 5.83
CA PHE A 27 -0.71 7.89 4.79
C PHE A 27 -0.99 9.34 4.38
N VAL A 28 -2.26 9.72 4.44
CA VAL A 28 -2.66 11.08 4.07
C VAL A 28 -2.87 11.94 5.31
N LEU A 29 -2.18 11.59 6.38
CA LEU A 29 -2.29 12.34 7.63
C LEU A 29 -1.98 13.82 7.42
N GLY A 30 -1.13 14.10 6.44
CA GLY A 30 -0.76 15.47 6.15
C GLY A 30 -1.06 15.86 4.71
N ALA A 31 -1.03 14.87 3.81
CA ALA A 31 -1.28 15.11 2.40
C ALA A 31 -2.59 15.89 2.21
N GLU A 32 -2.46 17.17 1.91
CA GLU A 32 -3.63 18.03 1.70
C GLU A 32 -4.40 17.60 0.46
N ASP A 33 -3.70 16.95 -0.46
CA ASP A 33 -4.32 16.48 -1.70
C ASP A 33 -5.34 15.37 -1.42
N GLY A 34 -4.94 14.43 -0.57
CA GLY A 34 -5.83 13.32 -0.23
C GLY A 34 -5.33 11.99 -0.77
N CYS A 35 -4.01 11.86 -0.89
CA CYS A 35 -3.41 10.63 -1.38
C CYS A 35 -2.15 10.30 -0.61
N ILE A 36 -1.45 9.25 -1.05
CA ILE A 36 -0.23 8.82 -0.40
C ILE A 36 1.00 9.44 -1.06
N SER A 37 2.01 9.76 -0.25
CA SER A 37 3.23 10.37 -0.75
C SER A 37 4.39 9.38 -0.70
N THR A 38 5.25 9.43 -1.71
CA THR A 38 6.41 8.52 -1.78
C THR A 38 7.21 8.56 -0.49
N LYS A 39 7.31 9.75 0.11
CA LYS A 39 8.05 9.91 1.35
C LYS A 39 7.27 9.33 2.53
N GLU A 40 5.96 9.49 2.50
CA GLU A 40 5.10 8.98 3.57
C GLU A 40 5.16 7.45 3.64
N LEU A 41 4.88 6.81 2.51
CA LEU A 41 4.91 5.35 2.45
C LEU A 41 6.24 4.80 2.93
N GLY A 42 7.31 5.55 2.66
CA GLY A 42 8.63 5.12 3.07
C GLY A 42 8.85 5.28 4.56
N LYS A 43 8.14 6.23 5.16
CA LYS A 43 8.25 6.49 6.59
C LYS A 43 7.79 5.28 7.41
N VAL A 44 6.80 4.57 6.88
CA VAL A 44 6.28 3.38 7.56
C VAL A 44 7.22 2.20 7.40
N MET A 45 7.90 2.13 6.27
CA MET A 45 8.84 1.05 6.00
C MET A 45 10.10 1.19 6.85
N ARG A 46 10.64 2.40 6.89
CA ARG A 46 11.85 2.67 7.67
C ARG A 46 11.65 2.26 9.13
N MET A 47 10.44 2.46 9.64
CA MET A 47 10.13 2.12 11.02
C MET A 47 9.77 0.64 11.14
N LEU A 48 9.33 0.05 10.04
CA LEU A 48 8.95 -1.36 10.01
C LEU A 48 10.17 -2.25 10.20
N GLY A 49 11.31 -1.80 9.67
CA GLY A 49 12.54 -2.57 9.79
C GLY A 49 13.34 -2.59 8.49
N GLN A 50 12.71 -2.12 7.41
CA GLN A 50 13.38 -2.09 6.11
C GLN A 50 13.86 -0.69 5.78
N ASN A 51 14.32 -0.49 4.55
CA ASN A 51 14.81 0.80 4.11
C ASN A 51 14.74 0.93 2.59
N PRO A 52 13.51 1.02 2.06
CA PRO A 52 13.28 1.14 0.61
C PRO A 52 13.71 2.50 0.08
N THR A 53 14.55 2.47 -0.96
CA THR A 53 15.05 3.70 -1.56
C THR A 53 13.90 4.64 -1.92
N PRO A 54 14.15 5.96 -1.81
CA PRO A 54 13.16 6.99 -2.10
C PRO A 54 12.84 7.07 -3.59
N GLU A 55 13.79 6.65 -4.42
CA GLU A 55 13.61 6.68 -5.87
C GLU A 55 12.67 5.56 -6.32
N GLU A 56 12.59 4.50 -5.53
CA GLU A 56 11.73 3.36 -5.85
C GLU A 56 10.27 3.70 -5.56
N LEU A 57 10.02 4.22 -4.37
CA LEU A 57 8.66 4.57 -3.96
C LEU A 57 8.00 5.48 -4.99
N GLN A 58 8.70 6.55 -5.36
CA GLN A 58 8.19 7.50 -6.33
C GLN A 58 7.86 6.80 -7.66
N GLU A 59 8.62 5.75 -7.96
CA GLU A 59 8.40 4.99 -9.19
C GLU A 59 7.22 4.04 -9.06
N MET A 60 7.05 3.50 -7.85
CA MET A 60 5.96 2.57 -7.59
C MET A 60 4.61 3.26 -7.74
N ILE A 61 4.52 4.49 -7.25
CA ILE A 61 3.29 5.26 -7.32
C ILE A 61 2.82 5.41 -8.78
N ASP A 62 3.72 5.89 -9.62
CA ASP A 62 3.40 6.07 -11.04
C ASP A 62 3.30 4.72 -11.75
N GLU A 63 4.00 3.72 -11.23
CA GLU A 63 3.99 2.40 -11.82
C GLU A 63 2.61 1.75 -11.67
N VAL A 64 2.06 1.82 -10.46
CA VAL A 64 0.76 1.25 -10.17
C VAL A 64 -0.34 2.30 -10.29
N ASP A 65 -0.11 3.31 -11.13
CA ASP A 65 -1.08 4.38 -11.33
C ASP A 65 -2.17 3.95 -12.30
N GLU A 66 -3.41 4.31 -12.00
CA GLU A 66 -4.54 3.95 -12.86
C GLU A 66 -4.65 4.91 -14.04
N ASP A 67 -4.53 6.20 -13.76
CA ASP A 67 -4.60 7.22 -14.81
C ASP A 67 -3.28 7.96 -14.95
N GLY A 68 -2.37 7.71 -14.02
CA GLY A 68 -1.07 8.36 -14.06
C GLY A 68 -1.09 9.74 -13.45
N SER A 69 -1.99 9.95 -12.49
CA SER A 69 -2.13 11.24 -11.83
C SER A 69 -0.94 11.51 -10.91
N GLY A 70 -0.19 10.44 -10.61
CA GLY A 70 0.96 10.58 -9.74
C GLY A 70 0.62 10.31 -8.28
N THR A 71 -0.50 9.62 -8.06
CA THR A 71 -0.93 9.30 -6.71
C THR A 71 -1.61 7.93 -6.66
N VAL A 72 -1.47 7.25 -5.53
CA VAL A 72 -2.06 5.94 -5.35
C VAL A 72 -3.47 6.04 -4.77
N ASP A 73 -4.46 5.56 -5.52
CA ASP A 73 -5.84 5.60 -5.07
C ASP A 73 -6.19 4.35 -4.27
N PHE A 74 -7.44 4.27 -3.82
CA PHE A 74 -7.90 3.13 -3.04
C PHE A 74 -7.72 1.83 -3.82
N ASP A 75 -7.98 1.87 -5.12
CA ASP A 75 -7.84 0.70 -5.97
C ASP A 75 -6.37 0.39 -6.24
N GLU A 76 -5.63 1.41 -6.66
CA GLU A 76 -4.21 1.24 -6.95
C GLU A 76 -3.45 0.76 -5.72
N TRP A 77 -3.98 1.09 -4.54
CA TRP A 77 -3.34 0.70 -3.29
C TRP A 77 -3.21 -0.82 -3.21
N LEU A 78 -4.23 -1.52 -3.69
CA LEU A 78 -4.23 -2.99 -3.67
C LEU A 78 -3.37 -3.54 -4.81
N VAL A 79 -3.18 -2.74 -5.84
CA VAL A 79 -2.37 -3.14 -6.99
C VAL A 79 -0.90 -3.27 -6.62
N MET A 80 -0.37 -2.23 -5.99
CA MET A 80 1.03 -2.21 -5.58
C MET A 80 1.33 -3.39 -4.66
N MET A 81 0.32 -3.82 -3.91
CA MET A 81 0.47 -4.93 -2.98
C MET A 81 0.70 -6.24 -3.73
N VAL A 82 -0.21 -6.57 -4.64
CA VAL A 82 -0.11 -7.79 -5.43
C VAL A 82 1.07 -7.72 -6.40
N ARG A 83 1.30 -6.53 -6.95
CA ARG A 83 2.39 -6.34 -7.89
C ARG A 83 3.72 -6.81 -7.30
N CYS A 84 3.84 -6.69 -5.98
CA CYS A 84 5.07 -7.10 -5.29
C CYS A 84 5.07 -8.61 -5.04
N MET A 85 3.90 -9.15 -4.70
CA MET A 85 3.76 -10.57 -4.43
C MET A 85 3.97 -11.38 -5.69
N LYS A 86 3.74 -10.76 -6.85
CA LYS A 86 3.92 -11.43 -8.13
C LYS A 86 4.70 -10.55 -9.09
N ASP A 87 5.70 -9.86 -8.58
CA ASP A 87 6.53 -8.98 -9.40
C ASP A 87 7.30 -9.78 -10.43
N ASP A 88 7.76 -9.10 -11.49
CA ASP A 88 8.52 -9.74 -12.55
C ASP A 88 9.99 -9.36 -12.49
N SER A 89 10.24 -8.05 -12.32
CA SER A 89 11.61 -7.55 -12.25
C SER A 89 12.28 -7.99 -10.95
N ARG B 1 7.64 -14.60 2.72
CA ARG B 1 7.82 -13.60 3.77
C ARG B 1 8.45 -12.33 3.22
N ARG B 2 9.47 -12.51 2.38
CA ARG B 2 10.16 -11.38 1.77
C ARG B 2 9.41 -10.85 0.56
N VAL B 3 9.01 -11.76 -0.33
CA VAL B 3 8.28 -11.39 -1.53
C VAL B 3 6.78 -11.36 -1.27
N ARG B 4 6.34 -12.15 -0.30
CA ARG B 4 4.92 -12.21 0.05
C ARG B 4 4.62 -11.33 1.26
N ILE B 5 3.85 -10.27 1.03
CA ILE B 5 3.48 -9.35 2.11
C ILE B 5 2.23 -9.82 2.83
N SER B 6 2.35 -10.02 4.14
CA SER B 6 1.23 -10.47 4.95
C SER B 6 0.33 -9.29 5.37
N ALA B 7 -0.63 -9.57 6.23
CA ALA B 7 -1.54 -8.53 6.69
C ALA B 7 -1.28 -8.19 8.16
N ASP B 8 -0.90 -9.20 8.94
CA ASP B 8 -0.61 -9.00 10.35
C ASP B 8 0.45 -7.91 10.55
N ALA B 9 1.32 -7.77 9.56
CA ALA B 9 2.38 -6.77 9.62
C ALA B 9 1.82 -5.36 9.46
N MET B 10 1.02 -5.16 8.41
CA MET B 10 0.43 -3.85 8.16
C MET B 10 -0.56 -3.48 9.26
N MET B 11 -1.29 -4.48 9.75
CA MET B 11 -2.27 -4.25 10.81
C MET B 11 -1.59 -3.71 12.07
N GLN B 12 -0.31 -4.00 12.22
CA GLN B 12 0.45 -3.55 13.38
C GLN B 12 0.30 -2.03 13.56
N ALA B 13 0.39 -1.30 12.46
CA ALA B 13 0.26 0.15 12.50
C ALA B 13 -1.19 0.57 12.70
N LEU B 14 -2.11 -0.31 12.32
CA LEU B 14 -3.54 -0.03 12.44
C LEU B 14 -4.07 -0.58 13.76
N LEU B 15 -3.29 -0.44 14.83
CA LEU B 15 -3.70 -0.92 16.14
C LEU B 15 -4.03 0.25 17.07
N GLY B 16 -3.36 1.38 16.85
CA GLY B 16 -3.58 2.54 17.67
C GLY B 16 -4.81 3.32 17.25
N ALA B 17 -5.13 3.26 15.97
CA ALA B 17 -6.30 3.96 15.44
C ALA B 17 -7.51 3.05 15.37
N ARG B 18 -7.31 1.84 14.85
CA ARG B 18 -8.39 0.88 14.73
C ARG B 18 -8.40 -0.08 15.92
N ALA B 19 -8.56 0.47 17.12
CA ALA B 19 -8.58 -0.33 18.33
C ALA B 19 -9.74 -1.32 18.31
N LYS B 20 -10.95 -0.80 18.43
CA LYS B 20 -12.15 -1.63 18.43
C LYS B 20 -12.88 -1.53 17.10
N MET A 1 -6.24 -5.94 -17.30
CA MET A 1 -6.50 -7.27 -17.87
C MET A 1 -5.84 -8.36 -17.03
N ASP A 2 -4.74 -8.01 -16.37
CA ASP A 2 -4.02 -8.96 -15.55
C ASP A 2 -4.95 -9.63 -14.54
N ASP A 3 -5.31 -10.88 -14.82
CA ASP A 3 -6.20 -11.63 -13.94
C ASP A 3 -5.54 -11.87 -12.59
N ILE A 4 -4.22 -11.96 -12.59
CA ILE A 4 -3.47 -12.18 -11.36
C ILE A 4 -3.87 -11.20 -10.27
N TYR A 5 -4.18 -9.97 -10.68
CA TYR A 5 -4.58 -8.93 -9.74
C TYR A 5 -6.08 -9.02 -9.44
N LYS A 6 -6.83 -9.53 -10.40
CA LYS A 6 -8.28 -9.68 -10.23
C LYS A 6 -8.60 -10.74 -9.19
N ALA A 7 -7.84 -11.83 -9.21
CA ALA A 7 -8.04 -12.92 -8.26
C ALA A 7 -7.48 -12.57 -6.89
N ALA A 8 -6.34 -11.90 -6.87
CA ALA A 8 -5.69 -11.50 -5.63
C ALA A 8 -6.61 -10.59 -4.81
N VAL A 9 -7.40 -9.78 -5.49
CA VAL A 9 -8.32 -8.87 -4.82
C VAL A 9 -9.52 -9.62 -4.25
N GLU A 10 -9.93 -10.68 -4.93
CA GLU A 10 -11.07 -11.48 -4.49
C GLU A 10 -10.68 -12.36 -3.30
N GLN A 11 -9.49 -12.97 -3.38
CA GLN A 11 -9.01 -13.83 -2.32
C GLN A 11 -8.88 -13.06 -1.01
N LEU A 12 -8.84 -11.74 -1.10
CA LEU A 12 -8.73 -10.89 0.08
C LEU A 12 -9.82 -11.20 1.09
N THR A 13 -9.71 -10.61 2.27
CA THR A 13 -10.70 -10.84 3.33
C THR A 13 -11.18 -9.51 3.92
N GLU A 14 -12.25 -9.56 4.69
CA GLU A 14 -12.81 -8.36 5.31
C GLU A 14 -11.73 -7.59 6.07
N GLU A 15 -10.74 -8.32 6.58
CA GLU A 15 -9.65 -7.70 7.33
C GLU A 15 -8.68 -7.00 6.39
N GLN A 16 -8.26 -7.71 5.35
CA GLN A 16 -7.31 -7.16 4.38
C GLN A 16 -7.84 -5.84 3.80
N LYS A 17 -9.13 -5.82 3.49
CA LYS A 17 -9.77 -4.63 2.93
C LYS A 17 -9.93 -3.55 4.01
N ASN A 18 -10.15 -3.99 5.24
CA ASN A 18 -10.33 -3.06 6.35
C ASN A 18 -9.00 -2.38 6.72
N GLU A 19 -7.91 -3.13 6.62
CA GLU A 19 -6.59 -2.61 6.93
C GLU A 19 -6.07 -1.72 5.80
N PHE A 20 -6.53 -2.00 4.59
CA PHE A 20 -6.11 -1.23 3.43
C PHE A 20 -6.91 0.07 3.31
N LYS A 21 -8.12 0.06 3.87
CA LYS A 21 -8.99 1.23 3.84
C LYS A 21 -8.58 2.24 4.91
N ALA A 22 -8.16 1.74 6.06
CA ALA A 22 -7.74 2.60 7.16
C ALA A 22 -6.33 3.13 6.93
N ALA A 23 -5.42 2.25 6.54
CA ALA A 23 -4.04 2.63 6.29
C ALA A 23 -3.97 3.78 5.29
N PHE A 24 -4.93 3.83 4.38
CA PHE A 24 -4.98 4.87 3.36
C PHE A 24 -5.37 6.21 3.98
N ASP A 25 -6.35 6.19 4.87
CA ASP A 25 -6.82 7.40 5.53
C ASP A 25 -5.80 7.89 6.55
N ILE A 26 -5.22 6.96 7.31
CA ILE A 26 -4.23 7.30 8.31
C ILE A 26 -3.00 7.95 7.68
N PHE A 27 -2.69 7.53 6.45
CA PHE A 27 -1.55 8.07 5.73
C PHE A 27 -1.84 9.46 5.18
N VAL A 28 -3.05 9.65 4.66
CA VAL A 28 -3.46 10.93 4.11
C VAL A 28 -4.30 11.71 5.12
N LEU A 29 -4.10 11.43 6.40
CA LEU A 29 -4.84 12.11 7.46
C LEU A 29 -4.69 13.62 7.34
N GLY A 30 -3.54 14.06 6.83
CA GLY A 30 -3.29 15.48 6.69
C GLY A 30 -3.33 15.93 5.24
N ALA A 31 -3.16 14.98 4.33
CA ALA A 31 -3.16 15.28 2.90
C ALA A 31 -4.46 15.96 2.49
N GLU A 32 -4.36 17.20 2.03
CA GLU A 32 -5.53 17.95 1.61
C GLU A 32 -6.02 17.47 0.24
N ASP A 33 -5.09 17.12 -0.64
CA ASP A 33 -5.42 16.64 -1.97
C ASP A 33 -6.13 15.29 -1.90
N GLY A 34 -5.67 14.44 -0.99
CA GLY A 34 -6.25 13.13 -0.84
C GLY A 34 -5.47 12.06 -1.56
N CYS A 35 -4.14 12.16 -1.51
CA CYS A 35 -3.28 11.20 -2.17
C CYS A 35 -2.04 10.92 -1.32
N ILE A 36 -1.32 9.85 -1.68
CA ILE A 36 -0.11 9.48 -0.95
C ILE A 36 1.15 9.86 -1.73
N SER A 37 2.03 10.61 -1.10
CA SER A 37 3.27 11.04 -1.74
C SER A 37 4.39 10.04 -1.48
N THR A 38 5.32 9.95 -2.43
CA THR A 38 6.44 9.03 -2.31
C THR A 38 7.20 9.24 -1.01
N LYS A 39 7.27 10.50 -0.57
CA LYS A 39 7.96 10.83 0.67
C LYS A 39 7.15 10.40 1.88
N GLU A 40 5.83 10.62 1.82
CA GLU A 40 4.94 10.25 2.91
C GLU A 40 4.97 8.75 3.15
N LEU A 41 4.74 7.98 2.09
CA LEU A 41 4.74 6.53 2.19
C LEU A 41 6.02 6.02 2.84
N GLY A 42 7.16 6.49 2.33
CA GLY A 42 8.44 6.07 2.88
C GLY A 42 8.64 6.53 4.31
N LYS A 43 8.19 7.75 4.61
CA LYS A 43 8.31 8.31 5.94
C LYS A 43 7.75 7.35 6.99
N VAL A 44 6.69 6.63 6.63
CA VAL A 44 6.06 5.68 7.53
C VAL A 44 6.89 4.41 7.64
N MET A 45 7.55 4.04 6.55
CA MET A 45 8.37 2.84 6.53
C MET A 45 9.62 3.01 7.40
N ARG A 46 10.11 4.25 7.48
CA ARG A 46 11.29 4.54 8.28
C ARG A 46 11.01 4.31 9.77
N MET A 47 9.83 4.71 10.22
CA MET A 47 9.44 4.54 11.61
C MET A 47 9.00 3.11 11.88
N LEU A 48 8.54 2.43 10.85
CA LEU A 48 8.08 1.05 10.97
C LEU A 48 9.24 0.12 11.33
N GLY A 49 10.32 0.20 10.55
CA GLY A 49 11.48 -0.63 10.80
C GLY A 49 12.44 -0.67 9.64
N GLN A 50 11.89 -0.54 8.42
CA GLN A 50 12.72 -0.55 7.22
C GLN A 50 13.19 0.85 6.86
N ASN A 51 13.81 0.99 5.70
CA ASN A 51 14.32 2.27 5.24
C ASN A 51 14.36 2.34 3.72
N PRO A 52 13.17 2.35 3.10
CA PRO A 52 13.04 2.40 1.64
C PRO A 52 13.46 3.76 1.07
N THR A 53 14.51 3.76 0.25
CA THR A 53 15.02 4.98 -0.35
C THR A 53 13.89 5.77 -1.01
N PRO A 54 14.00 7.11 -0.98
CA PRO A 54 13.01 8.00 -1.57
C PRO A 54 13.00 7.94 -3.10
N GLU A 55 14.14 7.54 -3.67
CA GLU A 55 14.26 7.45 -5.12
C GLU A 55 13.53 6.21 -5.64
N GLU A 56 13.41 5.19 -4.79
CA GLU A 56 12.73 3.95 -5.17
C GLU A 56 11.22 4.14 -5.16
N LEU A 57 10.69 4.68 -4.07
CA LEU A 57 9.26 4.90 -3.94
C LEU A 57 8.73 5.69 -5.13
N GLN A 58 9.39 6.79 -5.45
CA GLN A 58 8.98 7.64 -6.56
C GLN A 58 8.83 6.82 -7.84
N GLU A 59 9.88 6.11 -8.22
CA GLU A 59 9.86 5.29 -9.42
C GLU A 59 8.82 4.17 -9.30
N MET A 60 8.56 3.76 -8.05
CA MET A 60 7.59 2.70 -7.81
C MET A 60 6.17 3.17 -8.10
N ILE A 61 5.79 4.29 -7.49
CA ILE A 61 4.46 4.85 -7.70
C ILE A 61 4.16 5.04 -9.19
N ASP A 62 5.16 5.50 -9.93
CA ASP A 62 5.01 5.72 -11.37
C ASP A 62 4.90 4.40 -12.11
N GLU A 63 5.63 3.39 -11.65
CA GLU A 63 5.62 2.08 -12.27
C GLU A 63 4.31 1.35 -11.97
N VAL A 64 3.66 1.74 -10.88
CA VAL A 64 2.39 1.13 -10.48
C VAL A 64 1.25 2.13 -10.58
N ASP A 65 1.11 2.75 -11.75
CA ASP A 65 0.06 3.73 -11.98
C ASP A 65 -0.87 3.28 -13.11
N GLU A 66 -2.17 3.46 -12.91
CA GLU A 66 -3.15 3.08 -13.91
C GLU A 66 -3.29 4.16 -14.98
N ASP A 67 -3.23 5.42 -14.56
CA ASP A 67 -3.35 6.54 -15.47
C ASP A 67 -2.06 7.35 -15.51
N GLY A 68 -1.14 7.03 -14.60
CA GLY A 68 0.12 7.74 -14.54
C GLY A 68 0.00 9.10 -13.87
N SER A 69 -0.90 9.20 -12.90
CA SER A 69 -1.11 10.44 -12.18
C SER A 69 0.08 10.77 -11.29
N GLY A 70 0.94 9.78 -11.06
CA GLY A 70 2.11 9.98 -10.23
C GLY A 70 1.85 9.63 -8.78
N THR A 71 0.59 9.35 -8.45
CA THR A 71 0.21 9.01 -7.09
C THR A 71 -0.43 7.63 -7.04
N VAL A 72 -0.43 7.02 -5.85
CA VAL A 72 -1.01 5.70 -5.66
C VAL A 72 -2.49 5.81 -5.29
N ASP A 73 -3.34 5.23 -6.13
CA ASP A 73 -4.78 5.26 -5.89
C ASP A 73 -5.20 4.09 -5.00
N PHE A 74 -6.45 4.13 -4.54
CA PHE A 74 -6.98 3.09 -3.67
C PHE A 74 -6.88 1.72 -4.36
N ASP A 75 -6.84 1.74 -5.69
CA ASP A 75 -6.75 0.50 -6.46
C ASP A 75 -5.30 0.11 -6.69
N GLU A 76 -4.51 1.05 -7.19
CA GLU A 76 -3.09 0.81 -7.45
C GLU A 76 -2.37 0.36 -6.18
N TRP A 77 -2.94 0.71 -5.04
CA TRP A 77 -2.34 0.35 -3.75
C TRP A 77 -2.32 -1.16 -3.57
N LEU A 78 -3.46 -1.81 -3.87
CA LEU A 78 -3.56 -3.25 -3.74
C LEU A 78 -2.92 -3.96 -4.92
N VAL A 79 -2.70 -3.21 -6.00
CA VAL A 79 -2.08 -3.77 -7.20
C VAL A 79 -0.60 -4.02 -6.98
N MET A 80 0.05 -3.14 -6.22
CA MET A 80 1.47 -3.28 -5.94
C MET A 80 1.75 -4.57 -5.18
N MET A 81 0.79 -5.01 -4.38
CA MET A 81 0.94 -6.24 -3.61
C MET A 81 1.07 -7.45 -4.53
N VAL A 82 0.11 -7.62 -5.42
CA VAL A 82 0.12 -8.74 -6.36
C VAL A 82 1.20 -8.55 -7.42
N ARG A 83 1.44 -7.30 -7.80
CA ARG A 83 2.44 -6.99 -8.81
C ARG A 83 3.79 -7.55 -8.42
N CYS A 84 4.07 -7.58 -7.12
CA CYS A 84 5.34 -8.09 -6.62
C CYS A 84 5.34 -9.62 -6.60
N MET A 85 4.19 -10.21 -6.28
CA MET A 85 4.06 -11.66 -6.23
C MET A 85 4.14 -12.25 -7.63
N LYS A 86 3.82 -11.44 -8.63
CA LYS A 86 3.84 -11.89 -10.02
C LYS A 86 4.71 -10.96 -10.87
N ASP A 87 5.81 -10.49 -10.29
CA ASP A 87 6.73 -9.60 -10.99
C ASP A 87 7.32 -10.29 -12.22
N ASP A 88 6.99 -9.76 -13.40
CA ASP A 88 7.49 -10.32 -14.65
C ASP A 88 8.71 -9.55 -15.15
N SER A 89 8.58 -8.22 -15.16
CA SER A 89 9.67 -7.36 -15.62
C SER A 89 10.89 -7.48 -14.70
N ARG B 1 6.93 -17.80 -5.67
CA ARG B 1 5.67 -17.82 -4.92
C ARG B 1 5.73 -18.84 -3.79
N ARG B 2 6.03 -18.36 -2.58
CA ARG B 2 6.13 -19.24 -1.42
C ARG B 2 5.31 -18.67 -0.26
N VAL B 3 5.66 -17.47 0.17
CA VAL B 3 4.97 -16.82 1.28
C VAL B 3 4.31 -15.52 0.82
N ARG B 4 3.25 -15.12 1.52
CA ARG B 4 2.53 -13.90 1.19
C ARG B 4 3.27 -12.67 1.73
N ILE B 5 2.92 -11.51 1.20
CA ILE B 5 3.56 -10.26 1.62
C ILE B 5 3.12 -9.89 3.03
N SER B 6 4.04 -9.33 3.80
CA SER B 6 3.75 -8.92 5.18
C SER B 6 2.55 -7.99 5.22
N ALA B 7 1.42 -8.53 5.65
CA ALA B 7 0.19 -7.74 5.75
C ALA B 7 -0.21 -7.52 7.20
N ASP B 8 0.24 -8.41 8.08
CA ASP B 8 -0.06 -8.30 9.50
C ASP B 8 0.86 -7.32 10.18
N ALA B 9 2.06 -7.15 9.63
CA ALA B 9 3.05 -6.22 10.18
C ALA B 9 2.48 -4.82 10.30
N MET B 10 1.98 -4.30 9.18
CA MET B 10 1.41 -2.95 9.15
C MET B 10 0.19 -2.87 10.07
N MET B 11 -0.46 -4.00 10.29
CA MET B 11 -1.64 -4.05 11.15
C MET B 11 -1.32 -3.49 12.53
N GLN B 12 -0.07 -3.56 12.93
CA GLN B 12 0.37 -3.07 14.22
C GLN B 12 -0.09 -1.63 14.44
N ALA B 13 0.26 -0.75 13.51
CA ALA B 13 -0.13 0.65 13.58
C ALA B 13 -1.63 0.80 13.74
N LEU B 14 -2.38 -0.01 12.99
CA LEU B 14 -3.84 0.04 13.04
C LEU B 14 -4.35 -0.30 14.44
N LEU B 15 -3.61 -1.16 15.13
CA LEU B 15 -3.99 -1.57 16.49
C LEU B 15 -3.74 -0.45 17.48
N GLY B 16 -4.58 -0.37 18.51
CA GLY B 16 -4.43 0.66 19.52
C GLY B 16 -5.74 1.36 19.84
N ALA B 17 -6.48 1.73 18.80
CA ALA B 17 -7.76 2.40 18.97
C ALA B 17 -8.75 1.51 19.71
N ARG B 18 -9.21 1.97 20.86
CA ARG B 18 -10.16 1.21 21.67
C ARG B 18 -9.56 -0.12 22.10
N ALA B 19 -8.58 -0.06 22.99
CA ALA B 19 -7.92 -1.26 23.49
C ALA B 19 -8.28 -1.51 24.95
N LYS B 20 -7.97 -0.54 25.80
CA LYS B 20 -8.26 -0.66 27.23
C LYS B 20 -9.74 -0.95 27.47
N MET A 1 -4.38 -10.64 -19.15
CA MET A 1 -2.93 -10.51 -19.11
C MET A 1 -2.44 -10.34 -17.67
N ASP A 2 -3.10 -9.45 -16.93
CA ASP A 2 -2.73 -9.21 -15.54
C ASP A 2 -3.77 -9.79 -14.59
N ASP A 3 -4.01 -11.09 -14.72
CA ASP A 3 -4.98 -11.78 -13.86
C ASP A 3 -4.47 -11.88 -12.43
N ILE A 4 -3.15 -11.89 -12.28
CA ILE A 4 -2.54 -11.99 -10.95
C ILE A 4 -3.10 -10.93 -10.01
N TYR A 5 -3.38 -9.75 -10.55
CA TYR A 5 -3.93 -8.66 -9.75
C TYR A 5 -5.43 -8.84 -9.55
N LYS A 6 -6.10 -9.36 -10.57
CA LYS A 6 -7.55 -9.58 -10.51
C LYS A 6 -7.89 -10.63 -9.45
N ALA A 7 -7.12 -11.72 -9.42
CA ALA A 7 -7.34 -12.78 -8.46
C ALA A 7 -6.82 -12.39 -7.08
N ALA A 8 -5.69 -11.70 -7.05
CA ALA A 8 -5.10 -11.27 -5.79
C ALA A 8 -6.09 -10.42 -4.98
N VAL A 9 -6.94 -9.67 -5.68
CA VAL A 9 -7.92 -8.83 -5.02
C VAL A 9 -9.07 -9.66 -4.46
N GLU A 10 -9.41 -10.74 -5.16
CA GLU A 10 -10.49 -11.62 -4.72
C GLU A 10 -10.04 -12.52 -3.58
N GLN A 11 -8.82 -13.06 -3.70
CA GLN A 11 -8.27 -13.94 -2.68
C GLN A 11 -8.22 -13.24 -1.32
N LEU A 12 -8.24 -11.91 -1.35
CA LEU A 12 -8.21 -11.12 -0.12
C LEU A 12 -9.29 -11.59 0.86
N THR A 13 -9.22 -11.08 2.08
CA THR A 13 -10.19 -11.44 3.11
C THR A 13 -10.86 -10.20 3.70
N GLU A 14 -11.96 -10.42 4.42
CA GLU A 14 -12.68 -9.32 5.03
C GLU A 14 -11.75 -8.43 5.86
N GLU A 15 -10.71 -9.04 6.41
CA GLU A 15 -9.75 -8.30 7.23
C GLU A 15 -8.82 -7.47 6.35
N GLN A 16 -8.40 -8.05 5.24
CA GLN A 16 -7.51 -7.36 4.31
C GLN A 16 -8.11 -6.05 3.83
N LYS A 17 -9.32 -6.14 3.27
CA LYS A 17 -10.01 -4.95 2.78
C LYS A 17 -10.17 -3.91 3.88
N ASN A 18 -10.32 -4.38 5.11
CA ASN A 18 -10.47 -3.48 6.25
C ASN A 18 -9.14 -2.85 6.64
N GLU A 19 -8.07 -3.62 6.50
CA GLU A 19 -6.74 -3.14 6.83
C GLU A 19 -6.21 -2.22 5.74
N PHE A 20 -6.69 -2.41 4.52
CA PHE A 20 -6.25 -1.59 3.38
C PHE A 20 -7.01 -0.27 3.36
N LYS A 21 -8.23 -0.28 3.87
CA LYS A 21 -9.05 0.93 3.91
C LYS A 21 -8.65 1.83 5.06
N ALA A 22 -8.17 1.22 6.14
CA ALA A 22 -7.73 1.96 7.32
C ALA A 22 -6.36 2.58 7.10
N ALA A 23 -5.43 1.78 6.60
CA ALA A 23 -4.07 2.24 6.35
C ALA A 23 -4.07 3.49 5.47
N PHE A 24 -5.06 3.58 4.58
CA PHE A 24 -5.17 4.72 3.67
C PHE A 24 -5.73 5.93 4.41
N ASP A 25 -6.89 5.76 5.03
CA ASP A 25 -7.53 6.84 5.77
C ASP A 25 -6.59 7.43 6.81
N ILE A 26 -5.99 6.56 7.62
CA ILE A 26 -5.06 7.00 8.65
C ILE A 26 -3.93 7.84 8.05
N PHE A 27 -3.56 7.53 6.82
CA PHE A 27 -2.49 8.26 6.14
C PHE A 27 -3.00 9.59 5.61
N VAL A 28 -4.21 9.58 5.08
CA VAL A 28 -4.81 10.80 4.53
C VAL A 28 -5.73 11.46 5.55
N LEU A 29 -5.45 11.23 6.83
CA LEU A 29 -6.24 11.81 7.91
C LEU A 29 -6.29 13.33 7.80
N GLY A 30 -5.15 13.93 7.46
CA GLY A 30 -5.09 15.37 7.32
C GLY A 30 -4.86 15.80 5.88
N ALA A 31 -4.38 14.88 5.06
CA ALA A 31 -4.11 15.18 3.65
C ALA A 31 -5.34 15.80 2.98
N GLU A 32 -5.28 17.11 2.75
CA GLU A 32 -6.38 17.82 2.13
C GLU A 32 -6.66 17.27 0.72
N ASP A 33 -5.63 16.71 0.10
CA ASP A 33 -5.77 16.14 -1.23
C ASP A 33 -6.30 14.72 -1.17
N GLY A 34 -6.05 14.04 -0.05
CA GLY A 34 -6.51 12.67 0.12
C GLY A 34 -5.70 11.69 -0.69
N CYS A 35 -4.39 11.63 -0.41
CA CYS A 35 -3.50 10.73 -1.12
C CYS A 35 -2.20 10.53 -0.35
N ILE A 36 -1.27 9.81 -0.95
CA ILE A 36 0.03 9.56 -0.33
C ILE A 36 1.17 9.91 -1.27
N SER A 37 2.26 10.44 -0.71
CA SER A 37 3.42 10.82 -1.50
C SER A 37 4.60 9.92 -1.20
N THR A 38 5.51 9.78 -2.17
CA THR A 38 6.69 8.94 -2.00
C THR A 38 7.43 9.29 -0.72
N LYS A 39 7.45 10.57 -0.37
CA LYS A 39 8.13 11.03 0.83
C LYS A 39 7.34 10.65 2.08
N GLU A 40 6.02 10.77 2.00
CA GLU A 40 5.16 10.43 3.13
C GLU A 40 5.29 8.95 3.49
N LEU A 41 5.15 8.08 2.50
CA LEU A 41 5.26 6.65 2.72
C LEU A 41 6.61 6.29 3.33
N GLY A 42 7.67 6.90 2.80
CA GLY A 42 9.01 6.63 3.30
C GLY A 42 9.24 7.21 4.69
N LYS A 43 8.57 8.32 4.98
CA LYS A 43 8.70 8.97 6.27
C LYS A 43 8.31 8.02 7.40
N VAL A 44 7.33 7.16 7.14
CA VAL A 44 6.87 6.19 8.12
C VAL A 44 7.85 5.03 8.27
N MET A 45 8.52 4.69 7.18
CA MET A 45 9.49 3.61 7.18
C MET A 45 10.73 4.00 7.97
N ARG A 46 11.02 5.30 8.00
CA ARG A 46 12.18 5.80 8.72
C ARG A 46 11.99 5.66 10.23
N MET A 47 10.78 5.91 10.70
CA MET A 47 10.47 5.83 12.12
C MET A 47 10.26 4.37 12.53
N LEU A 48 9.84 3.54 11.58
CA LEU A 48 9.60 2.12 11.86
C LEU A 48 10.91 1.39 12.12
N GLY A 49 11.96 1.81 11.41
CA GLY A 49 13.27 1.18 11.57
C GLY A 49 13.93 0.87 10.24
N GLN A 50 13.22 1.13 9.15
CA GLN A 50 13.74 0.86 7.82
C GLN A 50 14.25 2.15 7.17
N ASN A 51 14.98 2.01 6.07
CA ASN A 51 15.53 3.15 5.35
C ASN A 51 15.41 2.96 3.85
N PRO A 52 14.16 2.97 3.34
CA PRO A 52 13.89 2.80 1.92
C PRO A 52 14.34 4.00 1.09
N THR A 53 15.23 3.75 0.14
CA THR A 53 15.75 4.82 -0.72
C THR A 53 14.62 5.64 -1.33
N PRO A 54 14.86 6.93 -1.53
CA PRO A 54 13.88 7.85 -2.10
C PRO A 54 13.62 7.57 -3.58
N GLU A 55 14.60 6.97 -4.23
CA GLU A 55 14.47 6.64 -5.66
C GLU A 55 13.55 5.44 -5.86
N GLU A 56 13.48 4.59 -4.85
CA GLU A 56 12.64 3.39 -4.91
C GLU A 56 11.17 3.74 -4.72
N LEU A 57 10.88 4.45 -3.63
CA LEU A 57 9.51 4.85 -3.33
C LEU A 57 8.88 5.58 -4.50
N GLN A 58 9.59 6.59 -5.01
CA GLN A 58 9.11 7.37 -6.14
C GLN A 58 8.86 6.48 -7.36
N GLU A 59 9.90 5.75 -7.76
CA GLU A 59 9.80 4.86 -8.92
C GLU A 59 8.64 3.89 -8.75
N MET A 60 8.40 3.47 -7.51
CA MET A 60 7.32 2.54 -7.21
C MET A 60 5.96 3.14 -7.56
N ILE A 61 5.64 4.28 -6.96
CA ILE A 61 4.38 4.94 -7.21
C ILE A 61 4.17 5.19 -8.70
N ASP A 62 5.25 5.57 -9.39
CA ASP A 62 5.19 5.83 -10.82
C ASP A 62 4.96 4.54 -11.59
N GLU A 63 5.57 3.46 -11.14
CA GLU A 63 5.44 2.16 -11.80
C GLU A 63 4.06 1.55 -11.53
N VAL A 64 3.44 1.99 -10.44
CA VAL A 64 2.11 1.50 -10.06
C VAL A 64 1.08 2.61 -10.13
N ASP A 65 1.04 3.30 -11.27
CA ASP A 65 0.08 4.39 -11.46
C ASP A 65 -0.93 4.04 -12.55
N GLU A 66 -2.18 4.45 -12.34
CA GLU A 66 -3.24 4.17 -13.31
C GLU A 66 -3.21 5.19 -14.45
N ASP A 67 -3.11 6.47 -14.09
CA ASP A 67 -3.07 7.53 -15.09
C ASP A 67 -1.71 8.24 -15.07
N GLY A 68 -0.89 7.91 -14.08
CA GLY A 68 0.42 8.53 -13.98
C GLY A 68 0.36 9.89 -13.32
N SER A 69 -0.65 10.12 -12.50
CA SER A 69 -0.82 11.40 -11.81
C SER A 69 0.26 11.57 -10.74
N GLY A 70 0.93 10.48 -10.39
CA GLY A 70 1.96 10.54 -9.38
C GLY A 70 1.42 10.33 -7.98
N THR A 71 0.22 9.76 -7.89
CA THR A 71 -0.41 9.51 -6.60
C THR A 71 -1.00 8.11 -6.54
N VAL A 72 -0.88 7.47 -5.38
CA VAL A 72 -1.40 6.12 -5.18
C VAL A 72 -2.85 6.16 -4.71
N ASP A 73 -3.74 5.56 -5.50
CA ASP A 73 -5.15 5.53 -5.15
C ASP A 73 -5.50 4.23 -4.40
N PHE A 74 -6.75 4.13 -3.96
CA PHE A 74 -7.20 2.95 -3.23
C PHE A 74 -7.03 1.69 -4.07
N ASP A 75 -7.05 1.86 -5.39
CA ASP A 75 -6.89 0.73 -6.30
C ASP A 75 -5.41 0.45 -6.57
N GLU A 76 -4.65 1.50 -6.84
CA GLU A 76 -3.23 1.37 -7.12
C GLU A 76 -2.49 0.80 -5.91
N TRP A 77 -3.11 0.93 -4.74
CA TRP A 77 -2.52 0.44 -3.50
C TRP A 77 -2.68 -1.08 -3.39
N LEU A 78 -3.81 -1.58 -3.88
CA LEU A 78 -4.10 -3.01 -3.84
C LEU A 78 -3.31 -3.76 -4.90
N VAL A 79 -3.12 -3.12 -6.05
CA VAL A 79 -2.37 -3.72 -7.15
C VAL A 79 -0.87 -3.66 -6.89
N MET A 80 -0.44 -2.65 -6.16
CA MET A 80 0.97 -2.48 -5.84
C MET A 80 1.47 -3.62 -4.95
N MET A 81 0.57 -4.18 -4.15
CA MET A 81 0.92 -5.27 -3.26
C MET A 81 1.20 -6.54 -4.05
N VAL A 82 0.23 -6.95 -4.87
CA VAL A 82 0.38 -8.16 -5.68
C VAL A 82 1.55 -8.04 -6.65
N ARG A 83 1.71 -6.85 -7.22
CA ARG A 83 2.78 -6.60 -8.17
C ARG A 83 4.13 -7.00 -7.58
N CYS A 84 4.26 -6.84 -6.26
CA CYS A 84 5.51 -7.18 -5.57
C CYS A 84 5.56 -8.67 -5.26
N MET A 85 4.42 -9.24 -4.91
CA MET A 85 4.34 -10.66 -4.60
C MET A 85 4.58 -11.51 -5.84
N LYS A 86 4.35 -10.92 -7.01
CA LYS A 86 4.54 -11.62 -8.28
C LYS A 86 5.40 -10.80 -9.23
N ASP A 87 6.38 -10.10 -8.68
CA ASP A 87 7.29 -9.28 -9.48
C ASP A 87 8.24 -10.14 -10.30
N ASP A 88 8.23 -9.95 -11.61
CA ASP A 88 9.10 -10.71 -12.50
C ASP A 88 10.14 -9.80 -13.16
N SER A 89 9.80 -8.53 -13.29
CA SER A 89 10.70 -7.56 -13.91
C SER A 89 10.94 -6.38 -12.97
N ARG B 1 -3.32 -18.49 -1.32
CA ARG B 1 -1.92 -18.21 -1.60
C ARG B 1 -1.16 -17.92 -0.31
N ARG B 2 0.17 -17.89 -0.41
CA ARG B 2 1.01 -17.63 0.75
C ARG B 2 1.35 -16.14 0.85
N VAL B 3 1.45 -15.65 2.08
CA VAL B 3 1.77 -14.24 2.30
C VAL B 3 3.26 -13.97 2.11
N ARG B 4 3.57 -12.96 1.31
CA ARG B 4 4.96 -12.61 1.04
C ARG B 4 5.24 -11.17 1.45
N ILE B 5 4.28 -10.28 1.19
CA ILE B 5 4.43 -8.87 1.54
C ILE B 5 4.62 -8.69 3.04
N SER B 6 5.53 -7.80 3.41
CA SER B 6 5.81 -7.53 4.81
C SER B 6 4.88 -6.45 5.36
N ALA B 7 3.58 -6.66 5.19
CA ALA B 7 2.59 -5.71 5.66
C ALA B 7 2.25 -5.96 7.13
N ASP B 8 2.44 -7.19 7.57
CA ASP B 8 2.15 -7.56 8.95
C ASP B 8 2.88 -6.65 9.93
N ALA B 9 4.12 -6.29 9.59
CA ALA B 9 4.93 -5.42 10.43
C ALA B 9 4.30 -4.04 10.55
N MET B 10 4.04 -3.41 9.40
CA MET B 10 3.44 -2.08 9.38
C MET B 10 2.03 -2.10 9.95
N MET B 11 1.40 -3.27 9.90
CA MET B 11 0.04 -3.43 10.42
C MET B 11 -0.02 -3.03 11.89
N GLN B 12 1.11 -3.10 12.58
CA GLN B 12 1.18 -2.74 13.98
C GLN B 12 0.68 -1.32 14.20
N ALA B 13 0.89 -0.46 13.21
CA ALA B 13 0.46 0.93 13.30
C ALA B 13 -1.06 1.03 13.36
N LEU B 14 -1.73 -0.05 12.99
CA LEU B 14 -3.19 -0.08 13.00
C LEU B 14 -3.71 -1.02 14.08
N LEU B 15 -2.97 -2.10 14.32
CA LEU B 15 -3.35 -3.07 15.34
C LEU B 15 -2.70 -2.75 16.68
N GLY B 16 -3.52 -2.29 17.62
CA GLY B 16 -3.01 -1.95 18.94
C GLY B 16 -3.81 -0.83 19.60
N ALA B 17 -3.77 0.35 18.98
CA ALA B 17 -4.48 1.50 19.51
C ALA B 17 -5.98 1.23 19.59
N ARG B 18 -6.59 0.94 18.45
CA ARG B 18 -8.01 0.65 18.39
C ARG B 18 -8.27 -0.86 18.32
N ALA B 19 -8.06 -1.53 19.45
CA ALA B 19 -8.27 -2.97 19.51
C ALA B 19 -9.43 -3.32 20.44
N LYS B 20 -9.61 -2.50 21.48
CA LYS B 20 -10.67 -2.72 22.45
C LYS B 20 -12.04 -2.52 21.81
N MET A 1 -2.17 -3.94 -14.21
CA MET A 1 -2.84 -4.41 -15.42
C MET A 1 -2.55 -5.89 -15.67
N ASP A 2 -2.29 -6.62 -14.59
CA ASP A 2 -2.00 -8.04 -14.68
C ASP A 2 -3.06 -8.87 -13.97
N ASP A 3 -2.99 -10.19 -14.12
CA ASP A 3 -3.95 -11.08 -13.48
C ASP A 3 -3.54 -11.38 -12.04
N ILE A 4 -2.24 -11.41 -11.79
CA ILE A 4 -1.73 -11.68 -10.45
C ILE A 4 -2.35 -10.75 -9.42
N TYR A 5 -2.70 -9.54 -9.86
CA TYR A 5 -3.30 -8.56 -8.98
C TYR A 5 -4.79 -8.84 -8.78
N LYS A 6 -5.45 -9.25 -9.86
CA LYS A 6 -6.88 -9.56 -9.81
C LYS A 6 -7.15 -10.68 -8.80
N ALA A 7 -6.33 -11.71 -8.83
CA ALA A 7 -6.48 -12.83 -7.91
C ALA A 7 -5.97 -12.48 -6.51
N ALA A 8 -5.06 -11.53 -6.45
CA ALA A 8 -4.50 -11.10 -5.17
C ALA A 8 -5.47 -10.20 -4.42
N VAL A 9 -6.16 -9.33 -5.14
CA VAL A 9 -7.12 -8.42 -4.55
C VAL A 9 -8.41 -9.15 -4.16
N GLU A 10 -8.76 -10.16 -4.95
CA GLU A 10 -9.96 -10.94 -4.68
C GLU A 10 -9.75 -11.88 -3.50
N GLN A 11 -8.59 -12.53 -3.45
CA GLN A 11 -8.26 -13.46 -2.38
C GLN A 11 -8.31 -12.76 -1.02
N LEU A 12 -8.23 -11.44 -1.05
CA LEU A 12 -8.27 -10.65 0.18
C LEU A 12 -9.54 -10.93 0.98
N THR A 13 -9.65 -10.33 2.16
CA THR A 13 -10.82 -10.52 3.00
C THR A 13 -11.56 -9.20 3.22
N GLU A 14 -12.81 -9.30 3.67
CA GLU A 14 -13.62 -8.11 3.91
C GLU A 14 -12.90 -7.14 4.84
N GLU A 15 -12.04 -7.67 5.70
CA GLU A 15 -11.29 -6.85 6.64
C GLU A 15 -10.15 -6.13 5.93
N GLN A 16 -9.58 -6.77 4.92
CA GLN A 16 -8.48 -6.19 4.16
C GLN A 16 -8.94 -4.93 3.43
N LYS A 17 -9.98 -5.07 2.61
CA LYS A 17 -10.51 -3.95 1.85
C LYS A 17 -10.85 -2.78 2.77
N ASN A 18 -11.36 -3.09 3.95
CA ASN A 18 -11.74 -2.06 4.92
C ASN A 18 -10.49 -1.49 5.58
N GLU A 19 -9.47 -2.32 5.77
CA GLU A 19 -8.24 -1.90 6.39
C GLU A 19 -7.39 -1.07 5.43
N PHE A 20 -7.63 -1.26 4.14
CA PHE A 20 -6.89 -0.54 3.11
C PHE A 20 -7.37 0.91 3.00
N LYS A 21 -8.68 1.09 2.97
CA LYS A 21 -9.27 2.42 2.88
C LYS A 21 -8.92 3.26 4.09
N ALA A 22 -8.67 2.59 5.22
CA ALA A 22 -8.31 3.27 6.46
C ALA A 22 -6.92 3.88 6.37
N ALA A 23 -6.05 3.25 5.59
CA ALA A 23 -4.68 3.73 5.43
C ALA A 23 -4.65 4.97 4.55
N PHE A 24 -5.61 5.08 3.64
CA PHE A 24 -5.68 6.22 2.74
C PHE A 24 -5.70 7.54 3.52
N ASP A 25 -6.64 7.65 4.45
CA ASP A 25 -6.77 8.85 5.27
C ASP A 25 -5.47 9.13 6.01
N ILE A 26 -4.80 8.08 6.47
CA ILE A 26 -3.55 8.22 7.19
C ILE A 26 -2.45 8.75 6.28
N PHE A 27 -2.30 8.13 5.11
CA PHE A 27 -1.27 8.54 4.15
C PHE A 27 -1.54 9.96 3.65
N VAL A 28 -2.83 10.31 3.53
CA VAL A 28 -3.21 11.63 3.07
C VAL A 28 -3.47 12.58 4.24
N LEU A 29 -2.82 12.30 5.36
CA LEU A 29 -2.98 13.13 6.56
C LEU A 29 -2.57 14.57 6.28
N GLY A 30 -1.74 14.76 5.25
CA GLY A 30 -1.29 16.10 4.90
C GLY A 30 -1.20 16.30 3.40
N ALA A 31 -1.85 15.42 2.65
CA ALA A 31 -1.83 15.50 1.19
C ALA A 31 -3.09 16.19 0.67
N GLU A 32 -3.00 17.51 0.47
CA GLU A 32 -4.13 18.28 -0.03
C GLU A 32 -4.68 17.67 -1.32
N ASP A 33 -3.82 17.00 -2.07
CA ASP A 33 -4.23 16.37 -3.32
C ASP A 33 -5.27 15.29 -3.07
N GLY A 34 -5.12 14.58 -1.95
CA GLY A 34 -6.05 13.52 -1.62
C GLY A 34 -5.56 12.15 -2.04
N CYS A 35 -4.25 11.95 -1.95
CA CYS A 35 -3.63 10.68 -2.33
C CYS A 35 -2.41 10.38 -1.47
N ILE A 36 -1.69 9.31 -1.82
CA ILE A 36 -0.51 8.93 -1.07
C ILE A 36 0.68 9.81 -1.44
N SER A 37 1.58 10.03 -0.49
CA SER A 37 2.75 10.86 -0.71
C SER A 37 4.03 10.08 -0.41
N THR A 38 5.00 10.17 -1.33
CA THR A 38 6.26 9.47 -1.17
C THR A 38 6.91 9.81 0.17
N LYS A 39 6.60 10.97 0.71
CA LYS A 39 7.15 11.40 1.99
C LYS A 39 6.49 10.65 3.14
N GLU A 40 5.18 10.45 3.04
CA GLU A 40 4.43 9.74 4.07
C GLU A 40 4.65 8.24 3.97
N LEU A 41 4.68 7.74 2.74
CA LEU A 41 4.88 6.31 2.50
C LEU A 41 6.14 5.82 3.21
N GLY A 42 7.16 6.67 3.26
CA GLY A 42 8.40 6.30 3.91
C GLY A 42 8.28 6.27 5.42
N LYS A 43 7.29 6.99 5.95
CA LYS A 43 7.07 7.04 7.39
C LYS A 43 6.59 5.69 7.91
N VAL A 44 5.85 4.95 7.08
CA VAL A 44 5.34 3.64 7.46
C VAL A 44 6.43 2.59 7.39
N MET A 45 7.37 2.77 6.47
CA MET A 45 8.47 1.83 6.31
C MET A 45 9.45 1.91 7.48
N ARG A 46 9.52 3.09 8.10
CA ARG A 46 10.41 3.30 9.23
C ARG A 46 9.93 2.55 10.46
N MET A 47 8.61 2.43 10.58
CA MET A 47 8.00 1.73 11.72
C MET A 47 7.95 0.22 11.45
N LEU A 48 7.97 -0.15 10.18
CA LEU A 48 7.93 -1.56 9.80
C LEU A 48 9.23 -2.27 10.15
N GLY A 49 10.31 -1.49 10.24
CA GLY A 49 11.61 -2.06 10.58
C GLY A 49 12.61 -1.90 9.46
N GLN A 50 12.30 -1.02 8.51
CA GLN A 50 13.19 -0.77 7.37
C GLN A 50 13.39 0.72 7.15
N ASN A 51 14.07 1.07 6.07
CA ASN A 51 14.33 2.46 5.74
C ASN A 51 14.65 2.63 4.26
N PRO A 52 13.62 2.40 3.42
CA PRO A 52 13.76 2.53 1.96
C PRO A 52 13.95 3.97 1.51
N THR A 53 14.89 4.18 0.60
CA THR A 53 15.16 5.52 0.08
C THR A 53 13.89 6.20 -0.39
N PRO A 54 13.82 7.53 -0.23
CA PRO A 54 12.66 8.33 -0.63
C PRO A 54 12.52 8.42 -2.15
N GLU A 55 13.61 8.15 -2.86
CA GLU A 55 13.61 8.21 -4.31
C GLU A 55 12.91 6.98 -4.90
N GLU A 56 12.89 5.89 -4.13
CA GLU A 56 12.26 4.66 -4.58
C GLU A 56 10.73 4.76 -4.48
N LEU A 57 10.25 5.25 -3.35
CA LEU A 57 8.82 5.40 -3.12
C LEU A 57 8.17 6.19 -4.25
N GLN A 58 8.74 7.35 -4.55
CA GLN A 58 8.22 8.20 -5.62
C GLN A 58 8.09 7.42 -6.92
N GLU A 59 9.02 6.52 -7.17
CA GLU A 59 9.01 5.71 -8.38
C GLU A 59 7.88 4.69 -8.33
N MET A 60 7.78 3.98 -7.21
CA MET A 60 6.75 2.96 -7.04
C MET A 60 5.37 3.54 -7.35
N ILE A 61 5.16 4.80 -6.99
CA ILE A 61 3.89 5.47 -7.23
C ILE A 61 3.50 5.39 -8.71
N ASP A 62 4.44 5.77 -9.57
CA ASP A 62 4.19 5.75 -11.01
C ASP A 62 4.14 4.32 -11.53
N GLU A 63 5.07 3.49 -11.07
CA GLU A 63 5.12 2.09 -11.49
C GLU A 63 3.80 1.38 -11.22
N VAL A 64 3.06 1.88 -10.23
CA VAL A 64 1.77 1.32 -9.87
C VAL A 64 0.64 2.01 -10.60
N ASP A 65 0.84 3.28 -10.93
CA ASP A 65 -0.17 4.08 -11.63
C ASP A 65 -0.66 3.34 -12.88
N GLU A 66 -1.96 3.13 -12.96
CA GLU A 66 -2.55 2.44 -14.10
C GLU A 66 -2.70 3.39 -15.29
N ASP A 67 -3.09 4.62 -15.01
CA ASP A 67 -3.26 5.63 -16.05
C ASP A 67 -2.11 6.63 -16.04
N GLY A 68 -1.27 6.55 -15.01
CA GLY A 68 -0.14 7.46 -14.91
C GLY A 68 -0.55 8.81 -14.36
N SER A 69 -1.56 8.83 -13.51
CA SER A 69 -2.04 10.07 -12.92
C SER A 69 -1.04 10.62 -11.90
N GLY A 70 -0.10 9.77 -11.50
CA GLY A 70 0.91 10.19 -10.55
C GLY A 70 0.42 10.11 -9.12
N THR A 71 -0.65 9.35 -8.90
CA THR A 71 -1.22 9.19 -7.57
C THR A 71 -1.77 7.78 -7.37
N VAL A 72 -1.69 7.29 -6.14
CA VAL A 72 -2.18 5.95 -5.82
C VAL A 72 -3.65 5.99 -5.41
N ASP A 73 -4.52 5.44 -6.26
CA ASP A 73 -5.95 5.41 -5.99
C ASP A 73 -6.29 4.32 -5.00
N PHE A 74 -7.54 4.31 -4.53
CA PHE A 74 -7.99 3.31 -3.57
C PHE A 74 -7.81 1.90 -4.13
N ASP A 75 -7.80 1.79 -5.45
CA ASP A 75 -7.64 0.50 -6.11
C ASP A 75 -6.17 0.22 -6.38
N GLU A 76 -5.47 1.22 -6.89
CA GLU A 76 -4.04 1.07 -7.20
C GLU A 76 -3.24 0.79 -5.93
N TRP A 77 -3.78 1.19 -4.79
CA TRP A 77 -3.11 0.97 -3.52
C TRP A 77 -2.90 -0.52 -3.26
N LEU A 78 -3.83 -1.33 -3.73
CA LEU A 78 -3.75 -2.78 -3.55
C LEU A 78 -2.78 -3.39 -4.56
N VAL A 79 -2.53 -2.67 -5.65
CA VAL A 79 -1.63 -3.14 -6.69
C VAL A 79 -0.19 -3.22 -6.19
N MET A 80 0.24 -2.16 -5.49
CA MET A 80 1.59 -2.11 -4.94
C MET A 80 1.85 -3.28 -4.01
N MET A 81 0.79 -3.78 -3.37
CA MET A 81 0.90 -4.90 -2.44
C MET A 81 1.29 -6.18 -3.19
N VAL A 82 0.49 -6.52 -4.20
CA VAL A 82 0.74 -7.72 -4.99
C VAL A 82 1.99 -7.57 -5.85
N ARG A 83 2.20 -6.36 -6.36
CA ARG A 83 3.36 -6.07 -7.20
C ARG A 83 4.66 -6.38 -6.46
N CYS A 84 4.63 -6.23 -5.14
CA CYS A 84 5.80 -6.49 -4.32
C CYS A 84 5.98 -8.00 -4.08
N MET A 85 4.86 -8.72 -4.07
CA MET A 85 4.89 -10.16 -3.85
C MET A 85 5.33 -10.89 -5.12
N LYS A 86 5.16 -10.23 -6.26
CA LYS A 86 5.53 -10.82 -7.54
C LYS A 86 6.24 -9.80 -8.42
N ASP A 87 7.10 -8.99 -7.81
CA ASP A 87 7.85 -7.96 -8.54
C ASP A 87 8.59 -8.57 -9.71
N ASP A 88 8.33 -8.05 -10.91
CA ASP A 88 8.98 -8.54 -12.12
C ASP A 88 10.47 -8.21 -12.10
N SER A 89 10.79 -6.96 -11.81
CA SER A 89 12.18 -6.51 -11.77
C SER A 89 12.95 -7.26 -10.68
N ARG B 1 -2.01 -21.53 -4.47
CA ARG B 1 -1.40 -21.28 -3.17
C ARG B 1 -1.30 -19.78 -2.89
N ARG B 2 -1.81 -19.36 -1.74
CA ARG B 2 -1.78 -17.96 -1.36
C ARG B 2 -0.47 -17.61 -0.64
N VAL B 3 -0.01 -16.39 -0.84
CA VAL B 3 1.23 -15.94 -0.21
C VAL B 3 1.04 -14.58 0.46
N ARG B 4 2.05 -14.15 1.21
CA ARG B 4 2.00 -12.87 1.90
C ARG B 4 3.40 -12.36 2.22
N ILE B 5 3.62 -11.07 2.03
CA ILE B 5 4.92 -10.46 2.29
C ILE B 5 4.92 -9.75 3.64
N SER B 6 4.45 -10.45 4.67
CA SER B 6 4.40 -9.88 6.01
C SER B 6 3.47 -8.68 6.06
N ALA B 7 2.46 -8.68 5.21
CA ALA B 7 1.49 -7.59 5.15
C ALA B 7 0.82 -7.39 6.51
N ASP B 8 0.79 -8.45 7.31
CA ASP B 8 0.17 -8.38 8.63
C ASP B 8 0.74 -7.23 9.43
N ALA B 9 1.99 -6.88 9.16
CA ALA B 9 2.65 -5.79 9.87
C ALA B 9 1.96 -4.46 9.59
N MET B 10 1.52 -4.26 8.36
CA MET B 10 0.83 -3.04 7.97
C MET B 10 -0.42 -2.83 8.81
N MET B 11 -1.12 -3.92 9.11
CA MET B 11 -2.34 -3.84 9.91
C MET B 11 -2.06 -3.22 11.27
N GLN B 12 -0.87 -3.45 11.79
CA GLN B 12 -0.48 -2.91 13.09
C GLN B 12 -0.53 -1.39 13.08
N ALA B 13 -0.34 -0.80 11.90
CA ALA B 13 -0.38 0.65 11.77
C ALA B 13 -1.72 1.21 12.21
N LEU B 14 -2.76 0.39 12.13
CA LEU B 14 -4.10 0.80 12.51
C LEU B 14 -4.34 0.56 14.01
N LEU B 15 -4.07 -0.66 14.45
CA LEU B 15 -4.25 -1.02 15.86
C LEU B 15 -2.96 -0.80 16.64
N GLY B 16 -2.34 0.36 16.44
CA GLY B 16 -1.12 0.67 17.15
C GLY B 16 -0.81 2.16 17.14
N ALA B 17 -0.02 2.60 16.15
CA ALA B 17 0.34 4.00 16.04
C ALA B 17 0.94 4.52 17.34
N ARG B 18 1.84 3.74 17.93
CA ARG B 18 2.48 4.12 19.18
C ARG B 18 1.46 4.26 20.31
N ALA B 19 0.40 3.45 20.23
CA ALA B 19 -0.65 3.48 21.24
C ALA B 19 -1.24 2.09 21.45
N LYS B 20 -1.58 1.77 22.69
CA LYS B 20 -2.16 0.47 23.03
C LYS B 20 -3.63 0.43 22.64
N MET A 1 -6.71 -5.11 -15.76
CA MET A 1 -6.30 -6.05 -16.79
C MET A 1 -5.73 -7.32 -16.18
N ASP A 2 -4.80 -7.15 -15.24
CA ASP A 2 -4.17 -8.27 -14.56
C ASP A 2 -5.15 -8.99 -13.64
N ASP A 3 -5.13 -10.31 -13.67
CA ASP A 3 -6.02 -11.11 -12.84
C ASP A 3 -5.46 -11.27 -11.43
N ILE A 4 -4.13 -11.30 -11.33
CA ILE A 4 -3.46 -11.45 -10.05
C ILE A 4 -3.98 -10.42 -9.04
N TYR A 5 -4.29 -9.23 -9.53
CA TYR A 5 -4.80 -8.16 -8.67
C TYR A 5 -6.28 -8.35 -8.39
N LYS A 6 -7.02 -8.76 -9.41
CA LYS A 6 -8.45 -8.98 -9.28
C LYS A 6 -8.75 -10.04 -8.22
N ALA A 7 -8.00 -11.13 -8.25
CA ALA A 7 -8.18 -12.21 -7.30
C ALA A 7 -7.58 -11.85 -5.94
N ALA A 8 -6.43 -11.19 -5.96
CA ALA A 8 -5.76 -10.78 -4.73
C ALA A 8 -6.67 -9.91 -3.88
N VAL A 9 -7.49 -9.09 -4.53
CA VAL A 9 -8.41 -8.21 -3.82
C VAL A 9 -9.59 -8.98 -3.26
N GLU A 10 -10.00 -10.03 -3.96
CA GLU A 10 -11.13 -10.86 -3.53
C GLU A 10 -10.70 -11.77 -2.38
N GLN A 11 -9.52 -12.36 -2.51
CA GLN A 11 -9.01 -13.26 -1.48
C GLN A 11 -8.92 -12.58 -0.13
N LEU A 12 -8.90 -11.24 -0.15
CA LEU A 12 -8.83 -10.45 1.07
C LEU A 12 -9.98 -10.79 2.01
N THR A 13 -9.97 -10.19 3.19
CA THR A 13 -11.01 -10.42 4.18
C THR A 13 -11.69 -9.12 4.57
N GLU A 14 -12.88 -9.23 5.16
CA GLU A 14 -13.64 -8.06 5.58
C GLU A 14 -12.79 -7.15 6.46
N GLU A 15 -11.84 -7.75 7.17
CA GLU A 15 -10.96 -6.99 8.05
C GLU A 15 -9.92 -6.23 7.25
N GLN A 16 -9.33 -6.90 6.27
CA GLN A 16 -8.31 -6.27 5.43
C GLN A 16 -8.87 -5.05 4.71
N LYS A 17 -9.98 -5.24 4.00
CA LYS A 17 -10.62 -4.16 3.26
C LYS A 17 -10.94 -3.00 4.18
N ASN A 18 -11.23 -3.31 5.45
CA ASN A 18 -11.55 -2.28 6.43
C ASN A 18 -10.34 -1.43 6.77
N GLU A 19 -9.23 -2.10 7.08
CA GLU A 19 -7.99 -1.42 7.43
C GLU A 19 -7.34 -0.82 6.18
N PHE A 20 -7.76 -1.30 5.01
CA PHE A 20 -7.22 -0.81 3.75
C PHE A 20 -7.73 0.59 3.44
N LYS A 21 -9.00 0.84 3.77
CA LYS A 21 -9.62 2.14 3.52
C LYS A 21 -9.24 3.13 4.62
N ALA A 22 -8.93 2.61 5.81
CA ALA A 22 -8.56 3.44 6.94
C ALA A 22 -7.16 4.02 6.75
N ALA A 23 -6.20 3.15 6.49
CA ALA A 23 -4.81 3.57 6.28
C ALA A 23 -4.73 4.64 5.20
N PHE A 24 -5.44 4.43 4.10
CA PHE A 24 -5.43 5.37 2.99
C PHE A 24 -5.79 6.78 3.46
N ASP A 25 -6.93 6.89 4.15
CA ASP A 25 -7.37 8.18 4.67
C ASP A 25 -6.34 8.79 5.60
N ILE A 26 -5.81 7.98 6.51
CA ILE A 26 -4.81 8.43 7.46
C ILE A 26 -3.57 8.94 6.74
N PHE A 27 -3.20 8.27 5.66
CA PHE A 27 -2.03 8.65 4.87
C PHE A 27 -2.24 10.01 4.21
N VAL A 28 -3.47 10.31 3.84
CA VAL A 28 -3.80 11.57 3.21
C VAL A 28 -4.63 12.46 4.14
N LEU A 29 -4.47 12.25 5.44
CA LEU A 29 -5.20 13.03 6.43
C LEU A 29 -4.74 14.48 6.43
N GLY A 30 -3.50 14.70 6.00
CA GLY A 30 -2.97 16.06 5.94
C GLY A 30 -2.89 16.59 4.52
N ALA A 31 -2.88 15.68 3.55
CA ALA A 31 -2.80 16.07 2.16
C ALA A 31 -4.00 16.91 1.74
N GLU A 32 -3.74 18.00 1.02
CA GLU A 32 -4.81 18.89 0.57
C GLU A 32 -5.43 18.39 -0.73
N ASP A 33 -4.64 17.65 -1.50
CA ASP A 33 -5.10 17.10 -2.78
C ASP A 33 -5.73 15.72 -2.58
N GLY A 34 -5.31 15.03 -1.53
CA GLY A 34 -5.84 13.71 -1.26
C GLY A 34 -5.09 12.61 -1.98
N CYS A 35 -3.76 12.71 -1.97
CA CYS A 35 -2.92 11.72 -2.64
C CYS A 35 -1.73 11.34 -1.76
N ILE A 36 -1.01 10.31 -2.18
CA ILE A 36 0.15 9.84 -1.43
C ILE A 36 1.42 9.95 -2.26
N SER A 37 2.44 10.60 -1.71
CA SER A 37 3.71 10.77 -2.41
C SER A 37 4.77 9.82 -1.87
N THR A 38 5.75 9.49 -2.70
CA THR A 38 6.82 8.59 -2.31
C THR A 38 7.51 9.07 -1.03
N LYS A 39 7.58 10.39 -0.86
CA LYS A 39 8.20 10.97 0.32
C LYS A 39 7.40 10.65 1.57
N GLU A 40 6.09 10.76 1.47
CA GLU A 40 5.21 10.48 2.61
C GLU A 40 5.07 8.97 2.83
N LEU A 41 5.11 8.21 1.74
CA LEU A 41 4.99 6.76 1.81
C LEU A 41 6.16 6.16 2.58
N GLY A 42 7.34 6.72 2.39
CA GLY A 42 8.53 6.23 3.08
C GLY A 42 8.55 6.62 4.55
N LYS A 43 7.78 7.64 4.90
CA LYS A 43 7.71 8.11 6.28
C LYS A 43 6.99 7.09 7.17
N VAL A 44 6.03 6.39 6.59
CA VAL A 44 5.27 5.38 7.32
C VAL A 44 6.09 4.11 7.53
N MET A 45 6.98 3.83 6.57
CA MET A 45 7.82 2.65 6.66
C MET A 45 8.87 2.80 7.75
N ARG A 46 9.37 4.02 7.94
CA ARG A 46 10.37 4.29 8.96
C ARG A 46 9.83 3.99 10.35
N MET A 47 8.56 4.31 10.57
CA MET A 47 7.92 4.07 11.86
C MET A 47 7.46 2.62 11.97
N LEU A 48 7.25 1.98 10.83
CA LEU A 48 6.80 0.59 10.79
C LEU A 48 7.89 -0.34 11.32
N GLY A 49 9.15 0.07 11.18
CA GLY A 49 10.25 -0.73 11.65
C GLY A 49 11.20 -1.12 10.53
N GLN A 50 11.12 -0.41 9.41
CA GLN A 50 11.99 -0.68 8.26
C GLN A 50 12.55 0.62 7.69
N ASN A 51 13.21 0.51 6.54
CA ASN A 51 13.81 1.68 5.89
C ASN A 51 14.02 1.42 4.41
N PRO A 52 12.93 1.37 3.64
CA PRO A 52 12.97 1.13 2.20
C PRO A 52 13.57 2.31 1.44
N THR A 53 14.50 2.01 0.53
CA THR A 53 15.15 3.04 -0.26
C THR A 53 14.12 3.97 -0.91
N PRO A 54 14.49 5.25 -1.06
CA PRO A 54 13.62 6.25 -1.66
C PRO A 54 13.42 6.04 -3.15
N GLU A 55 14.39 5.39 -3.78
CA GLU A 55 14.34 5.12 -5.21
C GLU A 55 13.35 3.99 -5.51
N GLU A 56 13.09 3.15 -4.51
CA GLU A 56 12.17 2.03 -4.67
C GLU A 56 10.72 2.52 -4.64
N LEU A 57 10.40 3.32 -3.63
CA LEU A 57 9.05 3.85 -3.49
C LEU A 57 8.59 4.54 -4.77
N GLN A 58 9.42 5.45 -5.27
CA GLN A 58 9.11 6.19 -6.50
C GLN A 58 8.75 5.22 -7.62
N GLU A 59 9.40 4.06 -7.63
CA GLU A 59 9.15 3.06 -8.67
C GLU A 59 7.81 2.36 -8.44
N MET A 60 7.44 2.22 -7.16
CA MET A 60 6.19 1.57 -6.81
C MET A 60 4.99 2.39 -7.31
N ILE A 61 4.99 3.67 -6.98
CA ILE A 61 3.91 4.56 -7.41
C ILE A 61 3.80 4.62 -8.92
N ASP A 62 4.94 4.70 -9.59
CA ASP A 62 4.96 4.76 -11.05
C ASP A 62 4.54 3.43 -11.65
N GLU A 63 4.92 2.34 -10.99
CA GLU A 63 4.59 1.00 -11.47
C GLU A 63 3.11 0.71 -11.28
N VAL A 64 2.54 1.25 -10.21
CA VAL A 64 1.12 1.05 -9.91
C VAL A 64 0.25 2.03 -10.71
N ASP A 65 0.85 3.12 -11.14
CA ASP A 65 0.13 4.14 -11.91
C ASP A 65 -0.58 3.50 -13.10
N GLU A 66 -1.90 3.37 -12.99
CA GLU A 66 -2.70 2.77 -14.06
C GLU A 66 -3.02 3.80 -15.13
N ASP A 67 -3.21 5.05 -14.71
CA ASP A 67 -3.52 6.12 -15.65
C ASP A 67 -2.33 7.08 -15.79
N GLY A 68 -1.33 6.90 -14.94
CA GLY A 68 -0.15 7.75 -14.98
C GLY A 68 -0.37 9.08 -14.28
N SER A 69 -1.20 9.06 -13.24
CA SER A 69 -1.49 10.27 -12.48
C SER A 69 -0.31 10.67 -11.60
N GLY A 70 0.61 9.73 -11.41
CA GLY A 70 1.78 10.00 -10.59
C GLY A 70 1.54 9.70 -9.12
N THR A 71 0.27 9.47 -8.77
CA THR A 71 -0.09 9.17 -7.39
C THR A 71 -0.80 7.83 -7.28
N VAL A 72 -1.05 7.39 -6.05
CA VAL A 72 -1.73 6.11 -5.82
C VAL A 72 -3.17 6.33 -5.41
N ASP A 73 -4.10 5.92 -6.28
CA ASP A 73 -5.52 6.06 -6.01
C ASP A 73 -5.97 5.08 -4.94
N PHE A 74 -7.27 5.08 -4.65
CA PHE A 74 -7.83 4.18 -3.64
C PHE A 74 -7.71 2.73 -4.07
N ASP A 75 -8.03 2.46 -5.33
CA ASP A 75 -7.95 1.11 -5.88
C ASP A 75 -6.51 0.71 -6.15
N GLU A 76 -5.70 1.68 -6.53
CA GLU A 76 -4.28 1.44 -6.82
C GLU A 76 -3.53 1.02 -5.57
N TRP A 77 -4.05 1.42 -4.42
CA TRP A 77 -3.43 1.10 -3.13
C TRP A 77 -3.33 -0.42 -2.95
N LEU A 78 -4.36 -1.13 -3.37
CA LEU A 78 -4.38 -2.59 -3.25
C LEU A 78 -3.58 -3.23 -4.37
N VAL A 79 -3.31 -2.46 -5.43
CA VAL A 79 -2.54 -2.95 -6.56
C VAL A 79 -1.07 -3.10 -6.21
N MET A 80 -0.52 -2.09 -5.53
CA MET A 80 0.88 -2.11 -5.13
C MET A 80 1.19 -3.33 -4.27
N MET A 81 0.17 -3.80 -3.54
CA MET A 81 0.33 -4.97 -2.68
C MET A 81 0.59 -6.22 -3.51
N VAL A 82 -0.31 -6.51 -4.44
CA VAL A 82 -0.19 -7.69 -5.29
C VAL A 82 0.98 -7.53 -6.27
N ARG A 83 1.17 -6.31 -6.75
CA ARG A 83 2.26 -6.03 -7.70
C ARG A 83 3.59 -6.53 -7.16
N CYS A 84 3.80 -6.39 -5.86
CA CYS A 84 5.03 -6.83 -5.22
C CYS A 84 5.08 -8.36 -5.12
N MET A 85 3.92 -8.97 -4.86
CA MET A 85 3.83 -10.41 -4.74
C MET A 85 4.00 -11.08 -6.09
N LYS A 86 3.71 -10.33 -7.15
CA LYS A 86 3.83 -10.86 -8.52
C LYS A 86 4.64 -9.90 -9.40
N ASP A 87 5.68 -9.32 -8.82
CA ASP A 87 6.53 -8.39 -9.55
C ASP A 87 7.39 -9.13 -10.58
N ASP A 88 7.54 -8.52 -11.76
CA ASP A 88 8.34 -9.12 -12.82
C ASP A 88 7.88 -10.55 -13.10
N SER A 89 6.58 -10.79 -12.97
CA SER A 89 6.01 -12.11 -13.20
C SER A 89 5.69 -12.31 -14.68
N ARG B 1 8.06 -14.33 -4.53
CA ARG B 1 7.75 -15.31 -5.57
C ARG B 1 6.72 -16.32 -5.07
N ARG B 2 6.79 -16.65 -3.79
CA ARG B 2 5.87 -17.62 -3.19
C ARG B 2 5.21 -17.03 -1.94
N VAL B 3 6.04 -16.48 -1.06
CA VAL B 3 5.55 -15.90 0.18
C VAL B 3 4.59 -14.73 -0.11
N ARG B 4 4.13 -14.09 0.96
CA ARG B 4 3.21 -12.96 0.82
C ARG B 4 3.62 -11.82 1.74
N ILE B 5 2.89 -10.71 1.65
CA ILE B 5 3.19 -9.54 2.47
C ILE B 5 2.29 -9.50 3.71
N SER B 6 2.89 -9.21 4.86
CA SER B 6 2.15 -9.15 6.11
C SER B 6 1.31 -7.88 6.17
N ALA B 7 0.10 -7.94 5.63
CA ALA B 7 -0.80 -6.81 5.63
C ALA B 7 -1.30 -6.50 7.04
N ASP B 8 -1.29 -7.51 7.90
CA ASP B 8 -1.75 -7.35 9.28
C ASP B 8 -0.87 -6.34 10.02
N ALA B 9 0.38 -6.22 9.58
CA ALA B 9 1.32 -5.29 10.20
C ALA B 9 0.88 -3.84 9.99
N MET B 10 0.28 -3.57 8.84
CA MET B 10 -0.19 -2.22 8.51
C MET B 10 -1.20 -1.74 9.55
N MET B 11 -1.82 -2.68 10.25
CA MET B 11 -2.81 -2.35 11.27
C MET B 11 -2.23 -1.38 12.30
N GLN B 12 -0.91 -1.45 12.49
CA GLN B 12 -0.23 -0.59 13.44
C GLN B 12 -0.40 0.88 13.06
N ALA B 13 -0.76 1.12 11.80
CA ALA B 13 -0.93 2.48 11.31
C ALA B 13 -1.84 3.28 12.25
N LEU B 14 -2.97 2.69 12.61
CA LEU B 14 -3.92 3.36 13.50
C LEU B 14 -3.92 2.70 14.88
N LEU B 15 -2.91 3.02 15.69
CA LEU B 15 -2.80 2.46 17.02
C LEU B 15 -3.11 0.97 17.03
N GLY B 16 -2.76 0.30 15.94
CA GLY B 16 -3.00 -1.13 15.84
C GLY B 16 -4.46 -1.45 15.54
N ALA B 17 -5.35 -1.01 16.43
CA ALA B 17 -6.78 -1.26 16.26
C ALA B 17 -7.08 -2.75 16.21
N ARG B 18 -6.19 -3.55 16.79
CA ARG B 18 -6.37 -4.99 16.82
C ARG B 18 -6.29 -5.52 18.25
N ALA B 19 -6.65 -4.69 19.21
CA ALA B 19 -6.61 -5.07 20.62
C ALA B 19 -7.56 -6.23 20.89
N LYS B 20 -7.22 -7.03 21.89
CA LYS B 20 -8.05 -8.19 22.25
C LYS B 20 -9.47 -7.76 22.60
N MET A 1 -2.68 -4.42 -14.07
CA MET A 1 -3.94 -5.03 -14.46
C MET A 1 -3.76 -6.53 -14.73
N ASP A 2 -2.74 -7.12 -14.14
CA ASP A 2 -2.46 -8.53 -14.31
C ASP A 2 -3.44 -9.38 -13.51
N ASP A 3 -3.51 -10.66 -13.84
CA ASP A 3 -4.41 -11.58 -13.14
C ASP A 3 -4.04 -11.71 -11.68
N ILE A 4 -2.74 -11.71 -11.39
CA ILE A 4 -2.25 -11.82 -10.03
C ILE A 4 -2.91 -10.79 -9.12
N TYR A 5 -3.18 -9.62 -9.67
CA TYR A 5 -3.82 -8.54 -8.91
C TYR A 5 -5.33 -8.72 -8.87
N LYS A 6 -5.88 -9.31 -9.92
CA LYS A 6 -7.31 -9.54 -10.01
C LYS A 6 -7.75 -10.64 -9.03
N ALA A 7 -6.94 -11.70 -8.95
CA ALA A 7 -7.25 -12.81 -8.05
C ALA A 7 -6.90 -12.46 -6.61
N ALA A 8 -5.78 -11.76 -6.43
CA ALA A 8 -5.35 -11.36 -5.09
C ALA A 8 -6.42 -10.54 -4.38
N VAL A 9 -7.12 -9.70 -5.15
CA VAL A 9 -8.17 -8.86 -4.60
C VAL A 9 -9.43 -9.68 -4.30
N GLU A 10 -9.67 -10.69 -5.12
CA GLU A 10 -10.84 -11.55 -4.95
C GLU A 10 -10.67 -12.46 -3.73
N GLN A 11 -9.47 -13.01 -3.57
CA GLN A 11 -9.18 -13.90 -2.46
C GLN A 11 -9.37 -13.18 -1.12
N LEU A 12 -9.39 -11.85 -1.17
CA LEU A 12 -9.56 -11.04 0.04
C LEU A 12 -10.91 -11.34 0.69
N THR A 13 -11.15 -10.71 1.84
CA THR A 13 -12.39 -10.91 2.57
C THR A 13 -13.11 -9.59 2.82
N GLU A 14 -14.38 -9.66 3.16
CA GLU A 14 -15.17 -8.46 3.43
C GLU A 14 -14.48 -7.58 4.46
N GLU A 15 -13.72 -8.19 5.36
CA GLU A 15 -13.02 -7.46 6.40
C GLU A 15 -11.80 -6.73 5.82
N GLN A 16 -11.05 -7.44 4.98
CA GLN A 16 -9.86 -6.87 4.36
C GLN A 16 -10.21 -5.59 3.60
N LYS A 17 -11.17 -5.69 2.69
CA LYS A 17 -11.59 -4.54 1.89
C LYS A 17 -12.08 -3.41 2.79
N ASN A 18 -12.68 -3.77 3.92
CA ASN A 18 -13.19 -2.80 4.87
C ASN A 18 -12.05 -2.07 5.58
N GLU A 19 -11.07 -2.84 6.04
CA GLU A 19 -9.92 -2.28 6.74
C GLU A 19 -8.96 -1.61 5.76
N PHE A 20 -9.10 -1.93 4.49
CA PHE A 20 -8.26 -1.35 3.45
C PHE A 20 -8.63 0.10 3.18
N LYS A 21 -9.90 0.43 3.41
CA LYS A 21 -10.39 1.78 3.20
C LYS A 21 -9.92 2.71 4.31
N ALA A 22 -9.63 2.14 5.47
CA ALA A 22 -9.17 2.92 6.61
C ALA A 22 -7.71 3.33 6.44
N ALA A 23 -6.86 2.34 6.14
CA ALA A 23 -5.44 2.60 5.95
C ALA A 23 -5.21 3.72 4.93
N PHE A 24 -6.08 3.78 3.93
CA PHE A 24 -5.97 4.80 2.89
C PHE A 24 -6.45 6.16 3.39
N ASP A 25 -7.46 6.13 4.26
CA ASP A 25 -8.02 7.35 4.82
C ASP A 25 -7.00 8.03 5.74
N ILE A 26 -6.34 7.24 6.58
CA ILE A 26 -5.35 7.75 7.50
C ILE A 26 -4.18 8.40 6.77
N PHE A 27 -3.73 7.73 5.71
CA PHE A 27 -2.61 8.23 4.91
C PHE A 27 -2.96 9.57 4.26
N VAL A 28 -4.25 9.80 4.04
CA VAL A 28 -4.73 11.03 3.44
C VAL A 28 -5.61 11.81 4.39
N LEU A 29 -5.41 11.60 5.68
CA LEU A 29 -6.20 12.29 6.71
C LEU A 29 -6.20 13.79 6.48
N GLY A 30 -5.12 14.29 5.90
CA GLY A 30 -5.01 15.72 5.63
C GLY A 30 -4.55 16.01 4.21
N ALA A 31 -4.67 15.03 3.33
CA ALA A 31 -4.27 15.18 1.94
C ALA A 31 -5.12 16.21 1.23
N GLU A 32 -4.54 16.89 0.25
CA GLU A 32 -5.26 17.90 -0.51
C GLU A 32 -6.11 17.27 -1.61
N ASP A 33 -5.68 16.10 -2.07
CA ASP A 33 -6.40 15.39 -3.12
C ASP A 33 -6.84 14.01 -2.64
N GLY A 34 -6.01 13.39 -1.80
CA GLY A 34 -6.33 12.08 -1.28
C GLY A 34 -5.54 10.97 -1.96
N CYS A 35 -4.22 10.98 -1.78
CA CYS A 35 -3.37 9.98 -2.40
C CYS A 35 -2.13 9.72 -1.53
N ILE A 36 -1.28 8.81 -1.99
CA ILE A 36 -0.07 8.47 -1.26
C ILE A 36 1.17 9.06 -1.93
N SER A 37 1.96 9.81 -1.17
CA SER A 37 3.16 10.43 -1.70
C SER A 37 4.39 9.60 -1.37
N THR A 38 5.39 9.63 -2.25
CA THR A 38 6.62 8.88 -2.05
C THR A 38 7.21 9.15 -0.67
N LYS A 39 7.09 10.41 -0.22
CA LYS A 39 7.61 10.80 1.08
C LYS A 39 6.75 10.25 2.21
N GLU A 40 5.44 10.22 1.98
CA GLU A 40 4.51 9.71 2.98
C GLU A 40 4.83 8.27 3.35
N LEU A 41 4.76 7.39 2.37
CA LEU A 41 5.06 5.97 2.60
C LEU A 41 6.45 5.79 3.20
N GLY A 42 7.43 6.49 2.64
CA GLY A 42 8.78 6.39 3.14
C GLY A 42 8.89 6.77 4.61
N LYS A 43 8.20 7.84 5.00
CA LYS A 43 8.22 8.32 6.37
C LYS A 43 7.87 7.19 7.34
N VAL A 44 7.03 6.26 6.88
CA VAL A 44 6.62 5.14 7.70
C VAL A 44 7.72 4.09 7.80
N MET A 45 8.51 3.96 6.74
CA MET A 45 9.61 3.01 6.71
C MET A 45 10.72 3.43 7.66
N ARG A 46 10.85 4.74 7.87
CA ARG A 46 11.88 5.27 8.75
C ARG A 46 11.60 4.89 10.20
N MET A 47 10.33 4.94 10.60
CA MET A 47 9.93 4.60 11.95
C MET A 47 9.83 3.09 12.13
N LEU A 48 9.60 2.38 11.02
CA LEU A 48 9.48 0.94 11.07
C LEU A 48 10.82 0.30 11.44
N GLY A 49 11.91 0.92 11.02
CA GLY A 49 13.23 0.39 11.32
C GLY A 49 14.18 0.50 10.14
N GLN A 50 13.63 0.49 8.93
CA GLN A 50 14.44 0.59 7.72
C GLN A 50 14.54 2.03 7.25
N ASN A 51 15.20 2.23 6.11
CA ASN A 51 15.36 3.57 5.54
C ASN A 51 15.51 3.50 4.03
N PRO A 52 14.42 3.14 3.34
CA PRO A 52 14.40 3.03 1.89
C PRO A 52 14.49 4.39 1.20
N THR A 53 15.45 4.53 0.28
CA THR A 53 15.64 5.78 -0.44
C THR A 53 14.31 6.31 -0.99
N PRO A 54 14.20 7.64 -1.07
CA PRO A 54 12.99 8.30 -1.57
C PRO A 54 12.80 8.10 -3.07
N GLU A 55 13.87 7.70 -3.75
CA GLU A 55 13.84 7.47 -5.18
C GLU A 55 13.10 6.17 -5.51
N GLU A 56 13.28 5.17 -4.65
CA GLU A 56 12.64 3.88 -4.85
C GLU A 56 11.12 4.02 -4.84
N LEU A 57 10.59 4.60 -3.77
CA LEU A 57 9.15 4.79 -3.63
C LEU A 57 8.59 5.51 -4.85
N GLN A 58 9.21 6.63 -5.21
CA GLN A 58 8.76 7.41 -6.36
C GLN A 58 8.63 6.54 -7.61
N GLU A 59 9.48 5.51 -7.69
CA GLU A 59 9.45 4.60 -8.83
C GLU A 59 8.30 3.59 -8.69
N MET A 60 7.99 3.24 -7.45
CA MET A 60 6.93 2.27 -7.17
C MET A 60 5.56 2.87 -7.50
N ILE A 61 5.44 4.19 -7.34
CA ILE A 61 4.18 4.88 -7.62
C ILE A 61 3.79 4.72 -9.08
N ASP A 62 4.76 4.85 -9.98
CA ASP A 62 4.52 4.72 -11.41
C ASP A 62 4.17 3.28 -11.77
N GLU A 63 4.70 2.33 -10.99
CA GLU A 63 4.44 0.92 -11.23
C GLU A 63 2.97 0.59 -11.02
N VAL A 64 2.30 1.38 -10.20
CA VAL A 64 0.88 1.17 -9.92
C VAL A 64 0.03 2.26 -10.57
N ASP A 65 0.69 3.26 -11.15
CA ASP A 65 -0.01 4.36 -11.80
C ASP A 65 -1.02 3.83 -12.82
N GLU A 66 -2.30 3.95 -12.50
CA GLU A 66 -3.36 3.48 -13.38
C GLU A 66 -3.63 4.49 -14.49
N ASP A 67 -3.49 5.77 -14.16
CA ASP A 67 -3.72 6.84 -15.13
C ASP A 67 -2.43 7.61 -15.40
N GLY A 68 -1.40 7.33 -14.61
CA GLY A 68 -0.13 8.01 -14.78
C GLY A 68 -0.09 9.35 -14.09
N SER A 69 -0.96 9.53 -13.10
CA SER A 69 -1.03 10.78 -12.36
C SER A 69 0.13 10.90 -11.37
N GLY A 70 0.89 9.81 -11.23
CA GLY A 70 2.02 9.80 -10.32
C GLY A 70 1.58 9.74 -8.86
N THR A 71 0.32 9.38 -8.64
CA THR A 71 -0.22 9.27 -7.29
C THR A 71 -0.85 7.91 -7.05
N VAL A 72 -1.12 7.60 -5.78
CA VAL A 72 -1.72 6.32 -5.42
C VAL A 72 -3.20 6.48 -5.10
N ASP A 73 -4.05 5.95 -5.98
CA ASP A 73 -5.49 6.03 -5.80
C ASP A 73 -6.00 4.89 -4.92
N PHE A 74 -7.27 4.95 -4.55
CA PHE A 74 -7.88 3.93 -3.70
C PHE A 74 -7.68 2.54 -4.32
N ASP A 75 -7.56 2.50 -5.64
CA ASP A 75 -7.38 1.24 -6.35
C ASP A 75 -5.90 0.90 -6.47
N GLU A 76 -5.08 1.91 -6.78
CA GLU A 76 -3.65 1.71 -6.93
C GLU A 76 -3.03 1.24 -5.62
N TRP A 77 -3.73 1.49 -4.52
CA TRP A 77 -3.25 1.08 -3.20
C TRP A 77 -3.46 -0.41 -2.97
N LEU A 78 -4.59 -0.93 -3.47
CA LEU A 78 -4.91 -2.34 -3.32
C LEU A 78 -3.96 -3.20 -4.14
N VAL A 79 -3.55 -2.69 -5.29
CA VAL A 79 -2.63 -3.42 -6.16
C VAL A 79 -1.20 -3.35 -5.64
N MET A 80 -0.91 -2.30 -4.88
CA MET A 80 0.43 -2.12 -4.31
C MET A 80 0.85 -3.34 -3.49
N MET A 81 -0.14 -4.01 -2.90
CA MET A 81 0.13 -5.19 -2.08
C MET A 81 0.62 -6.34 -2.94
N VAL A 82 -0.16 -6.69 -3.96
CA VAL A 82 0.20 -7.78 -4.86
C VAL A 82 1.43 -7.43 -5.68
N ARG A 83 1.56 -6.16 -6.04
CA ARG A 83 2.70 -5.69 -6.82
C ARG A 83 4.02 -6.06 -6.14
N CYS A 84 4.03 -6.02 -4.81
CA CYS A 84 5.22 -6.34 -4.04
C CYS A 84 5.43 -7.86 -3.98
N MET A 85 4.32 -8.60 -3.91
CA MET A 85 4.39 -10.05 -3.86
C MET A 85 4.79 -10.63 -5.21
N LYS A 86 4.50 -9.90 -6.27
CA LYS A 86 4.83 -10.34 -7.62
C LYS A 86 5.67 -9.30 -8.35
N ASP A 87 6.61 -8.69 -7.62
CA ASP A 87 7.49 -7.68 -8.20
C ASP A 87 8.14 -8.19 -9.48
N ASP A 88 8.75 -7.28 -10.23
CA ASP A 88 9.42 -7.64 -11.48
C ASP A 88 8.59 -8.65 -12.26
N SER A 89 7.43 -8.23 -12.75
CA SER A 89 6.55 -9.10 -13.51
C SER A 89 6.65 -8.82 -15.00
N ARG B 1 0.18 -15.65 -2.09
CA ARG B 1 -1.25 -15.79 -2.36
C ARG B 1 -2.04 -15.87 -1.06
N ARG B 2 -1.86 -16.97 -0.33
CA ARG B 2 -2.55 -17.18 0.93
C ARG B 2 -1.84 -16.44 2.07
N VAL B 3 -0.52 -16.45 2.05
CA VAL B 3 0.27 -15.77 3.07
C VAL B 3 0.74 -14.40 2.59
N ARG B 4 0.03 -13.36 3.03
CA ARG B 4 0.37 -11.99 2.65
C ARG B 4 1.62 -11.52 3.39
N ILE B 5 2.44 -10.73 2.70
CA ILE B 5 3.67 -10.20 3.30
C ILE B 5 3.38 -9.52 4.62
N SER B 6 4.44 -9.30 5.42
CA SER B 6 4.30 -8.66 6.72
C SER B 6 3.63 -7.30 6.58
N ALA B 7 2.35 -7.24 6.94
CA ALA B 7 1.59 -6.00 6.86
C ALA B 7 1.10 -5.57 8.23
N ASP B 8 0.88 -6.54 9.11
CA ASP B 8 0.42 -6.25 10.46
C ASP B 8 1.32 -5.25 11.15
N ALA B 9 2.63 -5.43 10.99
CA ALA B 9 3.61 -4.54 11.60
C ALA B 9 3.35 -3.08 11.21
N MET B 10 2.75 -2.89 10.03
CA MET B 10 2.44 -1.55 9.55
C MET B 10 1.12 -1.06 10.11
N MET B 11 0.24 -2.00 10.45
CA MET B 11 -1.07 -1.67 11.00
C MET B 11 -0.93 -0.75 12.20
N GLN B 12 0.13 -0.94 12.96
CA GLN B 12 0.39 -0.13 14.15
C GLN B 12 0.47 1.35 13.80
N ALA B 13 0.84 1.63 12.55
CA ALA B 13 0.96 3.01 12.07
C ALA B 13 -0.40 3.57 11.68
N LEU B 14 -1.39 2.69 11.54
CA LEU B 14 -2.74 3.10 11.17
C LEU B 14 -3.60 3.33 12.40
N LEU B 15 -3.92 2.25 13.10
CA LEU B 15 -4.74 2.33 14.31
C LEU B 15 -4.05 1.66 15.49
N GLY B 16 -2.72 1.66 15.47
CA GLY B 16 -1.96 1.05 16.54
C GLY B 16 -2.39 -0.37 16.82
N ALA B 17 -2.91 -1.04 15.79
CA ALA B 17 -3.37 -2.42 15.93
C ALA B 17 -2.18 -3.38 16.00
N ARG B 18 -2.31 -4.41 16.83
CA ARG B 18 -1.26 -5.40 17.00
C ARG B 18 0.05 -4.74 17.44
N ALA B 19 -0.06 -3.81 18.38
CA ALA B 19 1.11 -3.10 18.89
C ALA B 19 2.09 -4.07 19.55
N LYS B 20 1.60 -4.85 20.50
CA LYS B 20 2.44 -5.82 21.21
C LYS B 20 2.39 -7.18 20.51
N MET A 1 -4.47 -7.28 -19.19
CA MET A 1 -5.49 -8.03 -18.46
C MET A 1 -4.91 -8.72 -17.24
N ASP A 2 -4.58 -7.93 -16.23
CA ASP A 2 -4.01 -8.47 -14.99
C ASP A 2 -5.11 -9.00 -14.07
N ASP A 3 -5.33 -10.31 -14.13
CA ASP A 3 -6.36 -10.94 -13.31
C ASP A 3 -5.81 -11.24 -11.91
N ILE A 4 -4.51 -11.43 -11.82
CA ILE A 4 -3.86 -11.72 -10.54
C ILE A 4 -4.26 -10.71 -9.48
N TYR A 5 -4.45 -9.47 -9.91
CA TYR A 5 -4.83 -8.39 -8.99
C TYR A 5 -6.34 -8.42 -8.72
N LYS A 6 -7.11 -8.75 -9.74
CA LYS A 6 -8.57 -8.82 -9.62
C LYS A 6 -8.97 -9.89 -8.61
N ALA A 7 -8.33 -11.05 -8.70
CA ALA A 7 -8.62 -12.16 -7.79
C ALA A 7 -7.99 -11.93 -6.42
N ALA A 8 -6.77 -11.40 -6.42
CA ALA A 8 -6.06 -11.13 -5.18
C ALA A 8 -6.87 -10.21 -4.26
N VAL A 9 -7.61 -9.29 -4.86
CA VAL A 9 -8.44 -8.36 -4.10
C VAL A 9 -9.69 -9.04 -3.57
N GLU A 10 -10.20 -10.00 -4.33
CA GLU A 10 -11.39 -10.74 -3.92
C GLU A 10 -11.07 -11.75 -2.83
N GLN A 11 -9.95 -12.45 -3.00
CA GLN A 11 -9.52 -13.45 -2.02
C GLN A 11 -9.34 -12.82 -0.65
N LEU A 12 -9.18 -11.51 -0.61
CA LEU A 12 -9.00 -10.79 0.64
C LEU A 12 -10.14 -11.08 1.61
N THR A 13 -9.93 -10.73 2.88
CA THR A 13 -10.94 -10.96 3.91
C THR A 13 -11.50 -9.65 4.43
N GLU A 14 -12.54 -9.74 5.25
CA GLU A 14 -13.17 -8.55 5.82
C GLU A 14 -12.17 -7.73 6.62
N GLU A 15 -11.18 -8.42 7.20
CA GLU A 15 -10.16 -7.75 7.99
C GLU A 15 -9.16 -7.04 7.10
N GLN A 16 -8.78 -7.68 6.01
CA GLN A 16 -7.83 -7.11 5.06
C GLN A 16 -8.28 -5.72 4.61
N LYS A 17 -9.49 -5.65 4.06
CA LYS A 17 -10.04 -4.38 3.59
C LYS A 17 -10.11 -3.37 4.71
N ASN A 18 -10.58 -3.81 5.88
CA ASN A 18 -10.69 -2.93 7.04
C ASN A 18 -9.36 -2.26 7.35
N GLU A 19 -8.27 -2.98 7.09
CA GLU A 19 -6.93 -2.45 7.34
C GLU A 19 -6.52 -1.46 6.26
N PHE A 20 -7.08 -1.63 5.07
CA PHE A 20 -6.77 -0.74 3.94
C PHE A 20 -7.60 0.54 4.02
N LYS A 21 -8.86 0.40 4.42
CA LYS A 21 -9.76 1.54 4.54
C LYS A 21 -9.26 2.51 5.60
N ALA A 22 -8.67 1.98 6.66
CA ALA A 22 -8.15 2.79 7.74
C ALA A 22 -6.81 3.42 7.36
N ALA A 23 -5.88 2.59 6.90
CA ALA A 23 -4.56 3.06 6.50
C ALA A 23 -4.66 4.19 5.49
N PHE A 24 -5.36 3.93 4.39
CA PHE A 24 -5.52 4.92 3.33
C PHE A 24 -6.06 6.24 3.90
N ASP A 25 -6.96 6.12 4.88
CA ASP A 25 -7.55 7.30 5.51
C ASP A 25 -6.51 8.01 6.39
N ILE A 26 -5.78 7.23 7.17
CA ILE A 26 -4.77 7.79 8.06
C ILE A 26 -3.68 8.50 7.28
N PHE A 27 -3.40 8.01 6.07
CA PHE A 27 -2.38 8.60 5.22
C PHE A 27 -2.86 9.93 4.63
N VAL A 28 -4.14 9.96 4.24
CA VAL A 28 -4.73 11.16 3.67
C VAL A 28 -5.59 11.90 4.69
N LEU A 29 -5.28 11.71 5.96
CA LEU A 29 -6.03 12.36 7.04
C LEU A 29 -6.10 13.87 6.82
N GLY A 30 -5.05 14.42 6.24
CA GLY A 30 -5.02 15.85 5.98
C GLY A 30 -4.56 16.18 4.57
N ALA A 31 -4.64 15.20 3.68
CA ALA A 31 -4.24 15.39 2.30
C ALA A 31 -5.36 15.99 1.47
N GLU A 32 -5.22 17.27 1.12
CA GLU A 32 -6.23 17.96 0.33
C GLU A 32 -6.49 17.23 -0.99
N ASP A 33 -5.49 16.49 -1.46
CA ASP A 33 -5.60 15.74 -2.70
C ASP A 33 -6.15 14.35 -2.44
N GLY A 34 -5.92 13.84 -1.24
CA GLY A 34 -6.39 12.52 -0.90
C GLY A 34 -5.58 11.41 -1.54
N CYS A 35 -4.26 11.49 -1.41
CA CYS A 35 -3.37 10.50 -1.99
C CYS A 35 -2.10 10.33 -1.14
N ILE A 36 -1.19 9.50 -1.61
CA ILE A 36 0.06 9.26 -0.90
C ILE A 36 1.26 9.48 -1.80
N SER A 37 2.35 9.97 -1.23
CA SER A 37 3.58 10.22 -1.99
C SER A 37 4.71 9.35 -1.49
N THR A 38 5.77 9.25 -2.29
CA THR A 38 6.93 8.44 -1.94
C THR A 38 7.52 8.88 -0.61
N LYS A 39 7.28 10.13 -0.24
CA LYS A 39 7.78 10.68 1.02
C LYS A 39 7.01 10.11 2.20
N GLU A 40 5.69 10.01 2.05
CA GLU A 40 4.83 9.49 3.10
C GLU A 40 4.98 7.98 3.23
N LEU A 41 5.10 7.31 2.09
CA LEU A 41 5.24 5.85 2.07
C LEU A 41 6.45 5.42 2.88
N GLY A 42 7.59 6.04 2.62
CA GLY A 42 8.81 5.70 3.33
C GLY A 42 8.74 6.08 4.80
N LYS A 43 8.06 7.19 5.09
CA LYS A 43 7.92 7.66 6.47
C LYS A 43 7.35 6.56 7.36
N VAL A 44 6.46 5.75 6.80
CA VAL A 44 5.84 4.66 7.54
C VAL A 44 6.81 3.50 7.71
N MET A 45 7.63 3.25 6.70
CA MET A 45 8.60 2.16 6.74
C MET A 45 9.61 2.39 7.86
N ARG A 46 9.85 3.66 8.18
CA ARG A 46 10.81 3.99 9.24
C ARG A 46 10.32 3.52 10.59
N MET A 47 9.00 3.53 10.78
CA MET A 47 8.40 3.09 12.03
C MET A 47 8.26 1.58 12.07
N LEU A 48 8.28 0.96 10.90
CA LEU A 48 8.16 -0.49 10.79
C LEU A 48 9.39 -1.19 11.37
N GLY A 49 10.56 -0.74 10.94
CA GLY A 49 11.80 -1.34 11.42
C GLY A 49 12.90 -1.31 10.38
N GLN A 50 12.53 -1.07 9.12
CA GLN A 50 13.49 -1.03 8.04
C GLN A 50 13.72 0.42 7.57
N ASN A 51 14.40 0.56 6.44
CA ASN A 51 14.69 1.88 5.89
C ASN A 51 14.89 1.81 4.38
N PRO A 52 13.78 1.67 3.64
CA PRO A 52 13.81 1.58 2.17
C PRO A 52 14.19 2.91 1.53
N THR A 53 15.15 2.86 0.61
CA THR A 53 15.60 4.06 -0.09
C THR A 53 14.43 4.86 -0.64
N PRO A 54 14.57 6.19 -0.67
CA PRO A 54 13.53 7.09 -1.17
C PRO A 54 13.35 6.97 -2.68
N GLU A 55 14.39 6.53 -3.37
CA GLU A 55 14.35 6.37 -4.82
C GLU A 55 13.54 5.14 -5.21
N GLU A 56 13.65 4.09 -4.41
CA GLU A 56 12.93 2.85 -4.67
C GLU A 56 11.42 3.09 -4.66
N LEU A 57 10.93 3.70 -3.59
CA LEU A 57 9.51 3.99 -3.47
C LEU A 57 8.98 4.74 -4.68
N GLN A 58 9.70 5.78 -5.08
CA GLN A 58 9.31 6.57 -6.24
C GLN A 58 9.08 5.68 -7.46
N GLU A 59 9.89 4.64 -7.58
CA GLU A 59 9.78 3.71 -8.70
C GLU A 59 8.62 2.73 -8.49
N MET A 60 8.32 2.47 -7.22
CA MET A 60 7.23 1.55 -6.88
C MET A 60 5.88 2.17 -7.19
N ILE A 61 5.70 3.42 -6.80
CA ILE A 61 4.44 4.12 -7.05
C ILE A 61 4.09 4.13 -8.54
N ASP A 62 5.08 4.43 -9.37
CA ASP A 62 4.88 4.47 -10.81
C ASP A 62 4.73 3.06 -11.38
N GLU A 63 5.46 2.11 -10.80
CA GLU A 63 5.41 0.73 -11.24
C GLU A 63 4.06 0.08 -10.88
N VAL A 64 3.43 0.61 -9.84
CA VAL A 64 2.13 0.11 -9.38
C VAL A 64 0.99 0.93 -9.97
N ASP A 65 1.28 2.17 -10.34
CA ASP A 65 0.27 3.05 -10.91
C ASP A 65 -0.44 2.38 -12.08
N GLU A 66 -1.76 2.56 -12.14
CA GLU A 66 -2.56 1.96 -13.20
C GLU A 66 -2.50 2.81 -14.47
N ASP A 67 -2.48 4.13 -14.30
CA ASP A 67 -2.43 5.05 -15.42
C ASP A 67 -1.12 5.86 -15.40
N GLY A 68 -0.38 5.73 -14.31
CA GLY A 68 0.87 6.46 -14.17
C GLY A 68 0.67 7.91 -13.79
N SER A 69 -0.33 8.17 -12.96
CA SER A 69 -0.64 9.53 -12.53
C SER A 69 0.45 10.05 -11.59
N GLY A 70 1.27 9.13 -11.08
CA GLY A 70 2.34 9.52 -10.18
C GLY A 70 1.97 9.30 -8.73
N THR A 71 0.68 9.11 -8.46
CA THR A 71 0.21 8.89 -7.10
C THR A 71 -0.52 7.55 -6.99
N VAL A 72 -0.49 6.97 -5.79
CA VAL A 72 -1.16 5.69 -5.56
C VAL A 72 -2.60 5.89 -5.12
N ASP A 73 -3.53 5.31 -5.87
CA ASP A 73 -4.95 5.43 -5.56
C ASP A 73 -5.42 4.27 -4.69
N PHE A 74 -6.64 4.36 -4.18
CA PHE A 74 -7.19 3.31 -3.34
C PHE A 74 -7.08 1.94 -4.00
N ASP A 75 -7.10 1.94 -5.33
CA ASP A 75 -6.99 0.70 -6.09
C ASP A 75 -5.53 0.28 -6.24
N GLU A 76 -4.72 1.19 -6.76
CA GLU A 76 -3.30 0.92 -6.95
C GLU A 76 -2.63 0.52 -5.64
N TRP A 77 -3.23 0.93 -4.53
CA TRP A 77 -2.69 0.61 -3.21
C TRP A 77 -2.69 -0.89 -2.97
N LEU A 78 -3.78 -1.55 -3.37
CA LEU A 78 -3.90 -2.99 -3.20
C LEU A 78 -3.12 -3.74 -4.28
N VAL A 79 -2.79 -3.03 -5.35
CA VAL A 79 -2.04 -3.63 -6.46
C VAL A 79 -0.61 -3.94 -6.05
N MET A 80 -0.09 -3.17 -5.10
CA MET A 80 1.27 -3.35 -4.61
C MET A 80 1.41 -4.71 -3.91
N MET A 81 0.33 -5.18 -3.33
CA MET A 81 0.33 -6.46 -2.63
C MET A 81 0.51 -7.62 -3.61
N VAL A 82 -0.37 -7.68 -4.61
CA VAL A 82 -0.32 -8.73 -5.62
C VAL A 82 0.90 -8.56 -6.52
N ARG A 83 1.21 -7.31 -6.86
CA ARG A 83 2.35 -7.01 -7.71
C ARG A 83 3.61 -7.69 -7.20
N CYS A 84 3.75 -7.74 -5.88
CA CYS A 84 4.93 -8.37 -5.26
C CYS A 84 4.85 -9.89 -5.37
N MET A 85 3.64 -10.43 -5.26
CA MET A 85 3.44 -11.87 -5.34
C MET A 85 3.59 -12.36 -6.78
N LYS A 86 3.38 -11.46 -7.73
CA LYS A 86 3.49 -11.79 -9.14
C LYS A 86 4.45 -10.84 -9.85
N ASP A 87 5.49 -10.41 -9.14
CA ASP A 87 6.48 -9.50 -9.71
C ASP A 87 7.05 -10.05 -11.00
N ASP A 88 7.52 -9.16 -11.87
CA ASP A 88 8.09 -9.56 -13.15
C ASP A 88 9.43 -10.25 -12.96
N SER A 89 10.39 -9.53 -12.39
CA SER A 89 11.72 -10.07 -12.16
C SER A 89 12.43 -9.31 -11.04
N ARG B 1 8.13 -13.37 -5.92
CA ARG B 1 7.74 -14.52 -6.72
C ARG B 1 7.79 -15.80 -5.88
N ARG B 2 8.68 -15.83 -4.90
CA ARG B 2 8.83 -16.99 -4.03
C ARG B 2 8.21 -16.73 -2.67
N VAL B 3 8.34 -15.50 -2.20
CA VAL B 3 7.80 -15.12 -0.89
C VAL B 3 6.40 -14.52 -1.03
N ARG B 4 5.53 -14.84 -0.08
CA ARG B 4 4.16 -14.34 -0.11
C ARG B 4 3.99 -13.19 0.88
N ILE B 5 3.32 -12.13 0.43
CA ILE B 5 3.09 -10.96 1.27
C ILE B 5 1.71 -11.01 1.91
N SER B 6 1.60 -10.49 3.13
CA SER B 6 0.34 -10.47 3.85
C SER B 6 -0.09 -9.04 4.18
N ALA B 7 -1.37 -8.86 4.46
CA ALA B 7 -1.91 -7.55 4.79
C ALA B 7 -1.73 -7.24 6.27
N ASP B 8 -1.63 -8.29 7.08
CA ASP B 8 -1.44 -8.12 8.52
C ASP B 8 -0.28 -7.19 8.82
N ALA B 9 0.72 -7.20 7.95
CA ALA B 9 1.90 -6.36 8.12
C ALA B 9 1.50 -4.89 8.27
N MET B 10 0.43 -4.50 7.57
CA MET B 10 -0.04 -3.12 7.63
C MET B 10 -0.83 -2.87 8.91
N MET B 11 -1.39 -3.94 9.48
CA MET B 11 -2.15 -3.83 10.72
C MET B 11 -1.33 -3.14 11.81
N GLN B 12 -0.01 -3.28 11.73
CA GLN B 12 0.88 -2.67 12.71
C GLN B 12 0.59 -1.18 12.85
N ALA B 13 0.29 -0.53 11.73
CA ALA B 13 -0.01 0.90 11.74
C ALA B 13 -1.18 1.22 12.67
N LEU B 14 -2.05 0.23 12.87
CA LEU B 14 -3.21 0.41 13.73
C LEU B 14 -2.94 -0.15 15.12
N LEU B 15 -1.67 -0.18 15.51
CA LEU B 15 -1.27 -0.68 16.82
C LEU B 15 -1.05 0.47 17.80
N GLY B 16 -0.40 1.52 17.31
CA GLY B 16 -0.12 2.68 18.15
C GLY B 16 -1.01 3.85 17.83
N ALA B 17 -1.35 4.00 16.56
CA ALA B 17 -2.21 5.10 16.11
C ALA B 17 -3.67 4.68 16.08
N ARG B 18 -4.56 5.65 16.28
CA ARG B 18 -5.99 5.38 16.28
C ARG B 18 -6.35 4.34 17.34
N ALA B 19 -5.59 4.32 18.44
CA ALA B 19 -5.83 3.39 19.52
C ALA B 19 -6.98 3.85 20.41
N LYS B 20 -8.20 3.78 19.87
CA LYS B 20 -9.38 4.18 20.61
C LYS B 20 -10.33 3.01 20.81
N MET A 1 -6.10 -7.91 -17.06
CA MET A 1 -5.32 -9.02 -17.58
C MET A 1 -4.78 -9.89 -16.45
N ASP A 2 -3.92 -9.31 -15.61
CA ASP A 2 -3.34 -10.04 -14.50
C ASP A 2 -4.42 -10.65 -13.62
N ASP A 3 -4.50 -11.98 -13.63
CA ASP A 3 -5.49 -12.69 -12.84
C ASP A 3 -5.12 -12.67 -11.36
N ILE A 4 -3.83 -12.79 -11.08
CA ILE A 4 -3.34 -12.79 -9.70
C ILE A 4 -3.90 -11.61 -8.92
N TYR A 5 -4.10 -10.49 -9.62
CA TYR A 5 -4.63 -9.29 -8.99
C TYR A 5 -6.13 -9.42 -8.74
N LYS A 6 -6.84 -9.96 -9.72
CA LYS A 6 -8.28 -10.15 -9.61
C LYS A 6 -8.62 -11.14 -8.51
N ALA A 7 -7.80 -12.17 -8.36
CA ALA A 7 -8.01 -13.18 -7.34
C ALA A 7 -7.59 -12.68 -5.97
N ALA A 8 -6.45 -12.01 -5.92
CA ALA A 8 -5.93 -11.46 -4.66
C ALA A 8 -6.95 -10.53 -4.02
N VAL A 9 -7.71 -9.82 -4.84
CA VAL A 9 -8.72 -8.90 -4.34
C VAL A 9 -9.93 -9.64 -3.79
N GLU A 10 -10.24 -10.79 -4.40
CA GLU A 10 -11.37 -11.59 -3.97
C GLU A 10 -11.05 -12.36 -2.70
N GLN A 11 -9.85 -12.93 -2.64
CA GLN A 11 -9.41 -13.68 -1.47
C GLN A 11 -9.40 -12.81 -0.22
N LEU A 12 -9.40 -11.50 -0.43
CA LEU A 12 -9.39 -10.55 0.68
C LEU A 12 -10.52 -10.86 1.67
N THR A 13 -10.33 -10.45 2.92
CA THR A 13 -11.33 -10.69 3.96
C THR A 13 -11.78 -9.37 4.58
N GLU A 14 -12.83 -9.45 5.40
CA GLU A 14 -13.36 -8.27 6.07
C GLU A 14 -12.24 -7.50 6.79
N GLU A 15 -11.24 -8.23 7.26
CA GLU A 15 -10.12 -7.62 7.96
C GLU A 15 -9.18 -6.91 6.99
N GLN A 16 -8.90 -7.57 5.86
CA GLN A 16 -8.02 -7.00 4.85
C GLN A 16 -8.56 -5.66 4.34
N LYS A 17 -9.87 -5.60 4.11
CA LYS A 17 -10.51 -4.39 3.62
C LYS A 17 -10.63 -3.35 4.73
N ASN A 18 -10.78 -3.83 5.96
CA ASN A 18 -10.91 -2.94 7.12
C ASN A 18 -9.56 -2.30 7.45
N GLU A 19 -8.48 -3.07 7.28
CA GLU A 19 -7.15 -2.57 7.56
C GLU A 19 -6.66 -1.64 6.45
N PHE A 20 -7.19 -1.84 5.25
CA PHE A 20 -6.81 -1.02 4.10
C PHE A 20 -7.63 0.26 4.05
N LYS A 21 -8.82 0.23 4.65
CA LYS A 21 -9.70 1.39 4.68
C LYS A 21 -9.23 2.39 5.73
N ALA A 22 -8.73 1.87 6.84
CA ALA A 22 -8.25 2.73 7.93
C ALA A 22 -6.87 3.30 7.60
N ALA A 23 -5.94 2.44 7.22
CA ALA A 23 -4.59 2.85 6.88
C ALA A 23 -4.61 3.96 5.83
N PHE A 24 -5.45 3.79 4.81
CA PHE A 24 -5.55 4.77 3.73
C PHE A 24 -5.79 6.17 4.30
N ASP A 25 -6.67 6.25 5.28
CA ASP A 25 -6.98 7.54 5.91
C ASP A 25 -5.82 8.03 6.75
N ILE A 26 -5.19 7.11 7.48
CA ILE A 26 -4.05 7.47 8.32
C ILE A 26 -2.88 7.97 7.50
N PHE A 27 -2.71 7.40 6.30
CA PHE A 27 -1.62 7.81 5.41
C PHE A 27 -1.90 9.18 4.81
N VAL A 28 -3.17 9.45 4.51
CA VAL A 28 -3.56 10.73 3.93
C VAL A 28 -4.24 11.62 4.97
N LEU A 29 -3.90 11.40 6.23
CA LEU A 29 -4.48 12.18 7.33
C LEU A 29 -4.27 13.68 7.10
N GLY A 30 -3.01 14.06 6.82
CA GLY A 30 -2.70 15.45 6.58
C GLY A 30 -2.71 15.80 5.11
N ALA A 31 -3.44 15.02 4.31
CA ALA A 31 -3.53 15.26 2.89
C ALA A 31 -4.75 16.10 2.53
N GLU A 32 -4.55 17.13 1.73
CA GLU A 32 -5.64 18.01 1.33
C GLU A 32 -6.37 17.45 0.11
N ASP A 33 -5.65 16.65 -0.68
CA ASP A 33 -6.24 16.05 -1.88
C ASP A 33 -6.69 14.63 -1.61
N GLY A 34 -5.98 13.94 -0.71
CA GLY A 34 -6.32 12.58 -0.37
C GLY A 34 -5.53 11.57 -1.18
N CYS A 35 -4.21 11.69 -1.14
CA CYS A 35 -3.33 10.77 -1.88
C CYS A 35 -2.07 10.46 -1.07
N ILE A 36 -1.29 9.50 -1.56
CA ILE A 36 -0.07 9.10 -0.89
C ILE A 36 1.14 9.83 -1.49
N SER A 37 2.17 10.02 -0.66
CA SER A 37 3.38 10.70 -1.11
C SER A 37 4.62 9.90 -0.72
N THR A 38 5.56 9.77 -1.66
CA THR A 38 6.78 9.03 -1.42
C THR A 38 7.48 9.50 -0.15
N LYS A 39 7.36 10.80 0.13
CA LYS A 39 7.97 11.38 1.33
C LYS A 39 7.19 10.98 2.58
N GLU A 40 5.88 10.90 2.45
CA GLU A 40 5.02 10.53 3.58
C GLU A 40 5.13 9.05 3.88
N LEU A 41 4.86 8.21 2.87
CA LEU A 41 4.92 6.77 3.03
C LEU A 41 6.27 6.35 3.61
N GLY A 42 7.34 6.91 3.06
CA GLY A 42 8.68 6.58 3.54
C GLY A 42 8.82 6.77 5.04
N LYS A 43 8.33 7.91 5.53
CA LYS A 43 8.41 8.21 6.96
C LYS A 43 7.83 7.07 7.79
N VAL A 44 6.85 6.37 7.23
CA VAL A 44 6.22 5.26 7.92
C VAL A 44 7.11 4.02 7.90
N MET A 45 7.89 3.88 6.84
CA MET A 45 8.79 2.74 6.70
C MET A 45 9.93 2.82 7.71
N ARG A 46 10.34 4.05 8.02
CA ARG A 46 11.42 4.26 8.98
C ARG A 46 11.04 3.78 10.37
N MET A 47 9.79 4.04 10.76
CA MET A 47 9.29 3.62 12.07
C MET A 47 8.92 2.15 12.06
N LEU A 48 8.59 1.63 10.88
CA LEU A 48 8.21 0.23 10.72
C LEU A 48 9.39 -0.69 11.02
N GLY A 49 10.60 -0.19 10.78
CA GLY A 49 11.79 -0.99 11.02
C GLY A 49 12.59 -1.23 9.76
N GLN A 50 12.34 -0.42 8.74
CA GLN A 50 13.05 -0.55 7.47
C GLN A 50 13.52 0.81 6.97
N ASN A 51 14.13 0.82 5.77
CA ASN A 51 14.63 2.05 5.18
C ASN A 51 14.67 1.95 3.66
N PRO A 52 13.48 1.87 3.04
CA PRO A 52 13.35 1.77 1.59
C PRO A 52 13.76 3.06 0.87
N THR A 53 14.58 2.92 -0.16
CA THR A 53 15.04 4.07 -0.93
C THR A 53 13.87 4.96 -1.35
N PRO A 54 14.12 6.28 -1.42
CA PRO A 54 13.10 7.25 -1.82
C PRO A 54 12.74 7.15 -3.29
N GLU A 55 13.67 6.63 -4.09
CA GLU A 55 13.45 6.47 -5.52
C GLU A 55 12.52 5.30 -5.81
N GLU A 56 12.47 4.36 -4.88
CA GLU A 56 11.63 3.18 -5.02
C GLU A 56 10.16 3.52 -4.76
N LEU A 57 9.92 4.23 -3.66
CA LEU A 57 8.56 4.63 -3.30
C LEU A 57 7.87 5.35 -4.45
N GLN A 58 8.54 6.35 -4.99
CA GLN A 58 7.99 7.13 -6.10
C GLN A 58 7.71 6.22 -7.30
N GLU A 59 8.74 5.52 -7.76
CA GLU A 59 8.61 4.62 -8.90
C GLU A 59 7.48 3.62 -8.67
N MET A 60 7.25 3.28 -7.41
CA MET A 60 6.19 2.33 -7.05
C MET A 60 4.81 2.92 -7.32
N ILE A 61 4.69 4.23 -7.14
CA ILE A 61 3.42 4.91 -7.36
C ILE A 61 2.98 4.79 -8.81
N ASP A 62 3.86 5.17 -9.73
CA ASP A 62 3.57 5.10 -11.16
C ASP A 62 3.58 3.66 -11.65
N GLU A 63 4.31 2.80 -10.93
CA GLU A 63 4.42 1.39 -11.30
C GLU A 63 3.06 0.70 -11.15
N VAL A 64 2.23 1.21 -10.25
CA VAL A 64 0.91 0.65 -10.02
C VAL A 64 -0.19 1.54 -10.57
N ASP A 65 0.21 2.72 -11.05
CA ASP A 65 -0.74 3.68 -11.61
C ASP A 65 -1.60 3.01 -12.67
N GLU A 66 -2.87 2.81 -12.35
CA GLU A 66 -3.82 2.18 -13.28
C GLU A 66 -4.35 3.20 -14.28
N ASP A 67 -4.67 4.38 -13.79
CA ASP A 67 -5.20 5.46 -14.64
C ASP A 67 -4.12 6.50 -14.91
N GLY A 68 -3.00 6.39 -14.21
CA GLY A 68 -1.91 7.33 -14.40
C GLY A 68 -2.16 8.65 -13.68
N SER A 69 -2.90 8.59 -12.58
CA SER A 69 -3.22 9.78 -11.79
C SER A 69 -1.98 10.29 -11.07
N GLY A 70 -0.95 9.45 -11.01
CA GLY A 70 0.28 9.83 -10.34
C GLY A 70 0.22 9.59 -8.84
N THR A 71 -0.95 9.20 -8.34
CA THR A 71 -1.13 8.94 -6.92
C THR A 71 -1.64 7.53 -6.68
N VAL A 72 -1.71 7.13 -5.41
CA VAL A 72 -2.18 5.81 -5.05
C VAL A 72 -3.67 5.82 -4.74
N ASP A 73 -4.46 5.22 -5.62
CA ASP A 73 -5.90 5.16 -5.43
C ASP A 73 -6.29 4.06 -4.44
N PHE A 74 -7.58 3.89 -4.22
CA PHE A 74 -8.08 2.87 -3.30
C PHE A 74 -7.79 1.47 -3.82
N ASP A 75 -8.03 1.26 -5.12
CA ASP A 75 -7.80 -0.03 -5.74
C ASP A 75 -6.31 -0.26 -5.96
N GLU A 76 -5.59 0.82 -6.28
CA GLU A 76 -4.15 0.73 -6.54
C GLU A 76 -3.43 0.18 -5.31
N TRP A 77 -3.87 0.60 -4.12
CA TRP A 77 -3.26 0.15 -2.88
C TRP A 77 -3.25 -1.37 -2.79
N LEU A 78 -4.34 -1.99 -3.24
CA LEU A 78 -4.47 -3.45 -3.20
C LEU A 78 -3.70 -4.08 -4.37
N VAL A 79 -3.52 -3.30 -5.43
CA VAL A 79 -2.81 -3.79 -6.60
C VAL A 79 -1.32 -3.90 -6.33
N MET A 80 -0.73 -2.84 -5.81
CA MET A 80 0.69 -2.81 -5.51
C MET A 80 1.06 -3.92 -4.52
N MET A 81 0.09 -4.29 -3.67
CA MET A 81 0.30 -5.33 -2.68
C MET A 81 0.47 -6.70 -3.34
N VAL A 82 -0.52 -7.07 -4.16
CA VAL A 82 -0.49 -8.34 -4.85
C VAL A 82 0.61 -8.37 -5.90
N ARG A 83 0.80 -7.24 -6.59
CA ARG A 83 1.82 -7.13 -7.62
C ARG A 83 3.20 -7.41 -7.05
N CYS A 84 3.39 -7.10 -5.77
CA CYS A 84 4.67 -7.32 -5.11
C CYS A 84 4.84 -8.79 -4.73
N MET A 85 3.74 -9.42 -4.31
CA MET A 85 3.77 -10.82 -3.92
C MET A 85 4.09 -11.71 -5.11
N LYS A 86 3.77 -11.23 -6.30
CA LYS A 86 4.02 -11.99 -7.53
C LYS A 86 4.67 -11.10 -8.59
N ASP A 87 5.56 -10.22 -8.15
CA ASP A 87 6.26 -9.32 -9.06
C ASP A 87 7.20 -10.09 -9.97
N ASP A 88 7.83 -9.39 -10.91
CA ASP A 88 8.75 -10.00 -11.85
C ASP A 88 9.34 -8.96 -12.79
N SER A 89 10.52 -8.45 -12.44
CA SER A 89 11.19 -7.44 -13.26
C SER A 89 11.84 -8.08 -14.48
N ARG B 1 7.39 -15.12 -4.39
CA ARG B 1 6.56 -15.40 -5.55
C ARG B 1 5.20 -15.96 -5.14
N ARG B 2 5.22 -17.07 -4.41
CA ARG B 2 3.99 -17.71 -3.95
C ARG B 2 3.69 -17.32 -2.50
N VAL B 3 4.75 -17.06 -1.73
CA VAL B 3 4.60 -16.67 -0.34
C VAL B 3 3.70 -15.46 -0.20
N ARG B 4 3.40 -15.08 1.04
CA ARG B 4 2.55 -13.93 1.32
C ARG B 4 3.35 -12.79 1.96
N ILE B 5 2.69 -11.66 2.17
CA ILE B 5 3.34 -10.50 2.78
C ILE B 5 2.80 -10.24 4.17
N SER B 6 3.71 -9.97 5.12
CA SER B 6 3.32 -9.71 6.49
C SER B 6 2.52 -8.40 6.59
N ALA B 7 1.21 -8.53 6.71
CA ALA B 7 0.33 -7.37 6.81
C ALA B 7 0.19 -6.92 8.27
N ASP B 8 0.37 -7.85 9.19
CA ASP B 8 0.27 -7.55 10.61
C ASP B 8 1.35 -6.57 11.04
N ALA B 9 2.48 -6.57 10.32
CA ALA B 9 3.59 -5.69 10.62
C ALA B 9 3.13 -4.22 10.66
N MET B 10 2.51 -3.78 9.58
CA MET B 10 2.03 -2.40 9.49
C MET B 10 0.70 -2.24 10.22
N MET B 11 -0.06 -3.33 10.30
CA MET B 11 -1.35 -3.32 10.98
C MET B 11 -1.21 -2.83 12.41
N GLN B 12 -0.04 -3.07 13.01
CA GLN B 12 0.22 -2.65 14.37
C GLN B 12 -0.04 -1.17 14.55
N ALA B 13 0.25 -0.39 13.51
CA ALA B 13 0.04 1.05 13.55
C ALA B 13 -1.44 1.39 13.66
N LEU B 14 -2.28 0.50 13.16
CA LEU B 14 -3.73 0.72 13.19
C LEU B 14 -4.29 0.33 14.55
N LEU B 15 -4.19 -0.95 14.90
CA LEU B 15 -4.70 -1.44 16.18
C LEU B 15 -3.69 -1.19 17.29
N GLY B 16 -4.10 -0.43 18.30
CA GLY B 16 -3.22 -0.13 19.41
C GLY B 16 -3.26 1.33 19.80
N ALA B 17 -3.72 2.17 18.89
CA ALA B 17 -3.79 3.60 19.14
C ALA B 17 -5.11 4.18 18.63
N ARG B 18 -5.49 3.79 17.42
CA ARG B 18 -6.73 4.27 16.82
C ARG B 18 -7.87 3.29 17.06
N ALA B 19 -7.57 1.99 16.96
CA ALA B 19 -8.56 0.96 17.18
C ALA B 19 -9.76 1.15 16.24
N LYS B 20 -9.48 1.31 14.96
CA LYS B 20 -10.53 1.51 13.96
C LYS B 20 -10.36 0.53 12.80
N MET A 1 -2.93 -7.45 -19.32
CA MET A 1 -3.39 -8.57 -18.51
C MET A 1 -2.79 -8.53 -17.12
N ASP A 2 -3.60 -8.13 -16.14
CA ASP A 2 -3.13 -8.05 -14.76
C ASP A 2 -4.13 -8.73 -13.82
N ASP A 3 -4.40 -10.00 -14.06
CA ASP A 3 -5.33 -10.75 -13.23
C ASP A 3 -4.74 -11.03 -11.86
N ILE A 4 -3.41 -11.04 -11.78
CA ILE A 4 -2.73 -11.29 -10.52
C ILE A 4 -3.25 -10.39 -9.42
N TYR A 5 -3.70 -9.19 -9.80
CA TYR A 5 -4.24 -8.23 -8.83
C TYR A 5 -5.72 -8.48 -8.59
N LYS A 6 -6.44 -8.80 -9.66
CA LYS A 6 -7.88 -9.06 -9.57
C LYS A 6 -8.15 -10.22 -8.63
N ALA A 7 -7.28 -11.22 -8.64
CA ALA A 7 -7.43 -12.39 -7.79
C ALA A 7 -7.01 -12.09 -6.36
N ALA A 8 -6.05 -11.18 -6.20
CA ALA A 8 -5.58 -10.79 -4.89
C ALA A 8 -6.56 -9.86 -4.19
N VAL A 9 -7.19 -8.99 -4.98
CA VAL A 9 -8.16 -8.04 -4.43
C VAL A 9 -9.47 -8.73 -4.08
N GLU A 10 -9.82 -9.76 -4.85
CA GLU A 10 -11.05 -10.49 -4.63
C GLU A 10 -10.90 -11.45 -3.45
N GLN A 11 -9.75 -12.13 -3.39
CA GLN A 11 -9.48 -13.08 -2.32
C GLN A 11 -9.56 -12.39 -0.95
N LEU A 12 -9.45 -11.08 -0.95
CA LEU A 12 -9.50 -10.30 0.28
C LEU A 12 -10.78 -10.62 1.06
N THR A 13 -10.89 -10.06 2.26
CA THR A 13 -12.07 -10.27 3.10
C THR A 13 -12.68 -8.94 3.53
N GLU A 14 -13.90 -9.01 4.05
CA GLU A 14 -14.59 -7.81 4.51
C GLU A 14 -13.75 -7.05 5.53
N GLU A 15 -12.92 -7.78 6.26
CA GLU A 15 -12.06 -7.17 7.27
C GLU A 15 -10.89 -6.43 6.62
N GLN A 16 -10.29 -7.06 5.62
CA GLN A 16 -9.16 -6.47 4.91
C GLN A 16 -9.53 -5.10 4.34
N LYS A 17 -10.59 -5.06 3.55
CA LYS A 17 -11.05 -3.81 2.94
C LYS A 17 -11.33 -2.77 4.02
N ASN A 18 -11.78 -3.22 5.19
CA ASN A 18 -12.09 -2.33 6.29
C ASN A 18 -10.81 -1.81 6.95
N GLU A 19 -9.80 -2.67 7.03
CA GLU A 19 -8.53 -2.30 7.63
C GLU A 19 -7.70 -1.45 6.67
N PHE A 20 -7.93 -1.63 5.38
CA PHE A 20 -7.21 -0.88 4.35
C PHE A 20 -7.82 0.51 4.16
N LYS A 21 -9.13 0.61 4.39
CA LYS A 21 -9.83 1.87 4.24
C LYS A 21 -9.35 2.89 5.28
N ALA A 22 -8.82 2.40 6.39
CA ALA A 22 -8.32 3.26 7.45
C ALA A 22 -6.98 3.87 7.07
N ALA A 23 -6.04 3.02 6.66
CA ALA A 23 -4.71 3.49 6.27
C ALA A 23 -4.80 4.54 5.18
N PHE A 24 -5.64 4.28 4.18
CA PHE A 24 -5.81 5.20 3.07
C PHE A 24 -6.21 6.59 3.57
N ASP A 25 -7.28 6.64 4.37
CA ASP A 25 -7.75 7.91 4.92
C ASP A 25 -6.69 8.56 5.80
N ILE A 26 -6.17 7.79 6.75
CA ILE A 26 -5.16 8.28 7.66
C ILE A 26 -3.98 8.87 6.90
N PHE A 27 -3.58 8.19 5.82
CA PHE A 27 -2.45 8.65 5.01
C PHE A 27 -2.74 10.03 4.43
N VAL A 28 -4.02 10.35 4.26
CA VAL A 28 -4.42 11.63 3.71
C VAL A 28 -5.27 12.42 4.71
N LEU A 29 -5.08 12.13 5.99
CA LEU A 29 -5.82 12.81 7.05
C LEU A 29 -5.62 14.32 6.97
N GLY A 30 -4.50 14.74 6.40
CA GLY A 30 -4.21 16.15 6.27
C GLY A 30 -3.88 16.55 4.85
N ALA A 31 -4.29 15.73 3.89
CA ALA A 31 -4.04 16.00 2.48
C ALA A 31 -5.12 16.89 1.89
N GLU A 32 -4.70 17.91 1.15
CA GLU A 32 -5.64 18.84 0.52
C GLU A 32 -6.23 18.24 -0.75
N ASP A 33 -5.48 17.34 -1.39
CA ASP A 33 -5.93 16.70 -2.62
C ASP A 33 -6.44 15.30 -2.33
N GLY A 34 -5.89 14.66 -1.31
CA GLY A 34 -6.30 13.31 -0.95
C GLY A 34 -5.53 12.25 -1.71
N CYS A 35 -4.21 12.27 -1.60
CA CYS A 35 -3.36 11.30 -2.29
C CYS A 35 -2.13 10.98 -1.45
N ILE A 36 -1.47 9.87 -1.79
CA ILE A 36 -0.28 9.45 -1.08
C ILE A 36 0.95 9.54 -1.97
N SER A 37 2.08 9.95 -1.39
CA SER A 37 3.32 10.09 -2.13
C SER A 37 4.45 9.32 -1.43
N THR A 38 5.51 9.03 -2.19
CA THR A 38 6.65 8.30 -1.66
C THR A 38 7.31 9.08 -0.52
N LYS A 39 7.23 10.40 -0.59
CA LYS A 39 7.82 11.26 0.42
C LYS A 39 7.16 11.02 1.78
N GLU A 40 5.84 10.94 1.79
CA GLU A 40 5.09 10.71 3.02
C GLU A 40 5.16 9.25 3.44
N LEU A 41 4.96 8.35 2.47
CA LEU A 41 4.99 6.92 2.74
C LEU A 41 6.35 6.50 3.27
N GLY A 42 7.41 6.89 2.57
CA GLY A 42 8.75 6.54 3.00
C GLY A 42 9.05 7.01 4.40
N LYS A 43 8.44 8.12 4.81
CA LYS A 43 8.64 8.68 6.13
C LYS A 43 8.06 7.76 7.20
N VAL A 44 7.01 7.03 6.84
CA VAL A 44 6.36 6.12 7.77
C VAL A 44 7.18 4.84 7.94
N MET A 45 7.90 4.46 6.90
CA MET A 45 8.73 3.25 6.93
C MET A 45 9.93 3.46 7.83
N ARG A 46 10.39 4.71 7.95
CA ARG A 46 11.54 5.04 8.78
C ARG A 46 11.19 4.91 10.26
N MET A 47 9.94 5.22 10.59
CA MET A 47 9.48 5.16 11.97
C MET A 47 9.06 3.74 12.33
N LEU A 48 8.66 2.97 11.32
CA LEU A 48 8.22 1.59 11.53
C LEU A 48 9.38 0.73 12.02
N GLY A 49 10.61 1.16 11.71
CA GLY A 49 11.78 0.40 12.12
C GLY A 49 12.56 -0.14 10.93
N GLN A 50 12.27 0.38 9.75
CA GLN A 50 12.95 -0.05 8.53
C GLN A 50 13.44 1.14 7.72
N ASN A 51 14.00 0.86 6.55
CA ASN A 51 14.51 1.91 5.68
C ASN A 51 14.50 1.46 4.21
N PRO A 52 13.30 1.40 3.62
CA PRO A 52 13.12 1.00 2.22
C PRO A 52 13.68 2.03 1.24
N THR A 53 14.48 1.56 0.29
CA THR A 53 15.07 2.44 -0.71
C THR A 53 14.01 3.31 -1.37
N PRO A 54 14.40 4.54 -1.72
CA PRO A 54 13.49 5.49 -2.37
C PRO A 54 13.14 5.10 -3.80
N GLU A 55 13.93 4.18 -4.36
CA GLU A 55 13.70 3.70 -5.72
C GLU A 55 12.51 2.75 -5.77
N GLU A 56 12.26 2.06 -4.65
CA GLU A 56 11.15 1.11 -4.58
C GLU A 56 9.82 1.84 -4.56
N LEU A 57 9.68 2.77 -3.62
CA LEU A 57 8.44 3.54 -3.50
C LEU A 57 8.16 4.33 -4.76
N GLN A 58 9.16 5.08 -5.21
CA GLN A 58 9.02 5.89 -6.43
C GLN A 58 8.51 5.04 -7.59
N GLU A 59 9.10 3.87 -7.76
CA GLU A 59 8.71 2.97 -8.84
C GLU A 59 7.29 2.45 -8.62
N MET A 60 6.90 2.31 -7.36
CA MET A 60 5.57 1.82 -7.01
C MET A 60 4.50 2.83 -7.43
N ILE A 61 4.87 4.11 -7.45
CA ILE A 61 3.95 5.16 -7.82
C ILE A 61 3.57 5.06 -9.30
N ASP A 62 4.57 5.02 -10.16
CA ASP A 62 4.33 4.91 -11.60
C ASP A 62 3.85 3.52 -11.97
N GLU A 63 4.22 2.53 -11.15
CA GLU A 63 3.82 1.15 -11.40
C GLU A 63 2.32 0.99 -11.31
N VAL A 64 1.73 1.51 -10.23
CA VAL A 64 0.29 1.43 -10.03
C VAL A 64 -0.44 2.53 -10.78
N ASP A 65 0.30 3.55 -11.18
CA ASP A 65 -0.27 4.67 -11.92
C ASP A 65 -1.07 4.19 -13.11
N GLU A 66 -2.40 4.26 -13.01
CA GLU A 66 -3.28 3.81 -14.08
C GLU A 66 -3.43 4.90 -15.14
N ASP A 67 -3.35 6.15 -14.71
CA ASP A 67 -3.47 7.29 -15.63
C ASP A 67 -2.16 8.06 -15.72
N GLY A 68 -1.21 7.72 -14.84
CA GLY A 68 0.07 8.39 -14.84
C GLY A 68 0.02 9.73 -14.13
N SER A 69 -0.86 9.85 -13.15
CA SER A 69 -1.02 11.10 -12.41
C SER A 69 0.20 11.35 -11.51
N GLY A 70 1.00 10.30 -11.31
CA GLY A 70 2.18 10.42 -10.48
C GLY A 70 1.87 10.25 -9.01
N THR A 71 0.70 9.68 -8.72
CA THR A 71 0.29 9.46 -7.34
C THR A 71 -0.51 8.17 -7.21
N VAL A 72 -0.60 7.65 -5.98
CA VAL A 72 -1.33 6.42 -5.72
C VAL A 72 -2.78 6.72 -5.33
N ASP A 73 -3.71 6.41 -6.24
CA ASP A 73 -5.12 6.65 -5.99
C ASP A 73 -5.66 5.69 -4.94
N PHE A 74 -6.97 5.68 -4.77
CA PHE A 74 -7.62 4.80 -3.79
C PHE A 74 -7.52 3.35 -4.22
N ASP A 75 -7.73 3.10 -5.51
CA ASP A 75 -7.68 1.75 -6.06
C ASP A 75 -6.23 1.33 -6.32
N GLU A 76 -5.41 2.29 -6.74
CA GLU A 76 -4.00 2.01 -7.02
C GLU A 76 -3.27 1.58 -5.75
N TRP A 77 -3.83 1.91 -4.61
CA TRP A 77 -3.23 1.56 -3.32
C TRP A 77 -3.46 0.08 -3.01
N LEU A 78 -4.63 -0.42 -3.36
CA LEU A 78 -4.97 -1.82 -3.12
C LEU A 78 -4.10 -2.75 -3.97
N VAL A 79 -3.80 -2.32 -5.19
CA VAL A 79 -2.98 -3.10 -6.10
C VAL A 79 -1.50 -3.01 -5.72
N MET A 80 -1.13 -1.90 -5.07
CA MET A 80 0.25 -1.69 -4.65
C MET A 80 0.75 -2.88 -3.82
N MET A 81 -0.17 -3.54 -3.13
CA MET A 81 0.19 -4.68 -2.29
C MET A 81 0.65 -5.85 -3.15
N VAL A 82 -0.19 -6.25 -4.09
CA VAL A 82 0.13 -7.37 -4.99
C VAL A 82 1.26 -6.99 -5.94
N ARG A 83 1.30 -5.74 -6.34
CA ARG A 83 2.33 -5.25 -7.25
C ARG A 83 3.72 -5.63 -6.74
N CYS A 84 3.96 -5.41 -5.45
CA CYS A 84 5.24 -5.73 -4.85
C CYS A 84 5.49 -7.23 -4.83
N MET A 85 4.42 -8.00 -4.65
CA MET A 85 4.51 -9.46 -4.62
C MET A 85 4.71 -10.02 -6.02
N LYS A 86 4.33 -9.24 -7.02
CA LYS A 86 4.47 -9.66 -8.42
C LYS A 86 5.23 -8.61 -9.23
N ASP A 87 6.23 -8.00 -8.60
CA ASP A 87 7.04 -6.98 -9.26
C ASP A 87 7.80 -7.58 -10.44
N ASP A 88 8.15 -6.74 -11.40
CA ASP A 88 8.88 -7.18 -12.59
C ASP A 88 10.35 -6.80 -12.49
N SER A 89 10.60 -5.55 -12.10
CA SER A 89 11.97 -5.05 -11.97
C SER A 89 12.59 -5.51 -10.65
N ARG B 1 3.29 -20.59 -2.30
CA ARG B 1 2.76 -19.75 -1.24
C ARG B 1 1.89 -18.63 -1.81
N ARG B 2 0.98 -18.12 -0.99
CA ARG B 2 0.07 -17.06 -1.40
C ARG B 2 0.57 -15.69 -0.93
N VAL B 3 0.41 -15.44 0.38
CA VAL B 3 0.84 -14.18 0.96
C VAL B 3 2.37 -14.11 1.06
N ARG B 4 2.91 -12.92 0.93
CA ARG B 4 4.35 -12.72 1.00
C ARG B 4 4.69 -11.60 1.98
N ILE B 5 4.15 -10.41 1.73
CA ILE B 5 4.39 -9.25 2.60
C ILE B 5 3.71 -9.43 3.95
N SER B 6 4.44 -9.09 5.02
CA SER B 6 3.91 -9.20 6.37
C SER B 6 3.00 -8.03 6.70
N ALA B 7 1.73 -8.13 6.32
CA ALA B 7 0.76 -7.08 6.57
C ALA B 7 0.44 -6.97 8.06
N ASP B 8 0.63 -8.07 8.78
CA ASP B 8 0.36 -8.11 10.21
C ASP B 8 1.17 -7.04 10.94
N ALA B 9 2.48 -7.03 10.71
CA ALA B 9 3.36 -6.06 11.34
C ALA B 9 3.00 -4.64 10.93
N MET B 10 2.93 -4.40 9.62
CA MET B 10 2.60 -3.08 9.09
C MET B 10 1.24 -2.63 9.61
N MET B 11 0.40 -3.59 9.97
CA MET B 11 -0.94 -3.28 10.48
C MET B 11 -0.87 -2.27 11.62
N GLN B 12 0.24 -2.32 12.38
CA GLN B 12 0.43 -1.41 13.50
C GLN B 12 0.33 0.05 13.05
N ALA B 13 0.80 0.32 11.84
CA ALA B 13 0.75 1.67 11.29
C ALA B 13 -0.59 1.95 10.63
N LEU B 14 -1.14 0.95 9.96
CA LEU B 14 -2.41 1.10 9.28
C LEU B 14 -3.48 1.63 10.22
N LEU B 15 -3.74 0.90 11.29
CA LEU B 15 -4.73 1.30 12.29
C LEU B 15 -4.10 1.38 13.67
N GLY B 16 -3.26 0.42 14.00
CA GLY B 16 -2.60 0.41 15.30
C GLY B 16 -3.58 0.25 16.43
N ALA B 17 -4.70 -0.42 16.16
CA ALA B 17 -5.73 -0.64 17.17
C ALA B 17 -6.02 -2.13 17.35
N ARG B 18 -5.67 -2.67 18.50
CA ARG B 18 -5.89 -4.08 18.80
C ARG B 18 -5.23 -4.95 17.74
N ALA B 19 -4.05 -4.55 17.28
CA ALA B 19 -3.32 -5.30 16.28
C ALA B 19 -2.84 -6.64 16.82
N LYS B 20 -2.65 -6.70 18.14
CA LYS B 20 -2.19 -7.92 18.80
C LYS B 20 -3.07 -9.11 18.40
N MET A 1 -5.77 -10.45 -18.18
CA MET A 1 -4.40 -10.39 -17.67
C MET A 1 -4.39 -9.96 -16.20
N ASP A 2 -3.25 -10.15 -15.54
CA ASP A 2 -3.12 -9.79 -14.13
C ASP A 2 -4.22 -10.42 -13.30
N ASP A 3 -4.49 -11.69 -13.54
CA ASP A 3 -5.53 -12.41 -12.80
C ASP A 3 -5.14 -12.56 -11.33
N ILE A 4 -3.85 -12.66 -11.07
CA ILE A 4 -3.35 -12.81 -9.71
C ILE A 4 -3.92 -11.73 -8.80
N TYR A 5 -4.12 -10.54 -9.35
CA TYR A 5 -4.65 -9.42 -8.60
C TYR A 5 -6.18 -9.51 -8.49
N LYS A 6 -6.82 -9.88 -9.59
CA LYS A 6 -8.27 -10.01 -9.63
C LYS A 6 -8.75 -10.99 -8.57
N ALA A 7 -8.01 -12.09 -8.40
CA ALA A 7 -8.38 -13.11 -7.42
C ALA A 7 -8.01 -12.65 -6.01
N ALA A 8 -6.97 -11.82 -5.90
CA ALA A 8 -6.54 -11.32 -4.60
C ALA A 8 -7.48 -10.24 -4.08
N VAL A 9 -7.98 -9.41 -4.98
CA VAL A 9 -8.91 -8.34 -4.60
C VAL A 9 -10.28 -8.90 -4.29
N GLU A 10 -10.67 -9.96 -5.00
CA GLU A 10 -11.97 -10.58 -4.78
C GLU A 10 -11.98 -11.42 -3.51
N GLN A 11 -10.90 -12.17 -3.29
CA GLN A 11 -10.79 -13.01 -2.11
C GLN A 11 -10.86 -12.18 -0.84
N LEU A 12 -10.61 -10.89 -0.97
CA LEU A 12 -10.65 -9.97 0.17
C LEU A 12 -11.95 -10.11 0.94
N THR A 13 -11.95 -9.66 2.18
CA THR A 13 -13.13 -9.73 3.03
C THR A 13 -13.60 -8.34 3.46
N GLU A 14 -14.82 -8.26 3.99
CA GLU A 14 -15.38 -6.99 4.44
C GLU A 14 -14.40 -6.27 5.38
N GLU A 15 -13.65 -7.05 6.14
CA GLU A 15 -12.68 -6.48 7.08
C GLU A 15 -11.46 -5.94 6.34
N GLN A 16 -10.98 -6.70 5.36
CA GLN A 16 -9.82 -6.29 4.58
C GLN A 16 -10.02 -4.90 3.98
N LYS A 17 -11.11 -4.74 3.24
CA LYS A 17 -11.42 -3.47 2.61
C LYS A 17 -11.65 -2.39 3.66
N ASN A 18 -12.37 -2.74 4.72
CA ASN A 18 -12.66 -1.80 5.80
C ASN A 18 -11.37 -1.23 6.39
N GLU A 19 -10.28 -1.98 6.26
CA GLU A 19 -8.98 -1.55 6.78
C GLU A 19 -8.36 -0.49 5.87
N PHE A 20 -8.61 -0.62 4.56
CA PHE A 20 -8.07 0.32 3.59
C PHE A 20 -8.43 1.76 3.96
N LYS A 21 -9.64 1.95 4.44
CA LYS A 21 -10.11 3.27 4.84
C LYS A 21 -9.26 3.82 5.98
N ALA A 22 -8.68 2.93 6.78
CA ALA A 22 -7.84 3.33 7.89
C ALA A 22 -6.46 3.76 7.42
N ALA A 23 -5.78 2.86 6.72
CA ALA A 23 -4.44 3.14 6.20
C ALA A 23 -4.46 4.31 5.22
N PHE A 24 -5.45 4.31 4.32
CA PHE A 24 -5.58 5.36 3.33
C PHE A 24 -5.68 6.73 4.00
N ASP A 25 -6.46 6.79 5.08
CA ASP A 25 -6.65 8.04 5.81
C ASP A 25 -5.38 8.41 6.58
N ILE A 26 -4.88 7.47 7.36
CA ILE A 26 -3.67 7.69 8.15
C ILE A 26 -2.51 8.13 7.28
N PHE A 27 -2.41 7.54 6.09
CA PHE A 27 -1.35 7.88 5.15
C PHE A 27 -1.47 9.33 4.69
N VAL A 28 -2.69 9.84 4.70
CA VAL A 28 -2.95 11.22 4.28
C VAL A 28 -3.48 12.05 5.43
N LEU A 29 -3.14 11.65 6.66
CA LEU A 29 -3.60 12.36 7.85
C LEU A 29 -3.03 13.77 7.88
N GLY A 30 -1.91 13.98 7.21
CA GLY A 30 -1.29 15.29 7.17
C GLY A 30 -1.07 15.79 5.75
N ALA A 31 -1.82 15.23 4.81
CA ALA A 31 -1.70 15.63 3.41
C ALA A 31 -2.56 16.86 3.12
N GLU A 32 -2.16 17.61 2.09
CA GLU A 32 -2.88 18.82 1.71
C GLU A 32 -3.90 18.52 0.63
N ASP A 33 -3.64 17.47 -0.15
CA ASP A 33 -4.54 17.06 -1.22
C ASP A 33 -5.21 15.74 -0.91
N GLY A 34 -4.54 14.92 -0.09
CA GLY A 34 -5.08 13.63 0.27
C GLY A 34 -4.62 12.51 -0.66
N CYS A 35 -3.30 12.38 -0.78
CA CYS A 35 -2.72 11.35 -1.65
C CYS A 35 -1.49 10.73 -0.99
N ILE A 36 -1.11 9.54 -1.47
CA ILE A 36 0.04 8.84 -0.93
C ILE A 36 1.30 9.18 -1.71
N SER A 37 2.20 9.94 -1.10
CA SER A 37 3.45 10.33 -1.74
C SER A 37 4.58 9.39 -1.35
N THR A 38 5.61 9.32 -2.20
CA THR A 38 6.76 8.47 -1.94
C THR A 38 7.33 8.71 -0.54
N LYS A 39 7.17 9.93 -0.05
CA LYS A 39 7.67 10.30 1.27
C LYS A 39 6.80 9.69 2.36
N GLU A 40 5.49 9.84 2.22
CA GLU A 40 4.55 9.31 3.19
C GLU A 40 4.53 7.78 3.15
N LEU A 41 4.91 7.22 2.01
CA LEU A 41 4.93 5.77 1.83
C LEU A 41 6.12 5.16 2.56
N GLY A 42 7.31 5.71 2.32
CA GLY A 42 8.51 5.20 2.96
C GLY A 42 8.47 5.38 4.47
N LYS A 43 7.92 6.49 4.93
CA LYS A 43 7.83 6.77 6.36
C LYS A 43 7.18 5.61 7.10
N VAL A 44 6.24 4.95 6.44
CA VAL A 44 5.54 3.82 7.03
C VAL A 44 6.42 2.57 7.03
N MET A 45 7.25 2.45 6.02
CA MET A 45 8.15 1.30 5.89
C MET A 45 9.20 1.31 7.00
N ARG A 46 9.57 2.51 7.46
CA ARG A 46 10.56 2.65 8.50
C ARG A 46 10.03 2.10 9.83
N MET A 47 8.76 2.36 10.11
CA MET A 47 8.15 1.89 11.34
C MET A 47 7.73 0.42 11.22
N LEU A 48 7.51 -0.02 9.97
CA LEU A 48 7.11 -1.40 9.72
C LEU A 48 8.23 -2.37 10.10
N GLY A 49 9.47 -1.96 9.85
CA GLY A 49 10.60 -2.81 10.17
C GLY A 49 11.68 -2.76 9.11
N GLN A 50 11.30 -2.34 7.91
CA GLN A 50 12.24 -2.26 6.80
C GLN A 50 12.68 -0.82 6.56
N ASN A 51 13.44 -0.61 5.50
CA ASN A 51 13.93 0.73 5.16
C ASN A 51 14.22 0.84 3.66
N PRO A 52 13.15 0.83 2.86
CA PRO A 52 13.26 0.93 1.40
C PRO A 52 13.69 2.32 0.95
N THR A 53 14.70 2.36 0.08
CA THR A 53 15.21 3.63 -0.43
C THR A 53 14.08 4.51 -0.94
N PRO A 54 14.24 5.83 -0.80
CA PRO A 54 13.25 6.81 -1.25
C PRO A 54 13.16 6.90 -2.76
N GLU A 55 14.25 6.54 -3.44
CA GLU A 55 14.30 6.57 -4.89
C GLU A 55 13.51 5.42 -5.49
N GLU A 56 13.37 4.34 -4.72
CA GLU A 56 12.64 3.16 -5.17
C GLU A 56 11.14 3.40 -5.12
N LEU A 57 10.67 3.94 -3.99
CA LEU A 57 9.25 4.21 -3.81
C LEU A 57 8.70 5.04 -4.97
N GLN A 58 9.40 6.12 -5.29
CA GLN A 58 8.98 7.00 -6.39
C GLN A 58 8.74 6.20 -7.66
N GLU A 59 9.58 5.20 -7.89
CA GLU A 59 9.46 4.36 -9.08
C GLU A 59 8.34 3.32 -8.91
N MET A 60 8.07 2.96 -7.66
CA MET A 60 7.03 1.99 -7.36
C MET A 60 5.64 2.59 -7.59
N ILE A 61 5.43 3.77 -7.04
CA ILE A 61 4.15 4.45 -7.17
C ILE A 61 3.75 4.58 -8.64
N ASP A 62 4.69 5.00 -9.47
CA ASP A 62 4.44 5.16 -10.90
C ASP A 62 4.34 3.80 -11.59
N GLU A 63 5.01 2.81 -11.03
CA GLU A 63 5.00 1.46 -11.58
C GLU A 63 3.65 0.80 -11.38
N VAL A 64 3.04 1.05 -10.22
CA VAL A 64 1.74 0.48 -9.89
C VAL A 64 0.61 1.30 -10.50
N ASP A 65 0.88 2.57 -10.77
CA ASP A 65 -0.11 3.46 -11.36
C ASP A 65 -0.70 2.85 -12.63
N GLU A 66 -2.03 2.79 -12.69
CA GLU A 66 -2.71 2.22 -13.86
C GLU A 66 -2.82 3.26 -14.97
N ASP A 67 -3.11 4.49 -14.60
CA ASP A 67 -3.24 5.57 -15.58
C ASP A 67 -2.03 6.50 -15.53
N GLY A 68 -1.18 6.31 -14.52
CA GLY A 68 -0.01 7.14 -14.37
C GLY A 68 -0.32 8.49 -13.76
N SER A 69 -1.32 8.53 -12.89
CA SER A 69 -1.72 9.77 -12.25
C SER A 69 -0.67 10.22 -11.23
N GLY A 70 0.23 9.31 -10.89
CA GLY A 70 1.28 9.64 -9.94
C GLY A 70 0.86 9.34 -8.50
N THR A 71 -0.42 9.07 -8.30
CA THR A 71 -0.94 8.78 -6.97
C THR A 71 -1.59 7.40 -6.92
N VAL A 72 -1.52 6.76 -5.77
CA VAL A 72 -2.09 5.43 -5.59
C VAL A 72 -3.55 5.52 -5.14
N ASP A 73 -4.43 4.79 -5.82
CA ASP A 73 -5.85 4.79 -5.50
C ASP A 73 -6.23 3.52 -4.74
N PHE A 74 -7.53 3.31 -4.57
CA PHE A 74 -8.02 2.13 -3.86
C PHE A 74 -7.66 0.86 -4.61
N ASP A 75 -7.47 0.98 -5.92
CA ASP A 75 -7.12 -0.17 -6.75
C ASP A 75 -5.62 -0.42 -6.74
N GLU A 76 -4.86 0.59 -7.16
CA GLU A 76 -3.40 0.48 -7.20
C GLU A 76 -2.84 0.09 -5.83
N TRP A 77 -3.59 0.43 -4.78
CA TRP A 77 -3.18 0.12 -3.41
C TRP A 77 -3.44 -1.34 -3.09
N LEU A 78 -4.51 -1.89 -3.66
CA LEU A 78 -4.88 -3.29 -3.44
C LEU A 78 -4.01 -4.22 -4.26
N VAL A 79 -3.64 -3.77 -5.46
CA VAL A 79 -2.81 -4.57 -6.36
C VAL A 79 -1.36 -4.54 -5.92
N MET A 80 -0.97 -3.49 -5.21
CA MET A 80 0.40 -3.34 -4.74
C MET A 80 0.77 -4.49 -3.81
N MET A 81 -0.16 -4.90 -2.96
CA MET A 81 0.06 -5.98 -2.02
C MET A 81 0.32 -7.29 -2.76
N VAL A 82 -0.62 -7.67 -3.63
CA VAL A 82 -0.50 -8.90 -4.40
C VAL A 82 0.72 -8.85 -5.32
N ARG A 83 0.98 -7.68 -5.89
CA ARG A 83 2.10 -7.51 -6.79
C ARG A 83 3.40 -7.96 -6.14
N CYS A 84 3.48 -7.78 -4.82
CA CYS A 84 4.68 -8.17 -4.07
C CYS A 84 4.65 -9.66 -3.74
N MET A 85 3.44 -10.21 -3.64
CA MET A 85 3.28 -11.62 -3.32
C MET A 85 3.48 -12.49 -4.56
N LYS A 86 3.27 -11.89 -5.73
CA LYS A 86 3.42 -12.60 -7.00
C LYS A 86 4.18 -11.74 -8.02
N ASP A 87 5.20 -11.03 -7.54
CA ASP A 87 6.00 -10.18 -8.41
C ASP A 87 6.57 -10.97 -9.58
N ASP A 88 6.39 -10.44 -10.79
CA ASP A 88 6.88 -11.10 -12.00
C ASP A 88 7.79 -10.17 -12.79
N SER A 89 7.24 -9.05 -13.26
CA SER A 89 7.99 -8.08 -14.04
C SER A 89 8.32 -6.85 -13.20
N ARG B 1 12.52 -12.41 -5.44
CA ARG B 1 12.40 -12.34 -3.98
C ARG B 1 11.25 -13.22 -3.50
N ARG B 2 11.10 -13.31 -2.19
CA ARG B 2 10.03 -14.12 -1.59
C ARG B 2 9.33 -13.35 -0.49
N VAL B 3 9.17 -12.04 -0.68
CA VAL B 3 8.50 -11.20 0.30
C VAL B 3 6.99 -11.27 0.15
N ARG B 4 6.32 -11.88 1.12
CA ARG B 4 4.88 -12.02 1.10
C ARG B 4 4.23 -11.16 2.18
N ILE B 5 3.43 -10.19 1.75
CA ILE B 5 2.76 -9.29 2.69
C ILE B 5 1.36 -9.81 3.03
N SER B 6 1.24 -10.39 4.22
CA SER B 6 -0.04 -10.93 4.67
C SER B 6 -0.99 -9.81 5.11
N ALA B 7 -2.26 -10.15 5.28
CA ALA B 7 -3.26 -9.18 5.70
C ALA B 7 -2.91 -8.59 7.07
N ASP B 8 -2.19 -9.38 7.87
CA ASP B 8 -1.80 -8.94 9.21
C ASP B 8 -0.91 -7.72 9.13
N ALA B 9 -0.06 -7.67 8.11
CA ALA B 9 0.86 -6.55 7.92
C ALA B 9 0.11 -5.22 7.96
N MET B 10 -0.95 -5.11 7.16
CA MET B 10 -1.74 -3.90 7.10
C MET B 10 -2.32 -3.56 8.47
N MET B 11 -2.50 -4.58 9.30
CA MET B 11 -3.04 -4.39 10.64
C MET B 11 -1.98 -3.84 11.59
N GLN B 12 -0.72 -4.12 11.27
CA GLN B 12 0.39 -3.64 12.09
C GLN B 12 0.28 -2.15 12.34
N ALA B 13 -0.27 -1.42 11.38
CA ALA B 13 -0.42 0.02 11.49
C ALA B 13 -1.70 0.37 12.25
N LEU B 14 -2.70 -0.50 12.16
CA LEU B 14 -3.97 -0.28 12.83
C LEU B 14 -3.79 -0.21 14.34
N LEU B 15 -2.76 -0.89 14.83
CA LEU B 15 -2.47 -0.92 16.26
C LEU B 15 -1.34 0.05 16.59
N GLY B 16 -1.22 1.12 15.81
CA GLY B 16 -0.18 2.10 16.04
C GLY B 16 -0.46 2.97 17.25
N ALA B 17 -0.51 4.28 17.05
CA ALA B 17 -0.77 5.21 18.13
C ALA B 17 -2.27 5.30 18.44
N ARG B 18 -2.80 4.28 19.11
CA ARG B 18 -4.21 4.25 19.46
C ARG B 18 -5.08 4.48 18.23
N ALA B 19 -4.60 4.03 17.08
CA ALA B 19 -5.32 4.17 15.83
C ALA B 19 -6.64 3.40 15.86
N LYS B 20 -7.74 4.11 15.64
CA LYS B 20 -9.06 3.50 15.65
C LYS B 20 -9.15 2.37 14.62
N MET A 1 -3.02 -5.05 -19.53
CA MET A 1 -3.11 -5.32 -18.10
C MET A 1 -2.98 -6.81 -17.80
N ASP A 2 -2.78 -7.15 -16.54
CA ASP A 2 -2.64 -8.54 -16.14
C ASP A 2 -3.87 -9.02 -15.37
N ASP A 3 -4.12 -10.33 -15.41
CA ASP A 3 -5.26 -10.91 -14.73
C ASP A 3 -4.94 -11.19 -13.27
N ILE A 4 -3.66 -11.38 -12.97
CA ILE A 4 -3.21 -11.66 -11.62
C ILE A 4 -3.77 -10.62 -10.64
N TYR A 5 -3.90 -9.38 -11.10
CA TYR A 5 -4.41 -8.31 -10.27
C TYR A 5 -5.94 -8.36 -10.19
N LYS A 6 -6.57 -8.72 -11.31
CA LYS A 6 -8.02 -8.81 -11.37
C LYS A 6 -8.54 -9.88 -10.42
N ALA A 7 -7.88 -11.02 -10.41
CA ALA A 7 -8.27 -12.13 -9.55
C ALA A 7 -7.83 -11.88 -8.10
N ALA A 8 -6.64 -11.32 -7.94
CA ALA A 8 -6.12 -11.03 -6.61
C ALA A 8 -7.07 -10.14 -5.82
N VAL A 9 -7.74 -9.24 -6.53
CA VAL A 9 -8.69 -8.32 -5.89
C VAL A 9 -9.98 -9.05 -5.51
N GLU A 10 -10.37 -10.02 -6.32
CA GLU A 10 -11.58 -10.79 -6.07
C GLU A 10 -11.36 -11.79 -4.94
N GLN A 11 -10.21 -12.45 -4.96
CA GLN A 11 -9.88 -13.44 -3.94
C GLN A 11 -9.93 -12.82 -2.54
N LEU A 12 -9.83 -11.50 -2.49
CA LEU A 12 -9.86 -10.78 -1.22
C LEU A 12 -11.14 -11.09 -0.45
N THR A 13 -11.21 -10.62 0.79
CA THR A 13 -12.38 -10.84 1.63
C THR A 13 -13.01 -9.53 2.06
N GLU A 14 -14.25 -9.60 2.56
CA GLU A 14 -14.95 -8.41 3.00
C GLU A 14 -14.11 -7.60 3.99
N GLU A 15 -13.30 -8.31 4.78
CA GLU A 15 -12.43 -7.67 5.76
C GLU A 15 -11.24 -7.00 5.08
N GLN A 16 -10.74 -7.64 4.02
CA GLN A 16 -9.59 -7.11 3.29
C GLN A 16 -9.88 -5.71 2.77
N LYS A 17 -10.95 -5.56 2.01
CA LYS A 17 -11.35 -4.27 1.45
C LYS A 17 -11.56 -3.25 2.56
N ASN A 18 -12.38 -3.61 3.55
CA ASN A 18 -12.67 -2.72 4.66
C ASN A 18 -11.39 -2.35 5.41
N GLU A 19 -10.40 -3.22 5.33
CA GLU A 19 -9.12 -2.98 6.00
C GLU A 19 -8.27 -1.97 5.22
N PHE A 20 -8.45 -1.98 3.90
CA PHE A 20 -7.70 -1.07 3.04
C PHE A 20 -8.30 0.33 3.07
N LYS A 21 -9.60 0.40 3.35
CA LYS A 21 -10.30 1.68 3.40
C LYS A 21 -9.90 2.45 4.66
N ALA A 22 -9.52 1.73 5.70
CA ALA A 22 -9.11 2.35 6.96
C ALA A 22 -7.70 2.93 6.85
N ALA A 23 -6.74 2.07 6.51
CA ALA A 23 -5.36 2.50 6.38
C ALA A 23 -5.22 3.64 5.39
N PHE A 24 -5.92 3.53 4.27
CA PHE A 24 -5.87 4.56 3.23
C PHE A 24 -6.28 5.92 3.80
N ASP A 25 -7.29 5.90 4.66
CA ASP A 25 -7.78 7.14 5.27
C ASP A 25 -6.70 7.78 6.15
N ILE A 26 -6.03 6.95 6.95
CA ILE A 26 -4.98 7.42 7.82
C ILE A 26 -3.78 7.93 7.03
N PHE A 27 -3.54 7.30 5.88
CA PHE A 27 -2.42 7.69 5.02
C PHE A 27 -2.72 9.00 4.30
N VAL A 28 -3.99 9.25 4.05
CA VAL A 28 -4.42 10.47 3.37
C VAL A 28 -5.17 11.40 4.31
N LEU A 29 -4.96 11.21 5.61
CA LEU A 29 -5.62 12.04 6.62
C LEU A 29 -5.05 13.45 6.62
N GLY A 30 -3.81 13.59 6.18
CA GLY A 30 -3.17 14.89 6.13
C GLY A 30 -3.20 15.50 4.76
N ALA A 31 -3.40 14.67 3.75
CA ALA A 31 -3.46 15.14 2.36
C ALA A 31 -4.79 15.83 2.07
N GLU A 32 -4.71 17.05 1.54
CA GLU A 32 -5.90 17.82 1.22
C GLU A 32 -6.59 17.26 -0.02
N ASP A 33 -5.81 16.64 -0.90
CA ASP A 33 -6.34 16.07 -2.13
C ASP A 33 -6.84 14.64 -1.89
N GLY A 34 -6.18 13.94 -0.97
CA GLY A 34 -6.57 12.58 -0.66
C GLY A 34 -5.77 11.56 -1.44
N CYS A 35 -4.46 11.55 -1.24
CA CYS A 35 -3.58 10.61 -1.93
C CYS A 35 -2.35 10.28 -1.09
N ILE A 36 -1.59 9.27 -1.51
CA ILE A 36 -0.40 8.87 -0.80
C ILE A 36 0.86 9.18 -1.60
N SER A 37 1.91 9.62 -0.90
CA SER A 37 3.17 9.95 -1.55
C SER A 37 4.25 8.94 -1.18
N THR A 38 5.30 8.87 -2.00
CA THR A 38 6.40 7.96 -1.76
C THR A 38 6.96 8.12 -0.35
N LYS A 39 6.90 9.35 0.16
CA LYS A 39 7.40 9.64 1.50
C LYS A 39 6.46 9.09 2.56
N GLU A 40 5.16 9.24 2.34
CA GLU A 40 4.16 8.75 3.28
C GLU A 40 4.32 7.25 3.53
N LEU A 41 4.30 6.48 2.44
CA LEU A 41 4.45 5.02 2.55
C LEU A 41 5.76 4.66 3.23
N GLY A 42 6.84 5.34 2.85
CA GLY A 42 8.13 5.07 3.43
C GLY A 42 8.18 5.41 4.91
N LYS A 43 7.49 6.48 5.29
CA LYS A 43 7.45 6.91 6.67
C LYS A 43 6.98 5.78 7.59
N VAL A 44 6.10 4.93 7.06
CA VAL A 44 5.57 3.82 7.82
C VAL A 44 6.59 2.68 7.94
N MET A 45 7.42 2.55 6.90
CA MET A 45 8.44 1.51 6.88
C MET A 45 9.57 1.84 7.85
N ARG A 46 9.79 3.13 8.08
CA ARG A 46 10.84 3.57 8.98
C ARG A 46 10.45 3.33 10.44
N MET A 47 9.17 3.46 10.73
CA MET A 47 8.66 3.25 12.09
C MET A 47 8.42 1.75 12.35
N LEU A 48 8.28 0.99 11.27
CA LEU A 48 8.05 -0.45 11.39
C LEU A 48 9.30 -1.16 11.88
N GLY A 49 10.45 -0.78 11.35
CA GLY A 49 11.70 -1.39 11.76
C GLY A 49 12.73 -1.40 10.66
N GLN A 50 12.27 -1.29 9.41
CA GLN A 50 13.16 -1.29 8.26
C GLN A 50 13.45 0.14 7.79
N ASN A 51 14.07 0.26 6.63
CA ASN A 51 14.41 1.57 6.07
C ASN A 51 14.59 1.48 4.55
N PRO A 52 13.48 1.31 3.83
CA PRO A 52 13.49 1.21 2.37
C PRO A 52 13.83 2.53 1.71
N THR A 53 14.85 2.52 0.85
CA THR A 53 15.28 3.72 0.15
C THR A 53 14.10 4.42 -0.52
N PRO A 54 14.16 5.75 -0.59
CA PRO A 54 13.10 6.57 -1.20
C PRO A 54 13.05 6.39 -2.72
N GLU A 55 14.13 5.86 -3.29
CA GLU A 55 14.20 5.65 -4.72
C GLU A 55 13.37 4.45 -5.14
N GLU A 56 13.12 3.54 -4.19
CA GLU A 56 12.33 2.34 -4.45
C GLU A 56 10.86 2.68 -4.56
N LEU A 57 10.33 3.32 -3.53
CA LEU A 57 8.92 3.71 -3.50
C LEU A 57 8.58 4.63 -4.67
N GLN A 58 9.37 5.67 -4.85
CA GLN A 58 9.17 6.63 -5.93
C GLN A 58 9.06 5.91 -7.27
N GLU A 59 9.91 4.91 -7.47
CA GLU A 59 9.91 4.14 -8.72
C GLU A 59 8.75 3.14 -8.73
N MET A 60 8.34 2.70 -7.54
CA MET A 60 7.25 1.74 -7.42
C MET A 60 5.91 2.39 -7.77
N ILE A 61 5.68 3.58 -7.22
CA ILE A 61 4.43 4.30 -7.48
C ILE A 61 4.25 4.57 -8.97
N ASP A 62 5.33 4.95 -9.63
CA ASP A 62 5.29 5.23 -11.06
C ASP A 62 5.08 3.96 -11.86
N GLU A 63 5.50 2.82 -11.30
CA GLU A 63 5.36 1.54 -11.97
C GLU A 63 3.98 0.94 -11.71
N VAL A 64 3.38 1.32 -10.59
CA VAL A 64 2.05 0.83 -10.22
C VAL A 64 0.96 1.74 -10.76
N ASP A 65 1.30 3.01 -10.98
CA ASP A 65 0.35 3.98 -11.49
C ASP A 65 -0.34 3.46 -12.75
N GLU A 66 -1.65 3.65 -12.82
CA GLU A 66 -2.42 3.19 -13.97
C GLU A 66 -2.34 4.21 -15.12
N ASP A 67 -2.35 5.48 -14.77
CA ASP A 67 -2.28 6.54 -15.76
C ASP A 67 -1.00 7.36 -15.60
N GLY A 68 -0.28 7.10 -14.51
CA GLY A 68 0.96 7.81 -14.26
C GLY A 68 0.73 9.18 -13.66
N SER A 69 -0.30 9.30 -12.83
CA SER A 69 -0.64 10.56 -12.19
C SER A 69 0.38 10.92 -11.11
N GLY A 70 1.17 9.93 -10.71
CA GLY A 70 2.18 10.15 -9.69
C GLY A 70 1.71 9.74 -8.32
N THR A 71 0.41 9.51 -8.18
CA THR A 71 -0.18 9.11 -6.91
C THR A 71 -0.89 7.77 -7.03
N VAL A 72 -0.98 7.04 -5.91
CA VAL A 72 -1.65 5.74 -5.89
C VAL A 72 -3.13 5.89 -5.60
N ASP A 73 -3.96 5.47 -6.55
CA ASP A 73 -5.40 5.55 -6.40
C ASP A 73 -5.90 4.50 -5.41
N PHE A 74 -7.23 4.43 -5.24
CA PHE A 74 -7.83 3.48 -4.32
C PHE A 74 -7.63 2.05 -4.81
N ASP A 75 -7.83 1.84 -6.11
CA ASP A 75 -7.68 0.51 -6.71
C ASP A 75 -6.20 0.20 -6.94
N GLU A 76 -5.42 1.22 -7.26
CA GLU A 76 -4.00 1.05 -7.51
C GLU A 76 -3.28 0.54 -6.26
N TRP A 77 -3.86 0.83 -5.10
CA TRP A 77 -3.28 0.41 -3.83
C TRP A 77 -3.19 -1.12 -3.76
N LEU A 78 -4.17 -1.79 -4.34
CA LEU A 78 -4.20 -3.24 -4.35
C LEU A 78 -3.24 -3.82 -5.39
N VAL A 79 -2.98 -3.03 -6.43
CA VAL A 79 -2.08 -3.44 -7.50
C VAL A 79 -0.68 -3.74 -6.95
N MET A 80 -0.18 -2.84 -6.11
CA MET A 80 1.14 -3.02 -5.52
C MET A 80 1.21 -4.31 -4.72
N MET A 81 0.08 -4.75 -4.18
CA MET A 81 0.02 -5.97 -3.40
C MET A 81 0.27 -7.19 -4.28
N VAL A 82 -0.52 -7.32 -5.34
CA VAL A 82 -0.38 -8.44 -6.27
C VAL A 82 0.93 -8.35 -7.06
N ARG A 83 1.30 -7.13 -7.42
CA ARG A 83 2.52 -6.90 -8.18
C ARG A 83 3.72 -7.57 -7.50
N CYS A 84 3.66 -7.65 -6.17
CA CYS A 84 4.75 -8.27 -5.41
C CYS A 84 4.58 -9.79 -5.38
N MET A 85 3.35 -10.25 -5.29
CA MET A 85 3.06 -11.68 -5.25
C MET A 85 3.34 -12.33 -6.61
N LYS A 86 3.33 -11.52 -7.66
CA LYS A 86 3.58 -12.01 -9.01
C LYS A 86 4.58 -11.10 -9.73
N ASP A 87 5.56 -10.60 -9.00
CA ASP A 87 6.58 -9.72 -9.58
C ASP A 87 7.28 -10.41 -10.75
N ASP A 88 8.17 -9.67 -11.41
CA ASP A 88 8.91 -10.21 -12.55
C ASP A 88 7.95 -10.61 -13.66
N SER A 89 7.01 -9.72 -13.97
CA SER A 89 6.03 -9.98 -15.03
C SER A 89 6.18 -8.99 -16.17
N ARG B 1 5.63 -20.18 -7.23
CA ARG B 1 6.00 -19.84 -5.86
C ARG B 1 5.13 -18.71 -5.33
N ARG B 2 4.22 -19.04 -4.42
CA ARG B 2 3.32 -18.05 -3.84
C ARG B 2 3.91 -17.47 -2.56
N VAL B 3 3.70 -16.17 -2.35
CA VAL B 3 4.21 -15.50 -1.16
C VAL B 3 3.23 -14.45 -0.66
N ARG B 4 2.82 -14.59 0.61
CA ARG B 4 1.87 -13.66 1.21
C ARG B 4 2.56 -12.34 1.56
N ILE B 5 2.02 -11.24 1.06
CA ILE B 5 2.57 -9.92 1.31
C ILE B 5 2.53 -9.59 2.80
N SER B 6 3.52 -8.84 3.27
CA SER B 6 3.59 -8.45 4.67
C SER B 6 2.63 -7.31 4.97
N ALA B 7 1.33 -7.61 4.92
CA ALA B 7 0.31 -6.60 5.18
C ALA B 7 -0.09 -6.60 6.66
N ASP B 8 0.06 -7.75 7.31
CA ASP B 8 -0.28 -7.87 8.72
C ASP B 8 0.58 -6.94 9.57
N ALA B 9 1.86 -6.85 9.23
CA ALA B 9 2.79 -5.99 9.96
C ALA B 9 2.36 -4.53 9.88
N MET B 10 1.71 -4.17 8.77
CA MET B 10 1.26 -2.80 8.58
C MET B 10 0.12 -2.46 9.53
N MET B 11 -0.62 -3.49 9.95
CA MET B 11 -1.75 -3.30 10.86
C MET B 11 -1.30 -2.56 12.13
N GLN B 12 -0.07 -2.82 12.55
CA GLN B 12 0.47 -2.19 13.75
C GLN B 12 0.35 -0.67 13.66
N ALA B 13 0.39 -0.15 12.45
CA ALA B 13 0.28 1.29 12.23
C ALA B 13 -0.96 1.86 12.93
N LEU B 14 -2.03 1.08 12.95
CA LEU B 14 -3.27 1.50 13.59
C LEU B 14 -3.03 1.89 15.05
N LEU B 15 -2.76 0.90 15.88
CA LEU B 15 -2.51 1.14 17.30
C LEU B 15 -1.13 0.63 17.70
N GLY B 16 -0.38 1.46 18.42
CA GLY B 16 0.95 1.06 18.86
C GLY B 16 2.00 2.11 18.52
N ALA B 17 1.68 2.98 17.57
CA ALA B 17 2.60 4.03 17.16
C ALA B 17 2.38 5.30 17.97
N ARG B 18 1.12 5.68 18.13
CA ARG B 18 0.78 6.88 18.88
C ARG B 18 0.64 6.58 20.36
N ALA B 19 0.31 5.33 20.68
CA ALA B 19 0.16 4.91 22.07
C ALA B 19 1.43 4.26 22.60
N LYS B 20 1.63 4.34 23.90
CA LYS B 20 2.81 3.75 24.53
C LYS B 20 2.44 2.54 25.38
N MET A 1 -0.67 -11.73 -17.73
CA MET A 1 -1.94 -11.87 -17.02
C MET A 1 -1.91 -11.08 -15.71
N ASP A 2 -3.00 -10.36 -15.43
CA ASP A 2 -3.10 -9.58 -14.21
C ASP A 2 -4.16 -10.16 -13.28
N ASP A 3 -4.22 -11.48 -13.22
CA ASP A 3 -5.19 -12.17 -12.36
C ASP A 3 -4.74 -12.14 -10.91
N ILE A 4 -3.43 -12.04 -10.70
CA ILE A 4 -2.87 -12.01 -9.35
C ILE A 4 -3.44 -10.85 -8.54
N TYR A 5 -3.73 -9.75 -9.22
CA TYR A 5 -4.28 -8.57 -8.57
C TYR A 5 -5.79 -8.67 -8.44
N LYS A 6 -6.42 -9.25 -9.46
CA LYS A 6 -7.87 -9.42 -9.48
C LYS A 6 -8.32 -10.41 -8.40
N ALA A 7 -7.52 -11.47 -8.21
CA ALA A 7 -7.83 -12.49 -7.23
C ALA A 7 -7.49 -12.00 -5.82
N ALA A 8 -6.35 -11.36 -5.68
CA ALA A 8 -5.91 -10.84 -4.39
C ALA A 8 -6.96 -9.90 -3.79
N VAL A 9 -7.64 -9.16 -4.66
CA VAL A 9 -8.67 -8.23 -4.21
C VAL A 9 -9.93 -8.97 -3.78
N GLU A 10 -10.23 -10.08 -4.46
CA GLU A 10 -11.40 -10.87 -4.15
C GLU A 10 -11.21 -11.65 -2.85
N GLN A 11 -10.02 -12.23 -2.68
CA GLN A 11 -9.70 -13.00 -1.49
C GLN A 11 -9.87 -12.17 -0.24
N LEU A 12 -9.86 -10.85 -0.40
CA LEU A 12 -10.01 -9.93 0.72
C LEU A 12 -11.35 -10.14 1.43
N THR A 13 -11.56 -9.41 2.51
CA THR A 13 -12.79 -9.52 3.28
C THR A 13 -13.40 -8.15 3.54
N GLU A 14 -14.67 -8.12 3.90
CA GLU A 14 -15.37 -6.87 4.18
C GLU A 14 -14.59 -6.03 5.19
N GLU A 15 -13.85 -6.70 6.07
CA GLU A 15 -13.06 -6.02 7.09
C GLU A 15 -11.81 -5.41 6.47
N GLN A 16 -11.10 -6.20 5.66
CA GLN A 16 -9.88 -5.73 5.01
C GLN A 16 -10.14 -4.44 4.24
N LYS A 17 -11.12 -4.47 3.34
CA LYS A 17 -11.47 -3.31 2.54
C LYS A 17 -11.74 -2.09 3.42
N ASN A 18 -12.33 -2.34 4.59
CA ASN A 18 -12.65 -1.27 5.53
C ASN A 18 -11.38 -0.78 6.24
N GLU A 19 -10.47 -1.71 6.52
CA GLU A 19 -9.22 -1.37 7.20
C GLU A 19 -8.25 -0.70 6.24
N PHE A 20 -8.45 -0.92 4.94
CA PHE A 20 -7.59 -0.34 3.92
C PHE A 20 -7.79 1.17 3.83
N LYS A 21 -9.04 1.60 3.95
CA LYS A 21 -9.38 3.02 3.89
C LYS A 21 -8.82 3.76 5.09
N ALA A 22 -8.60 3.04 6.19
CA ALA A 22 -8.06 3.63 7.40
C ALA A 22 -6.63 4.11 7.19
N ALA A 23 -5.74 3.18 6.85
CA ALA A 23 -4.34 3.51 6.62
C ALA A 23 -4.20 4.59 5.55
N PHE A 24 -5.20 4.67 4.67
CA PHE A 24 -5.19 5.66 3.60
C PHE A 24 -5.39 7.07 4.15
N ASP A 25 -6.47 7.26 4.90
CA ASP A 25 -6.78 8.55 5.49
C ASP A 25 -5.67 9.02 6.42
N ILE A 26 -5.13 8.08 7.20
CA ILE A 26 -4.06 8.38 8.13
C ILE A 26 -2.81 8.86 7.40
N PHE A 27 -2.63 8.37 6.18
CA PHE A 27 -1.47 8.74 5.37
C PHE A 27 -1.66 10.12 4.77
N VAL A 28 -2.86 10.40 4.29
CA VAL A 28 -3.16 11.69 3.69
C VAL A 28 -3.90 12.60 4.67
N LEU A 29 -3.68 12.37 5.96
CA LEU A 29 -4.32 13.16 7.01
C LEU A 29 -3.84 14.61 6.96
N GLY A 30 -4.54 15.44 6.20
CA GLY A 30 -4.16 16.84 6.09
C GLY A 30 -3.71 17.21 4.70
N ALA A 31 -3.35 16.21 3.91
CA ALA A 31 -2.89 16.43 2.54
C ALA A 31 -3.90 17.28 1.76
N GLU A 32 -3.49 18.49 1.39
CA GLU A 32 -4.36 19.39 0.64
C GLU A 32 -4.83 18.74 -0.66
N ASP A 33 -4.04 17.81 -1.17
CA ASP A 33 -4.37 17.12 -2.41
C ASP A 33 -4.89 15.72 -2.11
N GLY A 34 -4.50 15.16 -0.97
CA GLY A 34 -4.94 13.83 -0.60
C GLY A 34 -4.28 12.74 -1.43
N CYS A 35 -2.96 12.62 -1.30
CA CYS A 35 -2.21 11.62 -2.04
C CYS A 35 -0.95 11.21 -1.28
N ILE A 36 -0.14 10.36 -1.91
CA ILE A 36 1.09 9.89 -1.29
C ILE A 36 2.25 9.90 -2.28
N SER A 37 3.44 10.26 -1.80
CA SER A 37 4.62 10.31 -2.65
C SER A 37 5.60 9.20 -2.28
N THR A 38 6.45 8.83 -3.24
CA THR A 38 7.44 7.78 -3.01
C THR A 38 8.32 8.10 -1.82
N LYS A 39 8.44 9.39 -1.49
CA LYS A 39 9.24 9.83 -0.37
C LYS A 39 8.55 9.51 0.95
N GLU A 40 7.25 9.73 0.99
CA GLU A 40 6.46 9.46 2.20
C GLU A 40 6.20 7.97 2.37
N LEU A 41 6.03 7.28 1.24
CA LEU A 41 5.77 5.85 1.26
C LEU A 41 6.91 5.09 1.94
N GLY A 42 8.14 5.47 1.61
CA GLY A 42 9.30 4.82 2.19
C GLY A 42 9.52 5.25 3.64
N LYS A 43 8.96 6.39 4.02
CA LYS A 43 9.11 6.89 5.38
C LYS A 43 8.34 6.03 6.37
N VAL A 44 7.23 5.46 5.91
CA VAL A 44 6.40 4.60 6.77
C VAL A 44 7.04 3.23 6.93
N MET A 45 7.77 2.79 5.92
CA MET A 45 8.44 1.49 5.96
C MET A 45 9.59 1.50 6.95
N ARG A 46 10.31 2.62 7.01
CA ARG A 46 11.43 2.75 7.93
C ARG A 46 11.00 2.54 9.37
N MET A 47 9.82 3.06 9.71
CA MET A 47 9.29 2.93 11.06
C MET A 47 8.61 1.57 11.25
N LEU A 48 8.21 0.96 10.14
CA LEU A 48 7.55 -0.34 10.18
C LEU A 48 8.50 -1.41 10.71
N GLY A 49 9.72 -1.42 10.17
CA GLY A 49 10.70 -2.40 10.61
C GLY A 49 11.72 -2.72 9.52
N GLN A 50 11.39 -2.37 8.29
CA GLN A 50 12.28 -2.62 7.16
C GLN A 50 12.84 -1.30 6.61
N ASN A 51 13.49 -1.38 5.45
CA ASN A 51 14.07 -0.20 4.83
C ASN A 51 14.14 -0.38 3.31
N PRO A 52 12.97 -0.33 2.66
CA PRO A 52 12.87 -0.48 1.21
C PRO A 52 13.44 0.73 0.45
N THR A 53 14.42 0.47 -0.41
CA THR A 53 15.05 1.53 -1.19
C THR A 53 14.01 2.45 -1.82
N PRO A 54 14.37 3.73 -1.99
CA PRO A 54 13.48 4.73 -2.58
C PRO A 54 13.25 4.49 -4.06
N GLU A 55 14.07 3.64 -4.66
CA GLU A 55 13.96 3.33 -6.08
C GLU A 55 12.80 2.38 -6.34
N GLU A 56 12.60 1.44 -5.41
CA GLU A 56 11.53 0.45 -5.53
C GLU A 56 10.16 1.13 -5.42
N LEU A 57 10.10 2.20 -4.64
CA LEU A 57 8.85 2.94 -4.45
C LEU A 57 8.50 3.74 -5.71
N GLN A 58 9.44 4.52 -6.19
CA GLN A 58 9.24 5.34 -7.38
C GLN A 58 8.70 4.49 -8.53
N GLU A 59 9.20 3.26 -8.64
CA GLU A 59 8.77 2.36 -9.70
C GLU A 59 7.42 1.72 -9.36
N MET A 60 7.14 1.61 -8.07
CA MET A 60 5.87 1.03 -7.62
C MET A 60 4.71 1.96 -7.92
N ILE A 61 4.91 3.25 -7.69
CA ILE A 61 3.87 4.24 -7.94
C ILE A 61 3.63 4.42 -9.43
N ASP A 62 4.71 4.46 -10.21
CA ASP A 62 4.62 4.61 -11.65
C ASP A 62 3.96 3.40 -12.29
N GLU A 63 4.07 2.26 -11.62
CA GLU A 63 3.49 1.02 -12.13
C GLU A 63 2.00 0.94 -11.81
N VAL A 64 1.67 1.07 -10.53
CA VAL A 64 0.28 1.02 -10.08
C VAL A 64 -0.53 2.16 -10.69
N ASP A 65 0.16 3.23 -11.09
CA ASP A 65 -0.48 4.38 -11.68
C ASP A 65 -1.41 3.96 -12.83
N GLU A 66 -2.71 4.02 -12.58
CA GLU A 66 -3.69 3.65 -13.60
C GLU A 66 -3.94 4.80 -14.56
N ASP A 67 -3.98 6.02 -14.04
CA ASP A 67 -4.20 7.20 -14.86
C ASP A 67 -2.91 7.98 -15.05
N GLY A 68 -1.87 7.59 -14.32
CA GLY A 68 -0.59 8.27 -14.42
C GLY A 68 -0.55 9.56 -13.64
N SER A 69 -1.29 9.61 -12.54
CA SER A 69 -1.34 10.80 -11.70
C SER A 69 -0.02 11.02 -10.97
N GLY A 70 0.81 9.97 -10.96
CA GLY A 70 2.10 10.07 -10.29
C GLY A 70 2.03 9.69 -8.83
N THR A 71 0.82 9.58 -8.30
CA THR A 71 0.61 9.22 -6.91
C THR A 71 -0.22 7.95 -6.78
N VAL A 72 -0.35 7.44 -5.56
CA VAL A 72 -1.12 6.24 -5.31
C VAL A 72 -2.55 6.58 -4.90
N ASP A 73 -3.50 6.31 -5.79
CA ASP A 73 -4.91 6.58 -5.52
C ASP A 73 -5.49 5.55 -4.55
N PHE A 74 -6.80 5.58 -4.39
CA PHE A 74 -7.49 4.65 -3.49
C PHE A 74 -7.40 3.22 -4.03
N ASP A 75 -7.57 3.08 -5.33
CA ASP A 75 -7.52 1.77 -5.98
C ASP A 75 -6.08 1.33 -6.19
N GLU A 76 -5.22 2.29 -6.53
CA GLU A 76 -3.80 1.99 -6.76
C GLU A 76 -3.14 1.45 -5.50
N TRP A 77 -3.77 1.72 -4.35
CA TRP A 77 -3.24 1.25 -3.07
C TRP A 77 -3.50 -0.23 -2.88
N LEU A 78 -4.67 -0.68 -3.32
CA LEU A 78 -5.05 -2.09 -3.19
C LEU A 78 -4.15 -2.96 -4.07
N VAL A 79 -3.80 -2.46 -5.24
CA VAL A 79 -2.95 -3.19 -6.18
C VAL A 79 -1.49 -3.15 -5.74
N MET A 80 -1.13 -2.09 -5.01
CA MET A 80 0.24 -1.93 -4.54
C MET A 80 0.63 -3.08 -3.61
N MET A 81 -0.34 -3.60 -2.87
CA MET A 81 -0.10 -4.70 -1.96
C MET A 81 0.34 -5.95 -2.71
N VAL A 82 -0.46 -6.37 -3.68
CA VAL A 82 -0.16 -7.55 -4.49
C VAL A 82 1.05 -7.30 -5.38
N ARG A 83 1.15 -6.09 -5.91
CA ARG A 83 2.25 -5.73 -6.79
C ARG A 83 3.60 -6.06 -6.14
N CYS A 84 3.71 -5.79 -4.85
CA CYS A 84 4.94 -6.05 -4.11
C CYS A 84 5.16 -7.56 -3.96
N MET A 85 4.07 -8.31 -3.85
CA MET A 85 4.15 -9.76 -3.70
C MET A 85 4.42 -10.43 -5.05
N LYS A 86 4.09 -9.72 -6.13
CA LYS A 86 4.31 -10.25 -7.47
C LYS A 86 5.14 -9.29 -8.31
N ASP A 87 6.12 -8.66 -7.67
CA ASP A 87 6.99 -7.71 -8.35
C ASP A 87 7.59 -8.34 -9.61
N ASP A 88 7.62 -7.56 -10.69
CA ASP A 88 8.17 -8.04 -11.95
C ASP A 88 9.34 -7.17 -12.41
N SER A 89 10.12 -6.70 -11.44
CA SER A 89 11.27 -5.85 -11.74
C SER A 89 10.83 -4.54 -12.38
N ARG B 1 11.07 -7.17 -0.57
CA ARG B 1 11.27 -8.30 -1.47
C ARG B 1 10.76 -9.59 -0.84
N ARG B 2 9.78 -9.46 0.05
CA ARG B 2 9.20 -10.62 0.72
C ARG B 2 7.82 -10.94 0.16
N VAL B 3 7.43 -12.21 0.27
CA VAL B 3 6.12 -12.65 -0.23
C VAL B 3 5.14 -12.82 0.92
N ARG B 4 3.86 -12.63 0.61
CA ARG B 4 2.80 -12.75 1.61
C ARG B 4 3.04 -11.78 2.77
N ILE B 5 3.29 -10.52 2.44
CA ILE B 5 3.54 -9.51 3.45
C ILE B 5 2.39 -9.44 4.46
N SER B 6 2.73 -9.25 5.73
CA SER B 6 1.72 -9.17 6.78
C SER B 6 1.10 -7.78 6.83
N ALA B 7 0.05 -7.58 6.03
CA ALA B 7 -0.65 -6.31 5.99
C ALA B 7 -1.09 -5.87 7.38
N ASP B 8 -1.31 -6.84 8.25
CA ASP B 8 -1.74 -6.56 9.62
C ASP B 8 -0.82 -5.53 10.28
N ALA B 9 0.48 -5.64 9.99
CA ALA B 9 1.46 -4.72 10.55
C ALA B 9 1.08 -3.27 10.30
N MET B 10 0.42 -3.03 9.17
CA MET B 10 -0.01 -1.69 8.82
C MET B 10 -1.34 -1.35 9.47
N MET B 11 -2.14 -2.37 9.75
CA MET B 11 -3.44 -2.19 10.38
C MET B 11 -3.28 -1.72 11.82
N GLN B 12 -2.17 -2.09 12.44
CA GLN B 12 -1.90 -1.71 13.83
C GLN B 12 -1.23 -0.34 13.88
N ALA B 13 -0.96 0.24 12.72
CA ALA B 13 -0.33 1.54 12.65
C ALA B 13 -1.24 2.63 13.22
N LEU B 14 -2.51 2.28 13.42
CA LEU B 14 -3.48 3.23 13.97
C LEU B 14 -3.82 2.88 15.41
N LEU B 15 -4.64 1.85 15.59
CA LEU B 15 -5.04 1.42 16.92
C LEU B 15 -4.69 -0.05 17.15
N GLY B 16 -4.81 -0.85 16.11
CA GLY B 16 -4.49 -2.27 16.21
C GLY B 16 -5.21 -3.10 15.17
N ALA B 17 -6.53 -2.94 15.08
CA ALA B 17 -7.33 -3.68 14.11
C ALA B 17 -7.30 -5.17 14.41
N ARG B 18 -7.48 -5.53 15.67
CA ARG B 18 -7.47 -6.92 16.08
C ARG B 18 -6.19 -7.61 15.61
N ALA B 19 -5.09 -6.88 15.60
CA ALA B 19 -3.81 -7.43 15.18
C ALA B 19 -3.06 -8.07 16.34
N LYS B 20 -2.59 -9.29 16.14
CA LYS B 20 -1.85 -10.02 17.17
C LYS B 20 -0.53 -9.34 17.47
N MET A 1 -3.64 -10.32 -18.33
CA MET A 1 -4.72 -9.88 -17.44
C MET A 1 -4.18 -9.58 -16.04
N ASP A 2 -4.88 -8.72 -15.32
CA ASP A 2 -4.48 -8.35 -13.96
C ASP A 2 -5.45 -8.92 -12.93
N ASP A 3 -6.03 -10.07 -13.23
CA ASP A 3 -6.97 -10.71 -12.33
C ASP A 3 -6.34 -10.99 -10.97
N ILE A 4 -5.03 -11.17 -10.97
CA ILE A 4 -4.30 -11.43 -9.74
C ILE A 4 -4.61 -10.39 -8.67
N TYR A 5 -4.87 -9.16 -9.11
CA TYR A 5 -5.19 -8.07 -8.20
C TYR A 5 -6.66 -8.13 -7.78
N LYS A 6 -7.52 -8.47 -8.74
CA LYS A 6 -8.96 -8.55 -8.47
C LYS A 6 -9.27 -9.72 -7.55
N ALA A 7 -8.44 -10.77 -7.62
CA ALA A 7 -8.62 -11.94 -6.78
C ALA A 7 -8.16 -11.68 -5.35
N ALA A 8 -6.97 -11.13 -5.21
CA ALA A 8 -6.41 -10.82 -3.89
C ALA A 8 -7.33 -9.91 -3.11
N VAL A 9 -8.06 -9.04 -3.82
CA VAL A 9 -8.98 -8.11 -3.18
C VAL A 9 -10.25 -8.83 -2.72
N GLU A 10 -10.66 -9.84 -3.48
CA GLU A 10 -11.86 -10.60 -3.14
C GLU A 10 -11.61 -11.49 -1.94
N GLN A 11 -10.45 -12.13 -1.90
CA GLN A 11 -10.09 -13.01 -0.80
C GLN A 11 -10.11 -12.26 0.54
N LEU A 12 -10.05 -10.94 0.46
CA LEU A 12 -10.06 -10.11 1.66
C LEU A 12 -11.39 -10.23 2.39
N THR A 13 -11.48 -9.58 3.55
CA THR A 13 -12.70 -9.62 4.36
C THR A 13 -13.22 -8.21 4.63
N GLU A 14 -14.45 -8.13 5.13
CA GLU A 14 -15.05 -6.84 5.45
C GLU A 14 -14.13 -6.01 6.33
N GLU A 15 -13.33 -6.69 7.15
CA GLU A 15 -12.40 -6.00 8.05
C GLU A 15 -11.20 -5.46 7.28
N GLN A 16 -10.65 -6.29 6.39
CA GLN A 16 -9.50 -5.90 5.59
C GLN A 16 -9.76 -4.60 4.85
N LYS A 17 -10.83 -4.58 4.05
CA LYS A 17 -11.20 -3.40 3.29
C LYS A 17 -11.33 -2.18 4.20
N ASN A 18 -11.79 -2.41 5.42
CA ASN A 18 -11.96 -1.33 6.39
C ASN A 18 -10.61 -0.87 6.94
N GLU A 19 -9.70 -1.82 7.12
CA GLU A 19 -8.37 -1.51 7.63
C GLU A 19 -7.50 -0.88 6.55
N PHE A 20 -7.80 -1.19 5.29
CA PHE A 20 -7.04 -0.64 4.17
C PHE A 20 -7.38 0.83 3.95
N LYS A 21 -8.59 1.21 4.33
CA LYS A 21 -9.05 2.59 4.18
C LYS A 21 -8.52 3.47 5.30
N ALA A 22 -8.24 2.85 6.45
CA ALA A 22 -7.73 3.58 7.60
C ALA A 22 -6.36 4.17 7.31
N ALA A 23 -5.43 3.32 6.86
CA ALA A 23 -4.08 3.76 6.54
C ALA A 23 -4.10 4.93 5.56
N PHE A 24 -5.07 4.91 4.65
CA PHE A 24 -5.20 5.96 3.66
C PHE A 24 -5.23 7.34 4.31
N ASP A 25 -6.05 7.48 5.35
CA ASP A 25 -6.17 8.75 6.06
C ASP A 25 -4.85 9.11 6.74
N ILE A 26 -4.21 8.12 7.35
CA ILE A 26 -2.95 8.34 8.03
C ILE A 26 -1.86 8.79 7.06
N PHE A 27 -1.86 8.20 5.87
CA PHE A 27 -0.88 8.53 4.85
C PHE A 27 -1.20 9.88 4.22
N VAL A 28 -2.48 10.18 4.09
CA VAL A 28 -2.93 11.45 3.51
C VAL A 28 -3.23 12.48 4.59
N LEU A 29 -2.58 12.33 5.74
CA LEU A 29 -2.77 13.25 6.86
C LEU A 29 -2.50 14.69 6.44
N GLY A 30 -1.66 14.85 5.41
CA GLY A 30 -1.34 16.18 4.93
C GLY A 30 -1.61 16.34 3.45
N ALA A 31 -1.51 15.24 2.70
CA ALA A 31 -1.74 15.27 1.27
C ALA A 31 -3.08 15.92 0.94
N GLU A 32 -3.02 17.17 0.47
CA GLU A 32 -4.22 17.92 0.13
C GLU A 32 -4.92 17.28 -1.07
N ASP A 33 -4.18 16.52 -1.86
CA ASP A 33 -4.73 15.86 -3.03
C ASP A 33 -5.69 14.74 -2.62
N GLY A 34 -5.27 13.96 -1.63
CA GLY A 34 -6.10 12.85 -1.16
C GLY A 34 -5.53 11.50 -1.53
N CYS A 35 -4.20 11.41 -1.55
CA CYS A 35 -3.53 10.16 -1.90
C CYS A 35 -2.26 9.98 -1.06
N ILE A 36 -1.59 8.85 -1.25
CA ILE A 36 -0.36 8.56 -0.53
C ILE A 36 0.87 8.86 -1.37
N SER A 37 1.76 9.69 -0.84
CA SER A 37 2.98 10.06 -1.54
C SER A 37 4.20 9.40 -0.91
N THR A 38 5.25 9.22 -1.70
CA THR A 38 6.48 8.60 -1.23
C THR A 38 7.08 9.39 -0.08
N LYS A 39 6.93 10.72 -0.14
CA LYS A 39 7.46 11.59 0.90
C LYS A 39 6.86 11.25 2.26
N GLU A 40 5.54 11.08 2.29
CA GLU A 40 4.84 10.76 3.53
C GLU A 40 5.01 9.28 3.87
N LEU A 41 4.64 8.41 2.93
CA LEU A 41 4.76 6.97 3.13
C LEU A 41 6.15 6.59 3.60
N GLY A 42 7.16 7.05 2.85
CA GLY A 42 8.53 6.74 3.21
C GLY A 42 8.87 7.15 4.63
N LYS A 43 8.23 8.20 5.11
CA LYS A 43 8.47 8.70 6.46
C LYS A 43 7.71 7.86 7.49
N VAL A 44 6.56 7.32 7.06
CA VAL A 44 5.75 6.49 7.95
C VAL A 44 6.36 5.10 8.13
N MET A 45 7.02 4.62 7.09
CA MET A 45 7.66 3.31 7.13
C MET A 45 8.82 3.30 8.11
N ARG A 46 9.45 4.46 8.28
CA ARG A 46 10.59 4.59 9.19
C ARG A 46 10.14 4.42 10.64
N MET A 47 9.00 5.00 10.97
CA MET A 47 8.47 4.91 12.33
C MET A 47 7.80 3.57 12.57
N LEU A 48 7.33 2.95 11.49
CA LEU A 48 6.68 1.65 11.58
C LEU A 48 7.63 0.57 12.09
N GLY A 49 8.92 0.75 11.78
CA GLY A 49 9.92 -0.22 12.22
C GLY A 49 10.87 -0.61 11.10
N GLN A 50 10.44 -0.42 9.86
CA GLN A 50 11.27 -0.74 8.71
C GLN A 50 11.94 0.50 8.14
N ASN A 51 12.57 0.34 6.97
CA ASN A 51 13.25 1.45 6.33
C ASN A 51 13.41 1.19 4.83
N PRO A 52 12.29 1.27 4.09
CA PRO A 52 12.29 1.05 2.64
C PRO A 52 13.00 2.17 1.88
N THR A 53 13.89 1.78 0.97
CA THR A 53 14.64 2.75 0.18
C THR A 53 13.70 3.78 -0.45
N PRO A 54 14.20 5.02 -0.60
CA PRO A 54 13.43 6.11 -1.19
C PRO A 54 13.19 5.92 -2.68
N GLU A 55 14.12 5.25 -3.35
CA GLU A 55 14.02 5.00 -4.78
C GLU A 55 12.90 4.00 -5.06
N GLU A 56 12.70 3.06 -4.14
CA GLU A 56 11.66 2.05 -4.30
C GLU A 56 10.27 2.67 -4.29
N LEU A 57 10.00 3.46 -3.26
CA LEU A 57 8.70 4.13 -3.13
C LEU A 57 8.36 4.90 -4.39
N GLN A 58 9.28 5.74 -4.85
CA GLN A 58 9.08 6.54 -6.05
C GLN A 58 8.65 5.66 -7.22
N GLU A 59 9.49 4.68 -7.56
CA GLU A 59 9.20 3.77 -8.66
C GLU A 59 7.86 3.06 -8.44
N MET A 60 7.55 2.80 -7.18
CA MET A 60 6.29 2.12 -6.83
C MET A 60 5.09 2.97 -7.23
N ILE A 61 5.20 4.28 -7.02
CA ILE A 61 4.12 5.19 -7.36
C ILE A 61 3.68 5.02 -8.81
N ASP A 62 4.65 5.11 -9.72
CA ASP A 62 4.38 4.96 -11.15
C ASP A 62 4.06 3.51 -11.49
N GLU A 63 4.73 2.58 -10.81
CA GLU A 63 4.51 1.16 -11.05
C GLU A 63 3.04 0.81 -10.91
N VAL A 64 2.38 1.36 -9.90
CA VAL A 64 0.98 1.10 -9.66
C VAL A 64 0.11 2.27 -10.14
N ASP A 65 0.17 2.54 -11.44
CA ASP A 65 -0.61 3.62 -12.02
C ASP A 65 -1.52 3.10 -13.13
N GLU A 66 -2.76 2.81 -12.77
CA GLU A 66 -3.74 2.30 -13.73
C GLU A 66 -4.36 3.44 -14.53
N ASP A 67 -4.63 4.55 -13.84
CA ASP A 67 -5.23 5.72 -14.49
C ASP A 67 -4.17 6.76 -14.82
N GLY A 68 -2.96 6.54 -14.31
CA GLY A 68 -1.87 7.48 -14.57
C GLY A 68 -1.97 8.73 -13.73
N SER A 69 -2.58 8.60 -12.55
CA SER A 69 -2.75 9.73 -11.64
C SER A 69 -1.40 10.16 -11.05
N GLY A 70 -0.40 9.30 -11.19
CA GLY A 70 0.91 9.60 -10.66
C GLY A 70 1.00 9.41 -9.16
N THR A 71 0.02 8.70 -8.59
CA THR A 71 -0.01 8.45 -7.17
C THR A 71 -0.75 7.15 -6.85
N VAL A 72 -0.72 6.74 -5.58
CA VAL A 72 -1.38 5.53 -5.15
C VAL A 72 -2.71 5.83 -4.47
N ASP A 73 -3.80 5.45 -5.13
CA ASP A 73 -5.13 5.68 -4.58
C ASP A 73 -5.59 4.50 -3.72
N PHE A 74 -6.77 4.64 -3.14
CA PHE A 74 -7.32 3.58 -2.29
C PHE A 74 -7.40 2.25 -3.05
N ASP A 75 -7.48 2.35 -4.37
CA ASP A 75 -7.57 1.16 -5.21
C ASP A 75 -6.17 0.60 -5.52
N GLU A 76 -5.28 1.48 -5.96
CA GLU A 76 -3.92 1.09 -6.30
C GLU A 76 -3.21 0.53 -5.08
N TRP A 77 -3.63 0.96 -3.90
CA TRP A 77 -3.03 0.50 -2.65
C TRP A 77 -3.06 -1.02 -2.55
N LEU A 78 -4.16 -1.62 -3.00
CA LEU A 78 -4.31 -3.06 -2.96
C LEU A 78 -3.62 -3.72 -4.16
N VAL A 79 -3.32 -2.91 -5.17
CA VAL A 79 -2.64 -3.40 -6.37
C VAL A 79 -1.15 -3.55 -6.14
N MET A 80 -0.60 -2.67 -5.30
CA MET A 80 0.83 -2.70 -5.00
C MET A 80 1.15 -3.85 -4.06
N MET A 81 0.26 -4.09 -3.09
CA MET A 81 0.46 -5.17 -2.13
C MET A 81 0.32 -6.53 -2.79
N VAL A 82 -0.59 -6.62 -3.76
CA VAL A 82 -0.82 -7.87 -4.48
C VAL A 82 0.23 -8.09 -5.55
N ARG A 83 0.69 -6.99 -6.17
CA ARG A 83 1.70 -7.07 -7.22
C ARG A 83 2.98 -7.73 -6.69
N CYS A 84 3.37 -7.36 -5.48
CA CYS A 84 4.57 -7.91 -4.87
C CYS A 84 4.45 -9.42 -4.68
N MET A 85 3.22 -9.87 -4.39
CA MET A 85 2.97 -11.29 -4.18
C MET A 85 2.99 -12.06 -5.51
N LYS A 86 2.73 -11.34 -6.59
CA LYS A 86 2.74 -11.94 -7.92
C LYS A 86 3.68 -11.20 -8.86
N ASP A 87 4.83 -10.80 -8.34
CA ASP A 87 5.82 -10.08 -9.13
C ASP A 87 6.34 -10.95 -10.27
N ASP A 88 6.03 -10.55 -11.50
CA ASP A 88 6.45 -11.29 -12.68
C ASP A 88 7.47 -10.48 -13.49
N SER A 89 7.21 -9.20 -13.65
CA SER A 89 8.11 -8.33 -14.40
C SER A 89 9.26 -7.85 -13.53
N ARG B 1 10.24 -17.59 -5.17
CA ARG B 1 9.21 -17.23 -4.21
C ARG B 1 9.39 -15.80 -3.71
N ARG B 2 8.30 -15.20 -3.24
CA ARG B 2 8.34 -13.84 -2.73
C ARG B 2 7.92 -13.78 -1.26
N VAL B 3 7.86 -12.58 -0.71
CA VAL B 3 7.47 -12.39 0.68
C VAL B 3 6.09 -11.76 0.79
N ARG B 4 5.26 -12.31 1.67
CA ARG B 4 3.91 -11.80 1.86
C ARG B 4 3.94 -10.39 2.45
N ILE B 5 2.93 -9.60 2.11
CA ILE B 5 2.83 -8.23 2.60
C ILE B 5 2.47 -8.19 4.08
N SER B 6 3.12 -7.32 4.83
CA SER B 6 2.86 -7.19 6.26
C SER B 6 1.83 -6.10 6.53
N ALA B 7 0.68 -6.20 5.88
CA ALA B 7 -0.39 -5.22 6.04
C ALA B 7 -0.80 -5.12 7.50
N ASP B 8 -0.56 -6.18 8.26
CA ASP B 8 -0.91 -6.21 9.68
C ASP B 8 -0.24 -5.06 10.43
N ALA B 9 1.00 -4.74 10.04
CA ALA B 9 1.74 -3.66 10.67
C ALA B 9 1.19 -2.29 10.26
N MET B 10 0.90 -2.16 8.97
CA MET B 10 0.37 -0.90 8.45
C MET B 10 -0.85 -0.45 9.25
N MET B 11 -1.84 -1.33 9.35
CA MET B 11 -3.06 -1.03 10.09
C MET B 11 -2.76 -0.85 11.58
N GLN B 12 -1.86 -1.68 12.10
CA GLN B 12 -1.49 -1.61 13.51
C GLN B 12 -0.84 -0.27 13.84
N ALA B 13 -0.27 0.36 12.83
CA ALA B 13 0.39 1.65 13.02
C ALA B 13 -0.53 2.64 13.72
N LEU B 14 -1.83 2.49 13.51
CA LEU B 14 -2.82 3.36 14.11
C LEU B 14 -3.03 3.01 15.58
N LEU B 15 -3.61 1.84 15.84
CA LEU B 15 -3.86 1.39 17.20
C LEU B 15 -3.38 -0.05 17.39
N GLY B 16 -4.02 -0.98 16.69
CA GLY B 16 -3.65 -2.38 16.79
C GLY B 16 -4.57 -3.29 15.99
N ALA B 17 -4.90 -2.87 14.78
CA ALA B 17 -5.78 -3.65 13.92
C ALA B 17 -5.21 -5.05 13.68
N ARG B 18 -3.90 -5.18 13.83
CA ARG B 18 -3.24 -6.46 13.64
C ARG B 18 -3.91 -7.56 14.46
N ALA B 19 -4.48 -7.17 15.60
CA ALA B 19 -5.16 -8.11 16.48
C ALA B 19 -6.46 -8.60 15.85
N LYS B 20 -6.36 -9.60 14.99
CA LYS B 20 -7.53 -10.17 14.32
C LYS B 20 -8.21 -9.12 13.44
N MET A 1 -3.04 -4.73 -18.37
CA MET A 1 -3.89 -5.68 -17.67
C MET A 1 -3.06 -6.84 -17.13
N ASP A 2 -3.43 -7.33 -15.95
CA ASP A 2 -2.71 -8.44 -15.32
C ASP A 2 -3.65 -9.26 -14.45
N ASP A 3 -3.57 -10.59 -14.58
CA ASP A 3 -4.42 -11.48 -13.80
C ASP A 3 -3.94 -11.57 -12.36
N ILE A 4 -2.62 -11.53 -12.18
CA ILE A 4 -2.03 -11.61 -10.85
C ILE A 4 -2.65 -10.58 -9.91
N TYR A 5 -2.99 -9.41 -10.47
CA TYR A 5 -3.59 -8.34 -9.68
C TYR A 5 -5.08 -8.58 -9.47
N LYS A 6 -5.71 -9.20 -10.46
CA LYS A 6 -7.14 -9.50 -10.40
C LYS A 6 -7.42 -10.60 -9.38
N ALA A 7 -6.57 -11.62 -9.37
CA ALA A 7 -6.73 -12.73 -8.44
C ALA A 7 -6.25 -12.35 -7.04
N ALA A 8 -5.17 -11.59 -6.97
CA ALA A 8 -4.62 -11.15 -5.70
C ALA A 8 -5.65 -10.36 -4.90
N VAL A 9 -6.45 -9.57 -5.60
CA VAL A 9 -7.49 -8.76 -4.95
C VAL A 9 -8.66 -9.63 -4.51
N GLU A 10 -8.94 -10.67 -5.28
CA GLU A 10 -10.05 -11.57 -4.98
C GLU A 10 -9.69 -12.48 -3.81
N GLN A 11 -8.46 -12.99 -3.81
CA GLN A 11 -8.00 -13.87 -2.75
C GLN A 11 -8.05 -13.19 -1.40
N LEU A 12 -8.12 -11.86 -1.43
CA LEU A 12 -8.18 -11.07 -0.20
C LEU A 12 -9.36 -11.50 0.67
N THR A 13 -9.46 -10.90 1.86
CA THR A 13 -10.54 -11.23 2.78
C THR A 13 -11.37 -9.99 3.12
N GLU A 14 -12.58 -10.20 3.62
CA GLU A 14 -13.47 -9.10 3.98
C GLU A 14 -12.75 -8.12 4.92
N GLU A 15 -11.80 -8.64 5.70
CA GLU A 15 -11.06 -7.81 6.63
C GLU A 15 -10.03 -6.95 5.91
N GLN A 16 -9.32 -7.56 4.97
CA GLN A 16 -8.31 -6.85 4.20
C GLN A 16 -8.90 -5.61 3.54
N LYS A 17 -9.95 -5.81 2.75
CA LYS A 17 -10.60 -4.71 2.06
C LYS A 17 -11.07 -3.64 3.05
N ASN A 18 -11.43 -4.08 4.25
CA ASN A 18 -11.89 -3.16 5.28
C ASN A 18 -10.72 -2.36 5.86
N GLU A 19 -9.59 -3.03 6.05
CA GLU A 19 -8.41 -2.38 6.60
C GLU A 19 -7.72 -1.52 5.54
N PHE A 20 -7.96 -1.85 4.28
CA PHE A 20 -7.36 -1.10 3.18
C PHE A 20 -7.88 0.33 3.14
N LYS A 21 -9.13 0.51 3.57
CA LYS A 21 -9.75 1.84 3.60
C LYS A 21 -9.29 2.62 4.82
N ALA A 22 -8.90 1.92 5.88
CA ALA A 22 -8.45 2.55 7.10
C ALA A 22 -7.01 3.04 6.95
N ALA A 23 -6.10 2.13 6.62
CA ALA A 23 -4.69 2.47 6.45
C ALA A 23 -4.51 3.51 5.36
N PHE A 24 -5.10 3.27 4.20
CA PHE A 24 -5.00 4.19 3.07
C PHE A 24 -5.41 5.60 3.49
N ASP A 25 -6.52 5.71 4.21
CA ASP A 25 -7.01 7.00 4.67
C ASP A 25 -6.06 7.60 5.69
N ILE A 26 -5.73 6.82 6.72
CA ILE A 26 -4.82 7.29 7.77
C ILE A 26 -3.49 7.72 7.18
N PHE A 27 -3.16 7.20 6.00
CA PHE A 27 -1.91 7.53 5.34
C PHE A 27 -2.00 8.90 4.65
N VAL A 28 -3.23 9.34 4.40
CA VAL A 28 -3.46 10.62 3.74
C VAL A 28 -4.39 11.50 4.57
N LEU A 29 -4.51 11.18 5.85
CA LEU A 29 -5.37 11.94 6.76
C LEU A 29 -4.68 13.23 7.20
N GLY A 30 -3.37 13.31 6.96
CA GLY A 30 -2.62 14.48 7.36
C GLY A 30 -2.19 15.31 6.17
N ALA A 31 -2.47 14.83 4.97
CA ALA A 31 -2.11 15.53 3.74
C ALA A 31 -2.97 16.77 3.55
N GLU A 32 -2.70 17.52 2.49
CA GLU A 32 -3.45 18.74 2.19
C GLU A 32 -4.64 18.43 1.27
N ASP A 33 -4.47 17.45 0.41
CA ASP A 33 -5.52 17.06 -0.52
C ASP A 33 -5.98 15.62 -0.26
N GLY A 34 -5.09 14.82 0.31
CA GLY A 34 -5.41 13.43 0.60
C GLY A 34 -4.80 12.47 -0.39
N CYS A 35 -3.48 12.47 -0.48
CA CYS A 35 -2.78 11.59 -1.41
C CYS A 35 -1.48 11.08 -0.78
N ILE A 36 -1.00 9.94 -1.28
CA ILE A 36 0.24 9.35 -0.77
C ILE A 36 1.46 10.07 -1.33
N SER A 37 2.54 10.08 -0.56
CA SER A 37 3.77 10.74 -0.97
C SER A 37 4.98 9.83 -0.76
N THR A 38 5.93 9.90 -1.68
CA THR A 38 7.14 9.08 -1.60
C THR A 38 7.79 9.19 -0.23
N LYS A 39 7.81 10.41 0.31
CA LYS A 39 8.41 10.66 1.62
C LYS A 39 7.51 10.13 2.73
N GLU A 40 6.21 10.33 2.59
CA GLU A 40 5.24 9.87 3.58
C GLU A 40 5.26 8.35 3.69
N LEU A 41 4.97 7.67 2.58
CA LEU A 41 4.95 6.22 2.55
C LEU A 41 6.27 5.64 3.06
N GLY A 42 7.37 6.13 2.52
CA GLY A 42 8.68 5.66 2.93
C GLY A 42 8.87 5.74 4.43
N LYS A 43 8.48 6.88 5.00
CA LYS A 43 8.62 7.09 6.45
C LYS A 43 7.99 5.95 7.22
N VAL A 44 6.93 5.36 6.66
CA VAL A 44 6.24 4.25 7.31
C VAL A 44 7.03 2.95 7.15
N MET A 45 7.76 2.83 6.05
CA MET A 45 8.55 1.64 5.78
C MET A 45 9.76 1.56 6.72
N ARG A 46 10.24 2.73 7.16
CA ARG A 46 11.37 2.80 8.06
C ARG A 46 10.99 2.30 9.46
N MET A 47 9.75 2.54 9.84
CA MET A 47 9.26 2.12 11.16
C MET A 47 8.81 0.66 11.12
N LEU A 48 8.44 0.19 9.94
CA LEU A 48 7.99 -1.19 9.77
C LEU A 48 9.13 -2.18 9.99
N GLY A 49 10.24 -1.95 9.30
CA GLY A 49 11.39 -2.82 9.43
C GLY A 49 12.38 -2.66 8.30
N GLN A 50 11.89 -2.28 7.13
CA GLN A 50 12.75 -2.08 5.96
C GLN A 50 13.17 -0.61 5.85
N ASN A 51 13.82 -0.28 4.73
CA ASN A 51 14.27 1.08 4.50
C ASN A 51 14.39 1.36 2.99
N PRO A 52 13.24 1.41 2.32
CA PRO A 52 13.18 1.67 0.87
C PRO A 52 13.56 3.11 0.52
N THR A 53 14.57 3.26 -0.32
CA THR A 53 15.03 4.58 -0.73
C THR A 53 13.86 5.46 -1.18
N PRO A 54 13.97 6.77 -0.94
CA PRO A 54 12.94 7.73 -1.31
C PRO A 54 12.84 7.92 -2.82
N GLU A 55 13.94 7.65 -3.52
CA GLU A 55 13.97 7.80 -4.97
C GLU A 55 13.24 6.65 -5.65
N GLU A 56 13.18 5.51 -4.97
CA GLU A 56 12.49 4.33 -5.51
C GLU A 56 10.98 4.48 -5.38
N LEU A 57 10.52 4.90 -4.20
CA LEU A 57 9.10 5.08 -3.96
C LEU A 57 8.47 5.96 -5.03
N GLN A 58 9.14 7.08 -5.33
CA GLN A 58 8.64 8.01 -6.34
C GLN A 58 8.33 7.29 -7.65
N GLU A 59 9.09 6.24 -7.93
CA GLU A 59 8.89 5.46 -9.15
C GLU A 59 7.70 4.52 -9.01
N MET A 60 7.48 4.02 -7.79
CA MET A 60 6.39 3.10 -7.52
C MET A 60 5.04 3.80 -7.68
N ILE A 61 4.99 5.06 -7.24
CA ILE A 61 3.76 5.84 -7.33
C ILE A 61 3.26 5.91 -8.77
N ASP A 62 4.16 6.26 -9.68
CA ASP A 62 3.82 6.37 -11.10
C ASP A 62 3.61 4.98 -11.72
N GLU A 63 4.23 3.98 -11.11
CA GLU A 63 4.12 2.61 -11.61
C GLU A 63 2.68 2.11 -11.49
N VAL A 64 2.13 2.16 -10.29
CA VAL A 64 0.76 1.72 -10.06
C VAL A 64 -0.25 2.68 -10.68
N ASP A 65 0.21 3.90 -10.98
CA ASP A 65 -0.65 4.91 -11.58
C ASP A 65 -1.36 4.35 -12.82
N GLU A 66 -2.66 4.09 -12.69
CA GLU A 66 -3.45 3.56 -13.80
C GLU A 66 -3.86 4.68 -14.75
N ASP A 67 -4.20 5.83 -14.19
CA ASP A 67 -4.63 6.97 -14.99
C ASP A 67 -3.54 8.06 -15.01
N GLY A 68 -2.53 7.88 -14.17
CA GLY A 68 -1.44 8.85 -14.10
C GLY A 68 -1.82 10.07 -13.29
N SER A 69 -2.64 9.88 -12.27
CA SER A 69 -3.08 10.99 -11.42
C SER A 69 -1.93 11.50 -10.56
N GLY A 70 -0.87 10.70 -10.47
CA GLY A 70 0.29 11.09 -9.68
C GLY A 70 0.17 10.65 -8.24
N THR A 71 -1.02 10.20 -7.86
CA THR A 71 -1.26 9.75 -6.48
C THR A 71 -1.73 8.30 -6.46
N VAL A 72 -1.69 7.69 -5.28
CA VAL A 72 -2.11 6.31 -5.12
C VAL A 72 -3.59 6.21 -4.79
N ASP A 73 -4.38 5.65 -5.71
CA ASP A 73 -5.81 5.50 -5.51
C ASP A 73 -6.13 4.21 -4.78
N PHE A 74 -7.40 4.03 -4.43
CA PHE A 74 -7.84 2.83 -3.71
C PHE A 74 -7.48 1.57 -4.51
N ASP A 75 -7.34 1.72 -5.81
CA ASP A 75 -7.00 0.60 -6.68
C ASP A 75 -5.50 0.47 -6.85
N GLU A 76 -4.82 1.61 -6.96
CA GLU A 76 -3.36 1.62 -7.12
C GLU A 76 -2.67 1.15 -5.85
N TRP A 77 -3.38 1.22 -4.73
CA TRP A 77 -2.84 0.80 -3.45
C TRP A 77 -2.88 -0.72 -3.30
N LEU A 78 -3.91 -1.32 -3.88
CA LEU A 78 -4.07 -2.77 -3.82
C LEU A 78 -3.18 -3.46 -4.84
N VAL A 79 -2.98 -2.81 -5.97
CA VAL A 79 -2.14 -3.36 -7.04
C VAL A 79 -0.67 -3.22 -6.70
N MET A 80 -0.34 -2.23 -5.88
CA MET A 80 1.04 -1.99 -5.47
C MET A 80 1.62 -3.21 -4.77
N MET A 81 0.76 -3.98 -4.11
CA MET A 81 1.19 -5.18 -3.40
C MET A 81 1.55 -6.29 -4.36
N VAL A 82 0.61 -6.63 -5.24
CA VAL A 82 0.82 -7.69 -6.23
C VAL A 82 1.97 -7.33 -7.17
N ARG A 83 2.05 -6.05 -7.53
CA ARG A 83 3.10 -5.57 -8.43
C ARG A 83 4.48 -5.94 -7.90
N CYS A 84 4.60 -5.98 -6.57
CA CYS A 84 5.88 -6.31 -5.93
C CYS A 84 6.06 -7.81 -5.87
N MET A 85 4.98 -8.54 -5.64
CA MET A 85 5.02 -9.99 -5.55
C MET A 85 5.33 -10.62 -6.91
N LYS A 86 5.00 -9.88 -7.97
CA LYS A 86 5.24 -10.36 -9.33
C LYS A 86 6.07 -9.36 -10.12
N ASP A 87 6.95 -8.63 -9.42
CA ASP A 87 7.80 -7.64 -10.07
C ASP A 87 8.55 -8.25 -11.25
N ASP A 88 8.92 -7.40 -12.20
CA ASP A 88 9.64 -7.86 -13.39
C ASP A 88 10.96 -8.52 -13.00
N SER A 89 11.59 -8.00 -11.95
CA SER A 89 12.87 -8.54 -11.48
C SER A 89 12.70 -9.24 -10.15
N ARG B 1 0.22 -20.05 -3.91
CA ARG B 1 -0.72 -20.21 -2.81
C ARG B 1 -0.28 -19.39 -1.59
N ARG B 2 1.02 -19.39 -1.33
CA ARG B 2 1.56 -18.63 -0.20
C ARG B 2 1.59 -17.14 -0.50
N VAL B 3 2.02 -16.35 0.46
CA VAL B 3 2.10 -14.90 0.31
C VAL B 3 3.40 -14.35 0.88
N ARG B 4 3.87 -13.25 0.32
CA ARG B 4 5.10 -12.62 0.77
C ARG B 4 4.80 -11.40 1.64
N ILE B 5 4.05 -10.46 1.09
CA ILE B 5 3.70 -9.24 1.81
C ILE B 5 2.70 -9.54 2.94
N SER B 6 3.01 -9.07 4.14
CA SER B 6 2.15 -9.28 5.30
C SER B 6 1.23 -8.09 5.52
N ALA B 7 0.02 -8.18 4.99
CA ALA B 7 -0.96 -7.10 5.13
C ALA B 7 -1.44 -7.00 6.58
N ASP B 8 -1.41 -8.12 7.29
CA ASP B 8 -1.86 -8.14 8.68
C ASP B 8 -1.09 -7.11 9.51
N ALA B 9 0.12 -6.80 9.08
CA ALA B 9 0.96 -5.83 9.79
C ALA B 9 0.32 -4.44 9.76
N MET B 10 -0.48 -4.19 8.73
CA MET B 10 -1.16 -2.90 8.60
C MET B 10 -1.97 -2.57 9.85
N MET B 11 -2.56 -3.59 10.46
CA MET B 11 -3.36 -3.40 11.67
C MET B 11 -2.53 -2.74 12.77
N GLN B 12 -1.25 -3.07 12.81
CA GLN B 12 -0.36 -2.51 13.81
C GLN B 12 -0.37 -0.99 13.78
N ALA B 13 -0.50 -0.43 12.56
CA ALA B 13 -0.53 1.02 12.39
C ALA B 13 -1.90 1.58 12.76
N LEU B 14 -2.95 0.85 12.40
CA LEU B 14 -4.31 1.28 12.70
C LEU B 14 -4.48 1.57 14.18
N LEU B 15 -4.04 0.63 15.01
CA LEU B 15 -4.14 0.79 16.46
C LEU B 15 -2.97 1.59 17.01
N GLY B 16 -3.16 2.91 17.12
CA GLY B 16 -2.12 3.77 17.63
C GLY B 16 -2.67 4.97 18.38
N ALA B 17 -3.08 5.98 17.63
CA ALA B 17 -3.63 7.20 18.23
C ALA B 17 -4.77 6.87 19.19
N ARG B 18 -5.57 5.88 18.84
CA ARG B 18 -6.69 5.47 19.68
C ARG B 18 -6.21 5.10 21.08
N ALA B 19 -5.23 4.21 21.15
CA ALA B 19 -4.69 3.78 22.44
C ALA B 19 -3.24 3.32 22.29
N LYS B 20 -2.44 3.57 23.31
CA LYS B 20 -1.03 3.17 23.30
C LYS B 20 -0.82 1.87 24.06
N MET A 1 -2.68 -8.46 -18.16
CA MET A 1 -2.84 -9.48 -17.13
C MET A 1 -2.95 -8.84 -15.76
N ASP A 2 -4.16 -8.46 -15.38
CA ASP A 2 -4.40 -7.84 -14.08
C ASP A 2 -5.51 -8.56 -13.33
N ASP A 3 -5.61 -9.86 -13.54
CA ASP A 3 -6.64 -10.67 -12.88
C ASP A 3 -6.20 -11.06 -11.48
N ILE A 4 -4.90 -11.24 -11.29
CA ILE A 4 -4.36 -11.62 -10.00
C ILE A 4 -4.83 -10.67 -8.91
N TYR A 5 -5.02 -9.40 -9.27
CA TYR A 5 -5.47 -8.39 -8.32
C TYR A 5 -6.98 -8.49 -8.10
N LYS A 6 -7.71 -8.78 -9.17
CA LYS A 6 -9.16 -8.90 -9.10
C LYS A 6 -9.56 -10.02 -8.14
N ALA A 7 -8.83 -11.12 -8.18
CA ALA A 7 -9.10 -12.26 -7.32
C ALA A 7 -8.61 -12.00 -5.90
N ALA A 8 -7.57 -11.18 -5.77
CA ALA A 8 -7.01 -10.85 -4.47
C ALA A 8 -7.87 -9.83 -3.74
N VAL A 9 -8.43 -8.89 -4.48
CA VAL A 9 -9.28 -7.85 -3.90
C VAL A 9 -10.65 -8.42 -3.54
N GLU A 10 -11.12 -9.38 -4.33
CA GLU A 10 -12.41 -10.01 -4.08
C GLU A 10 -12.33 -10.99 -2.92
N GLN A 11 -11.27 -11.78 -2.88
CA GLN A 11 -11.08 -12.75 -1.82
C GLN A 11 -11.03 -12.08 -0.46
N LEU A 12 -10.78 -10.78 -0.45
CA LEU A 12 -10.70 -10.01 0.79
C LEU A 12 -11.97 -10.21 1.62
N THR A 13 -11.95 -9.70 2.85
CA THR A 13 -13.09 -9.81 3.75
C THR A 13 -13.51 -8.45 4.29
N GLU A 14 -14.70 -8.38 4.85
CA GLU A 14 -15.22 -7.14 5.41
C GLU A 14 -14.22 -6.54 6.39
N GLU A 15 -13.45 -7.40 7.04
CA GLU A 15 -12.45 -6.96 8.02
C GLU A 15 -11.23 -6.36 7.31
N GLN A 16 -10.86 -6.95 6.19
CA GLN A 16 -9.72 -6.48 5.42
C GLN A 16 -9.97 -5.07 4.87
N LYS A 17 -11.05 -4.93 4.13
CA LYS A 17 -11.41 -3.64 3.55
C LYS A 17 -11.57 -2.57 4.62
N ASN A 18 -12.02 -3.00 5.80
CA ASN A 18 -12.21 -2.08 6.92
C ASN A 18 -10.86 -1.61 7.47
N GLU A 19 -9.90 -2.53 7.53
CA GLU A 19 -8.57 -2.20 8.04
C GLU A 19 -7.76 -1.45 7.00
N PHE A 20 -7.99 -1.77 5.73
CA PHE A 20 -7.27 -1.12 4.63
C PHE A 20 -7.77 0.32 4.45
N LYS A 21 -9.00 0.57 4.86
CA LYS A 21 -9.60 1.89 4.74
C LYS A 21 -8.98 2.87 5.74
N ALA A 22 -8.45 2.32 6.83
CA ALA A 22 -7.82 3.14 7.86
C ALA A 22 -6.45 3.62 7.42
N ALA A 23 -5.57 2.68 7.11
CA ALA A 23 -4.21 3.00 6.68
C ALA A 23 -4.23 3.93 5.47
N PHE A 24 -5.12 3.65 4.53
CA PHE A 24 -5.25 4.46 3.32
C PHE A 24 -5.50 5.92 3.68
N ASP A 25 -6.55 6.16 4.47
CA ASP A 25 -6.90 7.51 4.88
C ASP A 25 -5.80 8.12 5.73
N ILE A 26 -5.39 7.40 6.76
CA ILE A 26 -4.33 7.88 7.65
C ILE A 26 -3.09 8.29 6.87
N PHE A 27 -2.74 7.49 5.86
CA PHE A 27 -1.57 7.77 5.04
C PHE A 27 -1.71 9.11 4.34
N VAL A 28 -2.95 9.55 4.12
CA VAL A 28 -3.23 10.81 3.46
C VAL A 28 -4.03 11.74 4.37
N LEU A 29 -3.88 11.55 5.68
CA LEU A 29 -4.58 12.37 6.65
C LEU A 29 -4.22 13.85 6.49
N GLY A 30 -3.02 14.10 5.95
CA GLY A 30 -2.58 15.46 5.75
C GLY A 30 -2.19 15.74 4.31
N ALA A 31 -2.71 14.93 3.40
CA ALA A 31 -2.42 15.10 1.98
C ALA A 31 -3.46 15.96 1.30
N GLU A 32 -3.09 17.20 0.99
CA GLU A 32 -4.00 18.13 0.34
C GLU A 32 -4.53 17.54 -0.98
N ASP A 33 -3.74 16.65 -1.57
CA ASP A 33 -4.13 16.02 -2.82
C ASP A 33 -4.85 14.70 -2.58
N GLY A 34 -4.50 14.04 -1.47
CA GLY A 34 -5.12 12.77 -1.13
C GLY A 34 -4.48 11.60 -1.87
N CYS A 35 -3.16 11.64 -1.99
CA CYS A 35 -2.44 10.58 -2.68
C CYS A 35 -1.27 10.08 -1.82
N ILE A 36 -0.54 9.11 -2.35
CA ILE A 36 0.60 8.55 -1.63
C ILE A 36 1.92 8.95 -2.29
N SER A 37 2.62 9.89 -1.67
CA SER A 37 3.90 10.36 -2.20
C SER A 37 5.06 9.60 -1.58
N THR A 38 6.15 9.49 -2.32
CA THR A 38 7.33 8.78 -1.84
C THR A 38 7.80 9.34 -0.50
N LYS A 39 7.49 10.60 -0.26
CA LYS A 39 7.87 11.26 1.00
C LYS A 39 7.01 10.76 2.15
N GLU A 40 5.72 10.61 1.89
CA GLU A 40 4.79 10.15 2.93
C GLU A 40 4.91 8.63 3.12
N LEU A 41 5.08 7.91 2.02
CA LEU A 41 5.21 6.46 2.07
C LEU A 41 6.46 6.05 2.82
N GLY A 42 7.53 6.82 2.65
CA GLY A 42 8.79 6.53 3.33
C GLY A 42 8.74 6.87 4.80
N LYS A 43 7.80 7.72 5.19
CA LYS A 43 7.65 8.13 6.58
C LYS A 43 7.12 6.98 7.43
N VAL A 44 6.30 6.12 6.82
CA VAL A 44 5.72 4.98 7.52
C VAL A 44 6.75 3.86 7.67
N MET A 45 7.68 3.78 6.72
CA MET A 45 8.71 2.76 6.76
C MET A 45 9.72 3.04 7.87
N ARG A 46 9.89 4.31 8.19
CA ARG A 46 10.84 4.73 9.23
C ARG A 46 10.35 4.28 10.61
N MET A 47 9.03 4.27 10.79
CA MET A 47 8.44 3.86 12.05
C MET A 47 8.31 2.35 12.13
N LEU A 48 8.26 1.70 10.97
CA LEU A 48 8.13 0.24 10.91
C LEU A 48 9.41 -0.43 11.38
N GLY A 49 10.54 0.25 11.21
CA GLY A 49 11.81 -0.29 11.63
C GLY A 49 12.81 -0.40 10.49
N GLN A 50 12.50 0.26 9.39
CA GLN A 50 13.37 0.25 8.21
C GLN A 50 13.67 1.66 7.74
N ASN A 51 14.33 1.77 6.59
CA ASN A 51 14.69 3.07 6.03
C ASN A 51 14.95 2.96 4.53
N PRO A 52 13.90 2.70 3.75
CA PRO A 52 14.00 2.56 2.30
C PRO A 52 14.30 3.90 1.61
N THR A 53 15.30 3.89 0.74
CA THR A 53 15.69 5.09 0.01
C THR A 53 14.48 5.76 -0.64
N PRO A 54 14.52 7.10 -0.71
CA PRO A 54 13.44 7.88 -1.31
C PRO A 54 13.35 7.70 -2.82
N GLU A 55 14.48 7.33 -3.44
CA GLU A 55 14.52 7.12 -4.88
C GLU A 55 13.84 5.80 -5.26
N GLU A 56 13.82 4.87 -4.32
CA GLU A 56 13.21 3.56 -4.56
C GLU A 56 11.69 3.67 -4.50
N LEU A 57 11.17 4.30 -3.46
CA LEU A 57 9.74 4.46 -3.29
C LEU A 57 9.11 5.12 -4.52
N GLN A 58 9.80 6.11 -5.07
CA GLN A 58 9.31 6.82 -6.25
C GLN A 58 8.96 5.84 -7.36
N GLU A 59 9.93 5.02 -7.75
CA GLU A 59 9.71 4.04 -8.80
C GLU A 59 8.56 3.10 -8.44
N MET A 60 8.34 2.90 -7.15
CA MET A 60 7.27 2.03 -6.68
C MET A 60 5.91 2.65 -6.95
N ILE A 61 5.83 3.97 -6.78
CA ILE A 61 4.58 4.69 -7.01
C ILE A 61 4.01 4.39 -8.39
N ASP A 62 4.84 4.54 -9.42
CA ASP A 62 4.41 4.28 -10.79
C ASP A 62 4.27 2.78 -11.04
N GLU A 63 5.11 1.99 -10.37
CA GLU A 63 5.08 0.54 -10.52
C GLU A 63 3.67 0.00 -10.32
N VAL A 64 3.09 0.30 -9.15
CA VAL A 64 1.74 -0.15 -8.83
C VAL A 64 0.69 0.65 -9.58
N ASP A 65 1.05 1.87 -9.97
CA ASP A 65 0.15 2.74 -10.71
C ASP A 65 -0.43 2.01 -11.92
N GLU A 66 -1.72 2.23 -12.17
CA GLU A 66 -2.40 1.61 -13.30
C GLU A 66 -2.14 2.37 -14.59
N ASP A 67 -2.38 3.67 -14.56
CA ASP A 67 -2.16 4.52 -15.73
C ASP A 67 -0.85 5.29 -15.62
N GLY A 68 -0.23 5.21 -14.45
CA GLY A 68 1.03 5.91 -14.24
C GLY A 68 0.85 7.39 -14.03
N SER A 69 -0.23 7.77 -13.36
CA SER A 69 -0.52 9.18 -13.10
C SER A 69 0.47 9.77 -12.10
N GLY A 70 1.19 8.90 -11.42
CA GLY A 70 2.17 9.34 -10.44
C GLY A 70 1.62 9.33 -9.03
N THR A 71 0.34 9.02 -8.89
CA THR A 71 -0.31 8.97 -7.59
C THR A 71 -1.02 7.64 -7.38
N VAL A 72 -1.19 7.25 -6.11
CA VAL A 72 -1.85 6.00 -5.78
C VAL A 72 -3.32 6.24 -5.45
N ASP A 73 -4.21 5.71 -6.29
CA ASP A 73 -5.64 5.86 -6.09
C ASP A 73 -6.12 4.99 -4.92
N PHE A 74 -7.42 4.99 -4.68
CA PHE A 74 -8.00 4.21 -3.60
C PHE A 74 -7.91 2.72 -3.88
N ASP A 75 -7.84 2.37 -5.16
CA ASP A 75 -7.75 0.98 -5.58
C ASP A 75 -6.30 0.57 -5.80
N GLU A 76 -5.52 1.48 -6.40
CA GLU A 76 -4.11 1.20 -6.67
C GLU A 76 -3.36 0.90 -5.38
N TRP A 77 -3.90 1.37 -4.26
CA TRP A 77 -3.28 1.15 -2.96
C TRP A 77 -3.29 -0.33 -2.59
N LEU A 78 -4.39 -1.01 -2.91
CA LEU A 78 -4.53 -2.43 -2.61
C LEU A 78 -3.79 -3.28 -3.65
N VAL A 79 -3.53 -2.68 -4.81
CA VAL A 79 -2.83 -3.38 -5.89
C VAL A 79 -1.40 -3.74 -5.48
N MET A 80 -0.75 -2.81 -4.79
CA MET A 80 0.62 -3.03 -4.33
C MET A 80 0.70 -4.26 -3.44
N MET A 81 -0.39 -4.57 -2.75
CA MET A 81 -0.44 -5.73 -1.86
C MET A 81 -0.33 -7.02 -2.67
N VAL A 82 -1.22 -7.19 -3.64
CA VAL A 82 -1.22 -8.39 -4.47
C VAL A 82 -0.01 -8.41 -5.41
N ARG A 83 0.38 -7.24 -5.89
CA ARG A 83 1.53 -7.12 -6.79
C ARG A 83 2.75 -7.81 -6.18
N CYS A 84 2.88 -7.73 -4.86
CA CYS A 84 4.02 -8.34 -4.17
C CYS A 84 3.82 -9.85 -4.04
N MET A 85 2.56 -10.27 -3.94
CA MET A 85 2.24 -11.69 -3.82
C MET A 85 2.31 -12.39 -5.16
N LYS A 86 2.18 -11.61 -6.24
CA LYS A 86 2.23 -12.17 -7.59
C LYS A 86 3.12 -11.31 -8.49
N ASP A 87 4.24 -10.84 -7.93
CA ASP A 87 5.17 -10.02 -8.68
C ASP A 87 5.82 -10.83 -9.81
N ASP A 88 6.50 -10.14 -10.71
CA ASP A 88 7.17 -10.79 -11.84
C ASP A 88 8.55 -10.19 -12.07
N SER A 89 8.62 -8.86 -12.05
CA SER A 89 9.89 -8.16 -12.26
C SER A 89 10.50 -7.73 -10.94
N ARG B 1 9.57 -15.98 -6.70
CA ARG B 1 10.17 -16.72 -5.58
C ARG B 1 10.21 -15.87 -4.32
N ARG B 2 9.05 -15.38 -3.91
CA ARG B 2 8.95 -14.55 -2.71
C ARG B 2 7.78 -15.00 -1.83
N VAL B 3 7.80 -14.57 -0.57
CA VAL B 3 6.75 -14.93 0.38
C VAL B 3 5.58 -13.95 0.29
N ARG B 4 4.37 -14.47 0.45
CA ARG B 4 3.17 -13.63 0.39
C ARG B 4 3.09 -12.70 1.61
N ILE B 5 2.76 -11.44 1.36
CA ILE B 5 2.65 -10.46 2.44
C ILE B 5 1.21 -10.33 2.92
N SER B 6 1.03 -10.23 4.23
CA SER B 6 -0.29 -10.10 4.82
C SER B 6 -0.60 -8.64 5.17
N ALA B 7 -1.71 -8.43 5.86
CA ALA B 7 -2.10 -7.08 6.26
C ALA B 7 -1.53 -6.72 7.62
N ASP B 8 -1.21 -7.74 8.42
CA ASP B 8 -0.65 -7.53 9.74
C ASP B 8 0.55 -6.59 9.69
N ALA B 9 1.35 -6.72 8.62
CA ALA B 9 2.53 -5.89 8.45
C ALA B 9 2.18 -4.41 8.59
N MET B 10 1.20 -3.96 7.82
CA MET B 10 0.78 -2.57 7.86
C MET B 10 -0.14 -2.31 9.06
N MET B 11 -0.78 -3.36 9.55
CA MET B 11 -1.67 -3.26 10.70
C MET B 11 -0.93 -2.70 11.91
N GLN B 12 0.39 -2.85 11.91
CA GLN B 12 1.22 -2.36 13.02
C GLN B 12 0.96 -0.88 13.28
N ALA B 13 0.55 -0.17 12.23
CA ALA B 13 0.27 1.26 12.36
C ALA B 13 -0.88 1.52 13.32
N LEU B 14 -1.74 0.51 13.49
CA LEU B 14 -2.88 0.63 14.39
C LEU B 14 -2.83 -0.44 15.48
N LEU B 15 -1.63 -0.87 15.81
CA LEU B 15 -1.43 -1.90 16.84
C LEU B 15 -0.80 -1.30 18.09
N GLY B 16 0.04 -0.28 17.90
CA GLY B 16 0.69 0.36 19.02
C GLY B 16 -0.14 1.48 19.62
N ALA B 17 -1.11 1.97 18.83
CA ALA B 17 -1.98 3.05 19.29
C ALA B 17 -3.39 2.53 19.56
N ARG B 18 -4.02 1.97 18.54
CA ARG B 18 -5.37 1.43 18.66
C ARG B 18 -5.37 -0.09 18.56
N ALA B 19 -4.76 -0.75 19.53
CA ALA B 19 -4.69 -2.21 19.55
C ALA B 19 -6.05 -2.82 19.87
N LYS B 20 -6.50 -3.73 19.01
CA LYS B 20 -7.79 -4.39 19.21
C LYS B 20 -7.69 -5.87 18.87
N MET A 1 -1.27 -11.74 -17.20
CA MET A 1 -2.47 -12.04 -16.44
C MET A 1 -2.60 -11.10 -15.24
N ASP A 2 -3.76 -10.47 -15.11
CA ASP A 2 -4.01 -9.55 -14.00
C ASP A 2 -5.13 -10.07 -13.10
N ASP A 3 -5.19 -11.39 -12.94
CA ASP A 3 -6.20 -12.01 -12.11
C ASP A 3 -5.76 -12.06 -10.65
N ILE A 4 -4.45 -12.06 -10.43
CA ILE A 4 -3.89 -12.10 -9.09
C ILE A 4 -4.51 -11.02 -8.21
N TYR A 5 -4.77 -9.85 -8.80
CA TYR A 5 -5.36 -8.75 -8.07
C TYR A 5 -6.86 -8.94 -7.89
N LYS A 6 -7.52 -9.39 -8.95
CA LYS A 6 -8.96 -9.63 -8.91
C LYS A 6 -9.31 -10.59 -7.77
N ALA A 7 -8.55 -11.67 -7.66
CA ALA A 7 -8.78 -12.66 -6.61
C ALA A 7 -8.29 -12.16 -5.25
N ALA A 8 -7.20 -11.40 -5.26
CA ALA A 8 -6.63 -10.86 -4.04
C ALA A 8 -7.59 -9.87 -3.38
N VAL A 9 -8.32 -9.14 -4.20
CA VAL A 9 -9.27 -8.15 -3.70
C VAL A 9 -10.53 -8.83 -3.17
N GLU A 10 -10.91 -9.93 -3.79
CA GLU A 10 -12.11 -10.67 -3.38
C GLU A 10 -11.81 -11.51 -2.14
N GLN A 11 -10.64 -12.15 -2.12
CA GLN A 11 -10.25 -12.98 -1.00
C GLN A 11 -10.27 -12.19 0.31
N LEU A 12 -10.18 -10.87 0.19
CA LEU A 12 -10.19 -9.99 1.36
C LEU A 12 -11.42 -10.26 2.22
N THR A 13 -11.30 -9.93 3.51
CA THR A 13 -12.41 -10.13 4.44
C THR A 13 -13.03 -8.80 4.85
N GLU A 14 -14.21 -8.86 5.45
CA GLU A 14 -14.92 -7.66 5.88
C GLU A 14 -14.00 -6.78 6.75
N GLU A 15 -13.11 -7.43 7.49
CA GLU A 15 -12.18 -6.71 8.35
C GLU A 15 -11.07 -6.05 7.53
N GLN A 16 -10.54 -6.79 6.57
CA GLN A 16 -9.47 -6.29 5.71
C GLN A 16 -9.86 -4.97 5.07
N LYS A 17 -10.99 -4.97 4.36
CA LYS A 17 -11.47 -3.77 3.70
C LYS A 17 -11.60 -2.61 4.69
N ASN A 18 -12.30 -2.85 5.79
CA ASN A 18 -12.48 -1.83 6.81
C ASN A 18 -11.13 -1.35 7.35
N GLU A 19 -10.14 -2.22 7.33
CA GLU A 19 -8.81 -1.90 7.82
C GLU A 19 -8.05 -1.05 6.79
N PHE A 20 -8.24 -1.38 5.52
CA PHE A 20 -7.57 -0.66 4.43
C PHE A 20 -8.00 0.81 4.41
N LYS A 21 -9.19 1.08 4.94
CA LYS A 21 -9.72 2.44 4.98
C LYS A 21 -8.99 3.26 6.04
N ALA A 22 -8.46 2.58 7.05
CA ALA A 22 -7.74 3.25 8.13
C ALA A 22 -6.35 3.69 7.67
N ALA A 23 -5.54 2.73 7.22
CA ALA A 23 -4.19 3.02 6.75
C ALA A 23 -4.20 4.11 5.69
N PHE A 24 -5.18 4.04 4.78
CA PHE A 24 -5.30 5.03 3.72
C PHE A 24 -5.47 6.43 4.28
N ASP A 25 -6.41 6.57 5.21
CA ASP A 25 -6.67 7.87 5.83
C ASP A 25 -5.49 8.31 6.69
N ILE A 26 -4.89 7.36 7.39
CA ILE A 26 -3.75 7.65 8.25
C ILE A 26 -2.55 8.11 7.43
N PHE A 27 -2.45 7.61 6.20
CA PHE A 27 -1.35 7.98 5.32
C PHE A 27 -1.59 9.34 4.68
N VAL A 28 -2.81 9.55 4.20
CA VAL A 28 -3.18 10.81 3.56
C VAL A 28 -3.87 11.74 4.55
N LEU A 29 -3.57 11.57 5.83
CA LEU A 29 -4.17 12.39 6.88
C LEU A 29 -3.95 13.88 6.59
N GLY A 30 -2.75 14.21 6.12
CA GLY A 30 -2.43 15.60 5.82
C GLY A 30 -2.22 15.82 4.33
N ALA A 31 -2.75 14.93 3.51
CA ALA A 31 -2.62 15.03 2.07
C ALA A 31 -3.65 16.00 1.49
N GLU A 32 -3.20 16.87 0.60
CA GLU A 32 -4.08 17.85 -0.03
C GLU A 32 -4.77 17.25 -1.25
N ASP A 33 -4.12 16.28 -1.89
CA ASP A 33 -4.67 15.62 -3.06
C ASP A 33 -5.38 14.32 -2.68
N GLY A 34 -4.95 13.73 -1.57
CA GLY A 34 -5.56 12.49 -1.12
C GLY A 34 -4.91 11.27 -1.76
N CYS A 35 -3.60 11.29 -1.88
CA CYS A 35 -2.87 10.18 -2.48
C CYS A 35 -1.61 9.86 -1.66
N ILE A 36 -0.82 8.92 -2.17
CA ILE A 36 0.41 8.53 -1.49
C ILE A 36 1.64 8.88 -2.32
N SER A 37 2.70 9.28 -1.64
CA SER A 37 3.95 9.66 -2.31
C SER A 37 5.14 8.93 -1.68
N THR A 38 6.26 8.94 -2.40
CA THR A 38 7.47 8.28 -1.92
C THR A 38 8.02 8.99 -0.68
N LYS A 39 7.83 10.30 -0.61
CA LYS A 39 8.29 11.08 0.52
C LYS A 39 7.41 10.85 1.74
N GLU A 40 6.10 10.82 1.53
CA GLU A 40 5.15 10.60 2.62
C GLU A 40 5.18 9.14 3.08
N LEU A 41 4.92 8.23 2.15
CA LEU A 41 4.91 6.80 2.47
C LEU A 41 6.23 6.38 3.11
N GLY A 42 7.31 7.05 2.73
CA GLY A 42 8.61 6.73 3.28
C GLY A 42 8.78 7.23 4.70
N LYS A 43 7.95 8.20 5.09
CA LYS A 43 8.01 8.75 6.44
C LYS A 43 7.39 7.80 7.45
N VAL A 44 6.41 7.03 7.01
CA VAL A 44 5.74 6.06 7.87
C VAL A 44 6.66 4.89 8.20
N MET A 45 7.55 4.57 7.27
CA MET A 45 8.49 3.46 7.46
C MET A 45 9.52 3.81 8.53
N ARG A 46 9.81 5.10 8.67
CA ARG A 46 10.79 5.55 9.65
C ARG A 46 10.28 5.34 11.07
N MET A 47 8.99 5.58 11.27
CA MET A 47 8.37 5.40 12.59
C MET A 47 8.06 3.93 12.85
N LEU A 48 7.84 3.18 11.77
CA LEU A 48 7.53 1.76 11.89
C LEU A 48 8.71 0.99 12.45
N GLY A 49 9.92 1.46 12.16
CA GLY A 49 11.12 0.80 12.64
C GLY A 49 11.99 0.28 11.51
N GLN A 50 11.83 0.85 10.32
CA GLN A 50 12.60 0.43 9.16
C GLN A 50 13.15 1.65 8.41
N ASN A 51 13.86 1.39 7.32
CA ASN A 51 14.44 2.46 6.51
C ASN A 51 14.59 2.03 5.07
N PRO A 52 13.45 1.85 4.38
CA PRO A 52 13.44 1.43 2.97
C PRO A 52 13.94 2.54 2.04
N THR A 53 14.77 2.15 1.07
CA THR A 53 15.33 3.10 0.12
C THR A 53 14.22 3.95 -0.51
N PRO A 54 14.57 5.21 -0.81
CA PRO A 54 13.62 6.15 -1.42
C PRO A 54 13.28 5.80 -2.86
N GLU A 55 14.13 4.97 -3.47
CA GLU A 55 13.91 4.55 -4.86
C GLU A 55 12.81 3.51 -4.93
N GLU A 56 12.78 2.60 -3.96
CA GLU A 56 11.77 1.55 -3.92
C GLU A 56 10.36 2.15 -3.91
N LEU A 57 10.16 3.15 -3.06
CA LEU A 57 8.86 3.81 -2.95
C LEU A 57 8.49 4.51 -4.25
N GLN A 58 9.41 5.34 -4.76
CA GLN A 58 9.18 6.06 -5.99
C GLN A 58 8.85 5.11 -7.14
N GLU A 59 9.67 4.08 -7.29
CA GLU A 59 9.47 3.09 -8.35
C GLU A 59 8.20 2.27 -8.09
N MET A 60 7.86 2.11 -6.82
CA MET A 60 6.67 1.35 -6.44
C MET A 60 5.40 2.07 -6.88
N ILE A 61 5.31 3.36 -6.54
CA ILE A 61 4.14 4.16 -6.90
C ILE A 61 3.91 4.15 -8.41
N ASP A 62 4.98 4.31 -9.17
CA ASP A 62 4.90 4.31 -10.62
C ASP A 62 4.64 2.91 -11.16
N GLU A 63 5.15 1.90 -10.46
CA GLU A 63 4.97 0.52 -10.86
C GLU A 63 3.55 0.04 -10.57
N VAL A 64 2.91 0.68 -9.59
CA VAL A 64 1.55 0.32 -9.22
C VAL A 64 0.53 1.22 -9.93
N ASP A 65 0.99 2.39 -10.36
CA ASP A 65 0.13 3.33 -11.05
C ASP A 65 -0.60 2.66 -12.21
N GLU A 66 -1.93 2.82 -12.24
CA GLU A 66 -2.73 2.23 -13.29
C GLU A 66 -2.72 3.09 -14.55
N ASP A 67 -2.79 4.41 -14.36
CA ASP A 67 -2.78 5.35 -15.48
C ASP A 67 -1.44 6.08 -15.56
N GLY A 68 -0.62 5.91 -14.54
CA GLY A 68 0.68 6.56 -14.51
C GLY A 68 0.58 8.01 -14.09
N SER A 69 -0.40 8.33 -13.26
CA SER A 69 -0.60 9.70 -12.79
C SER A 69 0.47 10.07 -11.76
N GLY A 70 1.16 9.07 -11.24
CA GLY A 70 2.20 9.31 -10.25
C GLY A 70 1.64 9.43 -8.85
N THR A 71 0.35 9.13 -8.70
CA THR A 71 -0.30 9.20 -7.39
C THR A 71 -1.00 7.89 -7.05
N VAL A 72 -1.12 7.60 -5.76
CA VAL A 72 -1.78 6.39 -5.30
C VAL A 72 -3.22 6.66 -4.88
N ASP A 73 -4.13 5.87 -5.43
CA ASP A 73 -5.55 6.02 -5.10
C ASP A 73 -6.03 4.90 -4.18
N PHE A 74 -7.27 4.99 -3.74
CA PHE A 74 -7.84 3.99 -2.84
C PHE A 74 -7.75 2.60 -3.45
N ASP A 75 -7.68 2.54 -4.78
CA ASP A 75 -7.58 1.27 -5.48
C ASP A 75 -6.13 0.81 -5.57
N GLU A 76 -5.26 1.69 -6.04
CA GLU A 76 -3.84 1.37 -6.18
C GLU A 76 -3.27 0.90 -4.85
N TRP A 77 -3.71 1.51 -3.76
CA TRP A 77 -3.24 1.14 -2.43
C TRP A 77 -3.37 -0.35 -2.20
N LEU A 78 -4.51 -0.91 -2.60
CA LEU A 78 -4.76 -2.34 -2.43
C LEU A 78 -4.05 -3.15 -3.51
N VAL A 79 -3.75 -2.49 -4.63
CA VAL A 79 -3.07 -3.15 -5.74
C VAL A 79 -1.61 -3.43 -5.39
N MET A 80 -0.91 -2.41 -4.92
CA MET A 80 0.50 -2.55 -4.56
C MET A 80 0.69 -3.69 -3.58
N MET A 81 -0.35 -3.98 -2.79
CA MET A 81 -0.29 -5.04 -1.81
C MET A 81 -0.18 -6.41 -2.49
N VAL A 82 -1.11 -6.70 -3.38
CA VAL A 82 -1.12 -7.96 -4.10
C VAL A 82 0.03 -8.03 -5.10
N ARG A 83 0.32 -6.90 -5.74
CA ARG A 83 1.41 -6.83 -6.72
C ARG A 83 2.74 -7.19 -6.06
N CYS A 84 2.91 -6.80 -4.81
CA CYS A 84 4.14 -7.08 -4.08
C CYS A 84 4.27 -8.56 -3.78
N MET A 85 3.14 -9.24 -3.68
CA MET A 85 3.12 -10.68 -3.40
C MET A 85 3.37 -11.48 -4.66
N LYS A 86 3.10 -10.88 -5.82
CA LYS A 86 3.29 -11.54 -7.10
C LYS A 86 4.20 -10.71 -8.01
N ASP A 87 5.15 -10.01 -7.40
CA ASP A 87 6.08 -9.19 -8.16
C ASP A 87 6.74 -9.98 -9.28
N ASP A 88 7.34 -9.28 -10.23
CA ASP A 88 8.00 -9.92 -11.36
C ASP A 88 7.00 -10.72 -12.20
N SER A 89 5.79 -10.19 -12.34
CA SER A 89 4.75 -10.84 -13.10
C SER A 89 5.14 -10.95 -14.58
N ARG B 1 7.39 -13.14 -4.84
CA ARG B 1 8.22 -13.60 -3.73
C ARG B 1 7.38 -14.30 -2.68
N ARG B 2 8.04 -14.87 -1.67
CA ARG B 2 7.35 -15.57 -0.60
C ARG B 2 7.11 -14.63 0.59
N VAL B 3 7.96 -13.62 0.72
CA VAL B 3 7.83 -12.67 1.81
C VAL B 3 6.42 -12.10 1.89
N ARG B 4 5.95 -11.87 3.11
CA ARG B 4 4.61 -11.33 3.32
C ARG B 4 4.58 -9.83 3.09
N ILE B 5 3.39 -9.24 3.19
CA ILE B 5 3.23 -7.81 2.98
C ILE B 5 3.45 -7.03 4.28
N SER B 6 4.19 -5.93 4.18
CA SER B 6 4.47 -5.11 5.35
C SER B 6 3.29 -4.20 5.68
N ALA B 7 2.14 -4.83 5.95
CA ALA B 7 0.94 -4.09 6.29
C ALA B 7 0.49 -4.38 7.72
N ASP B 8 0.90 -5.53 8.24
CA ASP B 8 0.55 -5.93 9.60
C ASP B 8 0.90 -4.84 10.59
N ALA B 9 2.15 -4.38 10.56
CA ALA B 9 2.61 -3.33 11.45
C ALA B 9 2.12 -1.96 10.99
N MET B 10 1.89 -1.83 9.69
CA MET B 10 1.42 -0.57 9.12
C MET B 10 0.12 -0.11 9.80
N MET B 11 -0.87 -0.98 9.79
CA MET B 11 -2.16 -0.67 10.41
C MET B 11 -2.08 -0.78 11.93
N GLN B 12 -1.09 -1.53 12.41
CA GLN B 12 -0.90 -1.70 13.84
C GLN B 12 -0.70 -0.36 14.54
N ALA B 13 -0.29 0.65 13.77
CA ALA B 13 -0.06 1.98 14.32
C ALA B 13 -1.30 2.49 15.04
N LEU B 14 -2.43 2.50 14.33
CA LEU B 14 -3.69 2.97 14.89
C LEU B 14 -4.32 1.89 15.77
N LEU B 15 -4.90 0.88 15.13
CA LEU B 15 -5.56 -0.21 15.85
C LEU B 15 -4.99 -1.56 15.40
N GLY B 16 -4.70 -1.67 14.10
CA GLY B 16 -4.17 -2.91 13.57
C GLY B 16 -5.17 -3.64 12.69
N ALA B 17 -4.67 -4.40 11.73
CA ALA B 17 -5.53 -5.16 10.83
C ALA B 17 -5.25 -6.65 10.93
N ARG B 18 -5.37 -7.19 12.14
CA ARG B 18 -5.14 -8.60 12.38
C ARG B 18 -3.77 -9.03 11.83
N ALA B 19 -2.84 -8.09 11.82
CA ALA B 19 -1.49 -8.37 11.33
C ALA B 19 -1.53 -8.88 9.90
N LYS B 20 -2.35 -8.25 9.07
CA LYS B 20 -2.48 -8.64 7.67
C LYS B 20 -2.04 -7.50 6.75
N MET A 1 -3.13 -5.70 -17.24
CA MET A 1 -3.42 -7.13 -17.14
C MET A 1 -2.60 -7.77 -16.03
N ASP A 2 -3.03 -7.56 -14.79
CA ASP A 2 -2.35 -8.12 -13.63
C ASP A 2 -3.28 -9.02 -12.82
N ASP A 3 -3.52 -10.22 -13.34
CA ASP A 3 -4.39 -11.18 -12.67
C ASP A 3 -3.92 -11.46 -11.25
N ILE A 4 -2.60 -11.45 -11.07
CA ILE A 4 -2.02 -11.70 -9.75
C ILE A 4 -2.63 -10.81 -8.69
N TYR A 5 -3.06 -9.61 -9.11
CA TYR A 5 -3.67 -8.66 -8.20
C TYR A 5 -5.13 -9.01 -7.94
N LYS A 6 -5.83 -9.43 -8.99
CA LYS A 6 -7.23 -9.80 -8.89
C LYS A 6 -7.42 -10.95 -7.89
N ALA A 7 -6.49 -11.91 -7.92
CA ALA A 7 -6.56 -13.05 -7.03
C ALA A 7 -6.09 -12.68 -5.62
N ALA A 8 -5.22 -11.68 -5.54
CA ALA A 8 -4.69 -11.23 -4.26
C ALA A 8 -5.71 -10.38 -3.53
N VAL A 9 -6.44 -9.55 -4.28
CA VAL A 9 -7.46 -8.68 -3.69
C VAL A 9 -8.69 -9.47 -3.28
N GLU A 10 -9.00 -10.53 -4.04
CA GLU A 10 -10.15 -11.37 -3.76
C GLU A 10 -9.87 -12.29 -2.57
N GLN A 11 -8.68 -12.88 -2.55
CA GLN A 11 -8.29 -13.78 -1.48
C GLN A 11 -8.34 -13.07 -0.13
N LEU A 12 -8.31 -11.75 -0.16
CA LEU A 12 -8.34 -10.95 1.07
C LEU A 12 -9.53 -11.36 1.94
N THR A 13 -9.57 -10.82 3.16
CA THR A 13 -10.64 -11.13 4.09
C THR A 13 -11.33 -9.85 4.57
N GLU A 14 -12.52 -10.00 5.14
CA GLU A 14 -13.28 -8.87 5.64
C GLU A 14 -12.43 -8.01 6.57
N GLU A 15 -11.49 -8.65 7.25
CA GLU A 15 -10.60 -7.95 8.19
C GLU A 15 -9.55 -7.14 7.43
N GLN A 16 -8.91 -7.78 6.45
CA GLN A 16 -7.87 -7.13 5.66
C GLN A 16 -8.41 -5.83 5.05
N LYS A 17 -9.50 -5.95 4.30
CA LYS A 17 -10.10 -4.78 3.65
C LYS A 17 -10.40 -3.69 4.68
N ASN A 18 -11.10 -4.06 5.74
CA ASN A 18 -11.45 -3.10 6.79
C ASN A 18 -10.20 -2.43 7.36
N GLU A 19 -9.11 -3.19 7.44
CA GLU A 19 -7.85 -2.68 7.96
C GLU A 19 -7.16 -1.81 6.92
N PHE A 20 -7.43 -2.07 5.65
CA PHE A 20 -6.83 -1.31 4.56
C PHE A 20 -7.60 -0.02 4.30
N LYS A 21 -8.88 -0.03 4.65
CA LYS A 21 -9.73 1.14 4.46
C LYS A 21 -9.40 2.23 5.47
N ALA A 22 -8.89 1.82 6.64
CA ALA A 22 -8.53 2.78 7.69
C ALA A 22 -7.19 3.44 7.38
N ALA A 23 -6.17 2.61 7.10
CA ALA A 23 -4.85 3.12 6.79
C ALA A 23 -4.90 4.14 5.65
N PHE A 24 -5.68 3.84 4.64
CA PHE A 24 -5.82 4.74 3.49
C PHE A 24 -6.15 6.15 3.94
N ASP A 25 -7.08 6.27 4.88
CA ASP A 25 -7.49 7.57 5.40
C ASP A 25 -6.40 8.17 6.28
N ILE A 26 -5.63 7.31 6.94
CA ILE A 26 -4.55 7.75 7.81
C ILE A 26 -3.39 8.31 7.00
N PHE A 27 -3.10 7.67 5.87
CA PHE A 27 -2.02 8.10 5.00
C PHE A 27 -2.35 9.44 4.34
N VAL A 28 -3.62 9.63 4.01
CA VAL A 28 -4.06 10.86 3.37
C VAL A 28 -4.87 11.73 4.34
N LEU A 29 -4.65 11.51 5.63
CA LEU A 29 -5.35 12.27 6.66
C LEU A 29 -4.88 13.72 6.69
N GLY A 30 -3.65 13.95 6.23
CA GLY A 30 -3.11 15.30 6.21
C GLY A 30 -3.07 15.88 4.80
N ALA A 31 -3.12 15.00 3.81
CA ALA A 31 -3.08 15.43 2.42
C ALA A 31 -4.40 16.09 2.01
N GLU A 32 -4.30 17.32 1.51
CA GLU A 32 -5.49 18.07 1.09
C GLU A 32 -6.05 17.51 -0.21
N ASP A 33 -5.17 16.89 -1.01
CA ASP A 33 -5.58 16.31 -2.28
C ASP A 33 -6.13 14.90 -2.09
N GLY A 34 -5.67 14.23 -1.04
CA GLY A 34 -6.12 12.89 -0.76
C GLY A 34 -5.33 11.84 -1.50
N CYS A 35 -4.01 12.00 -1.52
CA CYS A 35 -3.12 11.07 -2.21
C CYS A 35 -1.94 10.70 -1.33
N ILE A 36 -1.04 9.88 -1.87
CA ILE A 36 0.14 9.46 -1.14
C ILE A 36 1.40 10.16 -1.65
N SER A 37 2.34 10.38 -0.76
CA SER A 37 3.59 11.06 -1.11
C SER A 37 4.80 10.21 -0.71
N THR A 38 5.79 10.16 -1.59
CA THR A 38 7.00 9.40 -1.34
C THR A 38 7.60 9.75 0.02
N LYS A 39 7.47 11.02 0.41
CA LYS A 39 7.99 11.49 1.69
C LYS A 39 7.15 10.98 2.85
N GLU A 40 5.85 10.84 2.61
CA GLU A 40 4.92 10.37 3.63
C GLU A 40 5.04 8.85 3.80
N LEU A 41 4.90 8.13 2.69
CA LEU A 41 4.99 6.68 2.71
C LEU A 41 6.30 6.21 3.32
N GLY A 42 7.40 6.82 2.87
CA GLY A 42 8.71 6.47 3.38
C GLY A 42 8.80 6.59 4.89
N LYS A 43 8.25 7.67 5.43
CA LYS A 43 8.26 7.90 6.86
C LYS A 43 7.73 6.70 7.62
N VAL A 44 6.78 5.99 7.00
CA VAL A 44 6.18 4.81 7.62
C VAL A 44 7.13 3.61 7.55
N MET A 45 7.93 3.56 6.49
CA MET A 45 8.88 2.47 6.31
C MET A 45 10.03 2.59 7.30
N ARG A 46 10.33 3.81 7.71
CA ARG A 46 11.42 4.05 8.66
C ARG A 46 11.04 3.54 10.05
N MET A 47 9.80 3.80 10.46
CA MET A 47 9.32 3.36 11.76
C MET A 47 9.04 1.86 11.77
N LEU A 48 8.91 1.28 10.58
CA LEU A 48 8.63 -0.14 10.45
C LEU A 48 9.88 -0.97 10.76
N GLY A 49 11.04 -0.37 10.53
CA GLY A 49 12.30 -1.05 10.80
C GLY A 49 13.17 -1.16 9.57
N GLN A 50 12.85 -0.38 8.55
CA GLN A 50 13.61 -0.37 7.30
C GLN A 50 14.02 1.04 6.91
N ASN A 51 14.53 1.18 5.69
CA ASN A 51 14.96 2.48 5.20
C ASN A 51 15.04 2.48 3.67
N PRO A 52 13.87 2.42 3.02
CA PRO A 52 13.78 2.41 1.55
C PRO A 52 14.16 3.75 0.93
N THR A 53 15.06 3.71 -0.05
CA THR A 53 15.50 4.93 -0.71
C THR A 53 14.32 5.79 -1.15
N PRO A 54 14.52 7.12 -1.13
CA PRO A 54 13.47 8.08 -1.51
C PRO A 54 13.19 8.05 -3.01
N GLU A 55 14.16 7.60 -3.79
CA GLU A 55 14.02 7.52 -5.24
C GLU A 55 13.13 6.34 -5.63
N GLU A 56 13.27 5.24 -4.90
CA GLU A 56 12.48 4.04 -5.17
C GLU A 56 10.99 4.33 -5.06
N LEU A 57 10.58 4.89 -3.92
CA LEU A 57 9.18 5.21 -3.69
C LEU A 57 8.63 6.06 -4.83
N GLN A 58 9.33 7.14 -5.15
CA GLN A 58 8.91 8.04 -6.23
C GLN A 58 8.64 7.26 -7.52
N GLU A 59 9.42 6.21 -7.73
CA GLU A 59 9.27 5.38 -8.92
C GLU A 59 8.10 4.41 -8.78
N MET A 60 7.94 3.86 -7.57
CA MET A 60 6.86 2.93 -7.30
C MET A 60 5.50 3.59 -7.50
N ILE A 61 5.39 4.84 -7.05
CA ILE A 61 4.15 5.59 -7.18
C ILE A 61 3.67 5.61 -8.63
N ASP A 62 4.59 5.91 -9.55
CA ASP A 62 4.26 5.97 -10.97
C ASP A 62 4.05 4.56 -11.53
N GLU A 63 4.83 3.62 -11.04
CA GLU A 63 4.74 2.23 -11.51
C GLU A 63 3.41 1.62 -11.09
N VAL A 64 2.85 2.12 -10.00
CA VAL A 64 1.57 1.62 -9.49
C VAL A 64 0.40 2.38 -10.11
N ASP A 65 0.66 3.62 -10.51
CA ASP A 65 -0.37 4.46 -11.13
C ASP A 65 -1.06 3.72 -12.27
N GLU A 66 -2.39 3.70 -12.24
CA GLU A 66 -3.17 3.03 -13.27
C GLU A 66 -3.34 3.93 -14.49
N ASP A 67 -3.59 5.22 -14.25
CA ASP A 67 -3.77 6.18 -15.33
C ASP A 67 -2.57 7.12 -15.42
N GLY A 68 -1.69 7.03 -14.43
CA GLY A 68 -0.50 7.88 -14.42
C GLY A 68 -0.78 9.26 -13.88
N SER A 69 -1.77 9.35 -12.99
CA SER A 69 -2.15 10.62 -12.38
C SER A 69 -1.07 11.10 -11.40
N GLY A 70 -0.17 10.19 -11.03
CA GLY A 70 0.89 10.53 -10.11
C GLY A 70 0.49 10.34 -8.66
N THR A 71 -0.77 9.96 -8.44
CA THR A 71 -1.28 9.74 -7.10
C THR A 71 -1.80 8.32 -6.93
N VAL A 72 -1.79 7.83 -5.69
CA VAL A 72 -2.26 6.49 -5.40
C VAL A 72 -3.72 6.50 -4.98
N ASP A 73 -4.56 5.84 -5.77
CA ASP A 73 -5.99 5.77 -5.48
C ASP A 73 -6.30 4.64 -4.50
N PHE A 74 -7.53 4.59 -4.03
CA PHE A 74 -7.95 3.55 -3.09
C PHE A 74 -7.76 2.17 -3.69
N ASP A 75 -7.75 2.09 -5.02
CA ASP A 75 -7.58 0.83 -5.72
C ASP A 75 -6.11 0.56 -6.00
N GLU A 76 -5.39 1.59 -6.42
CA GLU A 76 -3.96 1.47 -6.72
C GLU A 76 -3.18 1.06 -5.48
N TRP A 77 -3.73 1.37 -4.31
CA TRP A 77 -3.08 1.04 -3.05
C TRP A 77 -2.90 -0.47 -2.91
N LEU A 78 -4.01 -1.20 -2.93
CA LEU A 78 -3.97 -2.65 -2.81
C LEU A 78 -3.13 -3.27 -3.92
N VAL A 79 -3.02 -2.56 -5.04
CA VAL A 79 -2.23 -3.04 -6.17
C VAL A 79 -0.74 -3.05 -5.84
N MET A 80 -0.30 -2.05 -5.09
CA MET A 80 1.10 -1.95 -4.71
C MET A 80 1.50 -3.10 -3.79
N MET A 81 0.59 -3.50 -2.92
CA MET A 81 0.85 -4.59 -1.99
C MET A 81 1.18 -5.88 -2.74
N VAL A 82 0.29 -6.28 -3.64
CA VAL A 82 0.49 -7.49 -4.42
C VAL A 82 1.69 -7.35 -5.36
N ARG A 83 1.87 -6.16 -5.91
CA ARG A 83 2.97 -5.89 -6.82
C ARG A 83 4.30 -6.25 -6.17
N CYS A 84 4.45 -5.91 -4.89
CA CYS A 84 5.68 -6.19 -4.16
C CYS A 84 5.86 -7.70 -3.97
N MET A 85 4.73 -8.41 -3.82
CA MET A 85 4.77 -9.86 -3.63
C MET A 85 5.00 -10.58 -4.95
N LYS A 86 4.73 -9.89 -6.05
CA LYS A 86 4.91 -10.46 -7.38
C LYS A 86 5.98 -9.71 -8.16
N ASP A 87 7.03 -9.32 -7.46
CA ASP A 87 8.13 -8.59 -8.08
C ASP A 87 9.15 -9.55 -8.69
N ASP A 88 9.92 -9.07 -9.66
CA ASP A 88 10.92 -9.89 -10.33
C ASP A 88 12.26 -9.81 -9.59
N SER A 89 12.73 -8.58 -9.36
CA SER A 89 14.00 -8.37 -8.67
C SER A 89 13.78 -8.23 -7.18
N ARG B 1 0.25 -16.31 -6.75
CA ARG B 1 -0.51 -16.81 -5.61
C ARG B 1 0.26 -17.89 -4.86
N ARG B 2 1.59 -17.82 -4.94
CA ARG B 2 2.45 -18.80 -4.27
C ARG B 2 3.00 -18.22 -2.97
N VAL B 3 3.79 -17.16 -3.08
CA VAL B 3 4.38 -16.52 -1.91
C VAL B 3 3.68 -15.20 -1.59
N ARG B 4 4.08 -14.58 -0.49
CA ARG B 4 3.50 -13.31 -0.07
C ARG B 4 4.27 -12.72 1.10
N ILE B 5 4.82 -11.52 0.90
CA ILE B 5 5.58 -10.85 1.94
C ILE B 5 4.71 -10.56 3.16
N SER B 6 5.35 -10.43 4.31
CA SER B 6 4.64 -10.16 5.56
C SER B 6 3.74 -8.92 5.40
N ALA B 7 2.53 -9.01 5.93
CA ALA B 7 1.58 -7.91 5.86
C ALA B 7 1.19 -7.44 7.26
N ASP B 8 1.16 -8.36 8.21
CA ASP B 8 0.80 -8.03 9.59
C ASP B 8 1.77 -6.99 10.17
N ALA B 9 3.04 -7.14 9.84
CA ALA B 9 4.06 -6.22 10.33
C ALA B 9 3.70 -4.77 10.01
N MET B 10 3.03 -4.57 8.87
CA MET B 10 2.63 -3.24 8.44
C MET B 10 1.40 -2.77 9.22
N MET B 11 0.60 -3.73 9.70
CA MET B 11 -0.60 -3.40 10.46
C MET B 11 -0.26 -2.55 11.68
N GLN B 12 0.98 -2.66 12.15
CA GLN B 12 1.41 -1.89 13.31
C GLN B 12 1.28 -0.39 13.06
N ALA B 13 1.29 -0.02 11.79
CA ALA B 13 1.17 1.39 11.41
C ALA B 13 -0.27 1.88 11.57
N LEU B 14 -1.22 0.97 11.35
CA LEU B 14 -2.64 1.32 11.47
C LEU B 14 -3.22 0.74 12.75
N LEU B 15 -2.39 0.63 13.78
CA LEU B 15 -2.83 0.10 15.07
C LEU B 15 -1.72 0.23 16.12
N GLY B 16 -2.10 0.72 17.29
CA GLY B 16 -1.13 0.89 18.37
C GLY B 16 -1.49 2.01 19.31
N ALA B 17 -2.06 3.08 18.77
CA ALA B 17 -2.46 4.23 19.56
C ALA B 17 -3.92 4.13 19.98
N ARG B 18 -4.81 4.13 19.00
CA ARG B 18 -6.24 4.04 19.26
C ARG B 18 -6.72 2.59 19.19
N ALA B 19 -6.18 1.74 20.06
CA ALA B 19 -6.56 0.34 20.09
C ALA B 19 -7.98 0.16 20.60
N LYS B 20 -8.86 -0.33 19.72
CA LYS B 20 -10.25 -0.56 20.08
C LYS B 20 -10.76 -1.87 19.50
N MET A 1 -4.98 -6.42 -18.00
CA MET A 1 -5.06 -7.82 -17.62
C MET A 1 -4.26 -8.10 -16.34
N ASP A 2 -4.86 -7.79 -15.20
CA ASP A 2 -4.21 -8.00 -13.92
C ASP A 2 -5.08 -8.85 -12.99
N ASP A 3 -4.96 -10.16 -13.11
CA ASP A 3 -5.73 -11.08 -12.28
C ASP A 3 -5.08 -11.25 -10.91
N ILE A 4 -3.76 -11.23 -10.88
CA ILE A 4 -3.02 -11.39 -9.64
C ILE A 4 -3.54 -10.44 -8.56
N TYR A 5 -3.98 -9.26 -8.98
CA TYR A 5 -4.51 -8.27 -8.06
C TYR A 5 -5.96 -8.56 -7.72
N LYS A 6 -6.79 -8.69 -8.75
CA LYS A 6 -8.21 -8.98 -8.56
C LYS A 6 -8.40 -10.17 -7.63
N ALA A 7 -7.49 -11.14 -7.71
CA ALA A 7 -7.56 -12.32 -6.88
C ALA A 7 -7.12 -12.04 -5.44
N ALA A 8 -6.05 -11.26 -5.30
CA ALA A 8 -5.53 -10.89 -3.99
C ALA A 8 -6.52 -10.03 -3.23
N VAL A 9 -7.30 -9.24 -3.96
CA VAL A 9 -8.29 -8.37 -3.35
C VAL A 9 -9.51 -9.16 -2.89
N GLU A 10 -9.85 -10.21 -3.63
CA GLU A 10 -11.00 -11.04 -3.30
C GLU A 10 -10.71 -11.90 -2.07
N GLN A 11 -9.49 -12.44 -2.00
CA GLN A 11 -9.08 -13.27 -0.88
C GLN A 11 -9.22 -12.52 0.43
N LEU A 12 -9.25 -11.19 0.35
CA LEU A 12 -9.38 -10.35 1.54
C LEU A 12 -10.76 -10.50 2.17
N THR A 13 -10.96 -9.84 3.31
CA THR A 13 -12.24 -9.90 4.01
C THR A 13 -12.91 -8.53 4.02
N GLU A 14 -14.16 -8.50 4.47
CA GLU A 14 -14.92 -7.26 4.54
C GLU A 14 -14.20 -6.24 5.42
N GLU A 15 -13.47 -6.73 6.41
CA GLU A 15 -12.74 -5.86 7.33
C GLU A 15 -11.49 -5.29 6.65
N GLN A 16 -10.86 -6.09 5.81
CA GLN A 16 -9.66 -5.67 5.10
C GLN A 16 -9.91 -4.38 4.33
N LYS A 17 -10.91 -4.41 3.45
CA LYS A 17 -11.24 -3.24 2.65
C LYS A 17 -11.73 -2.09 3.53
N ASN A 18 -12.37 -2.43 4.64
CA ASN A 18 -12.87 -1.42 5.57
C ASN A 18 -11.73 -0.71 6.26
N GLU A 19 -10.67 -1.45 6.59
CA GLU A 19 -9.51 -0.89 7.27
C GLU A 19 -8.65 -0.10 6.29
N PHE A 20 -8.64 -0.55 5.03
CA PHE A 20 -7.85 0.11 3.99
C PHE A 20 -8.28 1.57 3.83
N LYS A 21 -9.51 1.87 4.20
CA LYS A 21 -10.04 3.21 4.10
C LYS A 21 -9.43 4.13 5.16
N ALA A 22 -8.96 3.52 6.25
CA ALA A 22 -8.35 4.28 7.33
C ALA A 22 -6.92 4.69 6.98
N ALA A 23 -6.14 3.75 6.47
CA ALA A 23 -4.76 4.03 6.08
C ALA A 23 -4.69 5.22 5.13
N PHE A 24 -5.60 5.26 4.17
CA PHE A 24 -5.63 6.35 3.20
C PHE A 24 -5.90 7.68 3.88
N ASP A 25 -6.83 7.68 4.84
CA ASP A 25 -7.17 8.89 5.57
C ASP A 25 -6.04 9.31 6.50
N ILE A 26 -5.35 8.32 7.06
CA ILE A 26 -4.24 8.58 7.98
C ILE A 26 -3.03 9.15 7.22
N PHE A 27 -2.75 8.58 6.06
CA PHE A 27 -1.63 9.02 5.25
C PHE A 27 -1.86 10.43 4.71
N VAL A 28 -3.12 10.75 4.45
CA VAL A 28 -3.49 12.07 3.94
C VAL A 28 -3.93 12.99 5.07
N LEU A 29 -3.42 12.74 6.27
CA LEU A 29 -3.75 13.55 7.43
C LEU A 29 -3.36 15.01 7.20
N GLY A 30 -2.24 15.22 6.52
CA GLY A 30 -1.78 16.57 6.24
C GLY A 30 -1.87 16.91 4.77
N ALA A 31 -1.94 15.90 3.92
CA ALA A 31 -2.02 16.10 2.48
C ALA A 31 -3.14 17.07 2.12
N GLU A 32 -2.86 17.98 1.20
CA GLU A 32 -3.86 18.96 0.78
C GLU A 32 -4.70 18.43 -0.38
N ASP A 33 -4.12 17.50 -1.13
CA ASP A 33 -4.82 16.90 -2.27
C ASP A 33 -5.59 15.65 -1.85
N GLY A 34 -5.04 14.94 -0.87
CA GLY A 34 -5.69 13.73 -0.39
C GLY A 34 -5.16 12.48 -1.07
N CYS A 35 -3.85 12.27 -0.99
CA CYS A 35 -3.24 11.11 -1.61
C CYS A 35 -1.85 10.85 -1.03
N ILE A 36 -1.35 9.63 -1.19
CA ILE A 36 -0.04 9.26 -0.68
C ILE A 36 1.06 9.66 -1.65
N SER A 37 2.12 10.26 -1.13
CA SER A 37 3.24 10.69 -1.97
C SER A 37 4.50 9.86 -1.65
N THR A 38 5.42 9.83 -2.61
CA THR A 38 6.66 9.08 -2.44
C THR A 38 7.40 9.51 -1.18
N LYS A 39 7.16 10.74 -0.76
CA LYS A 39 7.81 11.29 0.44
C LYS A 39 7.18 10.69 1.70
N GLU A 40 5.86 10.55 1.69
CA GLU A 40 5.15 9.99 2.84
C GLU A 40 5.28 8.48 2.87
N LEU A 41 5.26 7.86 1.70
CA LEU A 41 5.38 6.40 1.60
C LEU A 41 6.66 5.92 2.29
N GLY A 42 7.76 6.60 2.04
CA GLY A 42 9.02 6.23 2.63
C GLY A 42 9.09 6.57 4.11
N LYS A 43 8.29 7.55 4.52
CA LYS A 43 8.26 7.97 5.92
C LYS A 43 7.67 6.87 6.81
N VAL A 44 6.74 6.10 6.25
CA VAL A 44 6.11 5.02 6.99
C VAL A 44 7.04 3.82 7.11
N MET A 45 7.88 3.62 6.11
CA MET A 45 8.83 2.51 6.10
C MET A 45 9.92 2.72 7.15
N ARG A 46 10.22 3.98 7.43
CA ARG A 46 11.25 4.32 8.41
C ARG A 46 10.82 3.90 9.82
N MET A 47 9.51 3.91 10.06
CA MET A 47 8.98 3.54 11.37
C MET A 47 8.87 2.02 11.49
N LEU A 48 8.87 1.34 10.35
CA LEU A 48 8.77 -0.13 10.34
C LEU A 48 10.11 -0.76 10.69
N GLY A 49 11.19 -0.01 10.50
CA GLY A 49 12.52 -0.51 10.81
C GLY A 49 13.41 -0.58 9.58
N GLN A 50 12.92 -0.05 8.47
CA GLN A 50 13.68 -0.07 7.22
C GLN A 50 14.00 1.36 6.77
N ASN A 51 14.50 1.49 5.55
CA ASN A 51 14.86 2.79 5.00
C ASN A 51 15.00 2.73 3.49
N PRO A 52 13.87 2.48 2.80
CA PRO A 52 13.84 2.38 1.33
C PRO A 52 14.07 3.74 0.66
N THR A 53 15.07 3.80 -0.21
CA THR A 53 15.40 5.03 -0.92
C THR A 53 14.15 5.66 -1.52
N PRO A 54 14.15 6.99 -1.60
CA PRO A 54 13.02 7.76 -2.16
C PRO A 54 12.87 7.56 -3.66
N GLU A 55 13.94 7.07 -4.30
CA GLU A 55 13.93 6.84 -5.74
C GLU A 55 13.15 5.57 -6.07
N GLU A 56 13.12 4.63 -5.14
CA GLU A 56 12.42 3.37 -5.34
C GLU A 56 10.91 3.57 -5.23
N LEU A 57 10.51 4.51 -4.39
CA LEU A 57 9.10 4.80 -4.18
C LEU A 57 8.51 5.53 -5.38
N GLN A 58 9.17 6.61 -5.80
CA GLN A 58 8.71 7.40 -6.93
C GLN A 58 8.48 6.51 -8.15
N GLU A 59 9.32 5.48 -8.29
CA GLU A 59 9.21 4.57 -9.42
C GLU A 59 8.09 3.55 -9.19
N MET A 60 7.82 3.26 -7.92
CA MET A 60 6.78 2.30 -7.56
C MET A 60 5.40 2.89 -7.86
N ILE A 61 5.19 4.14 -7.45
CA ILE A 61 3.91 4.80 -7.67
C ILE A 61 3.59 4.90 -9.16
N ASP A 62 4.60 5.22 -9.95
CA ASP A 62 4.43 5.35 -11.40
C ASP A 62 4.22 3.98 -12.04
N GLU A 63 4.89 2.96 -11.49
CA GLU A 63 4.78 1.60 -12.02
C GLU A 63 3.44 0.99 -11.64
N VAL A 64 2.86 1.47 -10.55
CA VAL A 64 1.58 0.96 -10.07
C VAL A 64 0.43 1.80 -10.62
N ASP A 65 0.72 3.04 -10.97
CA ASP A 65 -0.29 3.95 -11.51
C ASP A 65 -1.04 3.30 -12.68
N GLU A 66 -2.36 3.35 -12.63
CA GLU A 66 -3.19 2.76 -13.67
C GLU A 66 -3.32 3.71 -14.86
N ASP A 67 -3.52 4.99 -14.57
CA ASP A 67 -3.67 6.00 -15.61
C ASP A 67 -2.40 6.86 -15.71
N GLY A 68 -1.50 6.69 -14.75
CA GLY A 68 -0.27 7.44 -14.74
C GLY A 68 -0.44 8.83 -14.16
N SER A 69 -1.39 8.96 -13.23
CA SER A 69 -1.66 10.25 -12.60
C SER A 69 -0.52 10.65 -11.67
N GLY A 70 0.34 9.69 -11.35
CA GLY A 70 1.46 9.96 -10.47
C GLY A 70 1.10 9.87 -9.00
N THR A 71 -0.02 9.21 -8.72
CA THR A 71 -0.49 9.05 -7.35
C THR A 71 -1.21 7.73 -7.15
N VAL A 72 -1.09 7.15 -5.96
CA VAL A 72 -1.73 5.88 -5.65
C VAL A 72 -3.13 6.10 -5.09
N ASP A 73 -4.14 5.69 -5.86
CA ASP A 73 -5.52 5.84 -5.45
C ASP A 73 -5.91 4.75 -4.45
N PHE A 74 -7.16 4.78 -4.01
CA PHE A 74 -7.65 3.79 -3.05
C PHE A 74 -7.51 2.38 -3.60
N ASP A 75 -7.54 2.26 -4.92
CA ASP A 75 -7.43 0.96 -5.57
C ASP A 75 -5.96 0.60 -5.79
N GLU A 76 -5.20 1.52 -6.38
CA GLU A 76 -3.78 1.30 -6.63
C GLU A 76 -3.05 0.94 -5.34
N TRP A 77 -3.58 1.41 -4.21
CA TRP A 77 -2.96 1.14 -2.92
C TRP A 77 -2.76 -0.36 -2.71
N LEU A 78 -3.81 -1.14 -2.99
CA LEU A 78 -3.74 -2.59 -2.85
C LEU A 78 -3.00 -3.23 -4.01
N VAL A 79 -2.93 -2.51 -5.13
CA VAL A 79 -2.25 -3.00 -6.31
C VAL A 79 -0.75 -3.06 -6.11
N MET A 80 -0.18 -1.97 -5.60
CA MET A 80 1.25 -1.90 -5.35
C MET A 80 1.69 -3.01 -4.41
N MET A 81 0.78 -3.45 -3.54
CA MET A 81 1.08 -4.52 -2.58
C MET A 81 1.22 -5.86 -3.30
N VAL A 82 0.19 -6.23 -4.05
CA VAL A 82 0.21 -7.49 -4.79
C VAL A 82 1.26 -7.48 -5.89
N ARG A 83 1.48 -6.31 -6.48
CA ARG A 83 2.46 -6.16 -7.55
C ARG A 83 3.81 -6.73 -7.12
N CYS A 84 4.17 -6.51 -5.85
CA CYS A 84 5.44 -7.00 -5.33
C CYS A 84 5.32 -8.45 -4.90
N MET A 85 4.23 -8.78 -4.21
CA MET A 85 4.01 -10.15 -3.74
C MET A 85 4.00 -11.12 -4.91
N LYS A 86 3.07 -10.92 -5.84
CA LYS A 86 2.95 -11.79 -7.01
C LYS A 86 3.36 -11.04 -8.28
N ASP A 87 4.58 -10.51 -8.28
CA ASP A 87 5.08 -9.78 -9.43
C ASP A 87 5.03 -10.64 -10.69
N ASP A 88 4.41 -10.11 -11.73
CA ASP A 88 4.29 -10.83 -12.99
C ASP A 88 5.67 -11.25 -13.52
N SER A 89 6.64 -10.36 -13.38
CA SER A 89 8.00 -10.62 -13.84
C SER A 89 8.91 -10.97 -12.67
N ARG B 1 6.79 -22.51 3.97
CA ARG B 1 6.61 -21.37 4.88
C ARG B 1 6.48 -20.07 4.09
N ARG B 2 5.33 -19.42 4.21
CA ARG B 2 5.08 -18.16 3.51
C ARG B 2 6.07 -17.09 3.97
N VAL B 3 6.88 -16.60 3.03
CA VAL B 3 7.86 -15.56 3.34
C VAL B 3 7.56 -14.28 2.57
N ARG B 4 6.29 -14.09 2.21
CA ARG B 4 5.88 -12.91 1.47
C ARG B 4 5.34 -11.84 2.42
N ILE B 5 5.17 -10.62 1.90
CA ILE B 5 4.65 -9.52 2.69
C ILE B 5 3.15 -9.34 2.49
N SER B 6 2.49 -8.80 3.49
CA SER B 6 1.04 -8.57 3.42
C SER B 6 0.69 -7.13 3.74
N ALA B 7 -0.24 -6.56 2.98
CA ALA B 7 -0.66 -5.18 3.18
C ALA B 7 -1.21 -4.97 4.59
N ASP B 8 -1.65 -6.06 5.21
CA ASP B 8 -2.20 -6.00 6.55
C ASP B 8 -1.21 -5.36 7.52
N ALA B 9 0.08 -5.46 7.20
CA ALA B 9 1.12 -4.89 8.03
C ALA B 9 0.89 -3.40 8.27
N MET B 10 0.18 -2.77 7.34
CA MET B 10 -0.11 -1.34 7.45
C MET B 10 -1.16 -1.08 8.52
N MET B 11 -2.00 -2.08 8.79
CA MET B 11 -3.04 -1.96 9.81
C MET B 11 -2.43 -1.69 11.18
N GLN B 12 -1.15 -2.02 11.33
CA GLN B 12 -0.46 -1.81 12.60
C GLN B 12 0.09 -0.40 12.69
N ALA B 13 -0.07 0.37 11.62
CA ALA B 13 0.41 1.75 11.59
C ALA B 13 -0.57 2.69 12.27
N LEU B 14 -1.78 2.19 12.52
CA LEU B 14 -2.82 2.98 13.18
C LEU B 14 -3.13 2.43 14.57
N LEU B 15 -3.89 1.32 14.59
CA LEU B 15 -4.26 0.70 15.85
C LEU B 15 -3.85 -0.77 15.85
N GLY B 16 -3.92 -1.41 14.69
CA GLY B 16 -3.55 -2.81 14.59
C GLY B 16 -4.75 -3.71 14.29
N ALA B 17 -5.35 -3.51 13.13
CA ALA B 17 -6.50 -4.30 12.73
C ALA B 17 -6.09 -5.50 11.88
N ARG B 18 -4.83 -5.91 12.03
CA ARG B 18 -4.29 -7.04 11.28
C ARG B 18 -4.23 -8.29 12.15
N ALA B 19 -5.10 -8.34 13.16
CA ALA B 19 -5.14 -9.49 14.07
C ALA B 19 -5.36 -10.79 13.31
N LYS B 20 -6.15 -10.72 12.25
CA LYS B 20 -6.45 -11.90 11.44
C LYS B 20 -5.73 -11.81 10.09
#